data_3B31
# 
_entry.id   3B31 
# 
_audit_conform.dict_name       mmcif_pdbx.dic 
_audit_conform.dict_version    5.387 
_audit_conform.dict_location   http://mmcif.pdb.org/dictionaries/ascii/mmcif_pdbx.dic 
# 
loop_
_database_2.database_id 
_database_2.database_code 
_database_2.pdbx_database_accession 
_database_2.pdbx_DOI 
PDB   3B31         pdb_00003b31 10.2210/pdb3b31/pdb 
NDB   UR0129       ?            ?                   
RCSB  RCSB045015   ?            ?                   
WWPDB D_1000045015 ?            ?                   
# 
loop_
_pdbx_audit_revision_history.ordinal 
_pdbx_audit_revision_history.data_content_type 
_pdbx_audit_revision_history.major_revision 
_pdbx_audit_revision_history.minor_revision 
_pdbx_audit_revision_history.revision_date 
1 'Structure model' 1 0 2007-12-25 
2 'Structure model' 1 1 2011-07-13 
3 'Structure model' 1 2 2017-10-25 
4 'Structure model' 1 3 2024-02-21 
# 
_pdbx_audit_revision_details.ordinal             1 
_pdbx_audit_revision_details.revision_ordinal    1 
_pdbx_audit_revision_details.data_content_type   'Structure model' 
_pdbx_audit_revision_details.provider            repository 
_pdbx_audit_revision_details.type                'Initial release' 
_pdbx_audit_revision_details.description         ? 
_pdbx_audit_revision_details.details             ? 
# 
loop_
_pdbx_audit_revision_group.ordinal 
_pdbx_audit_revision_group.revision_ordinal 
_pdbx_audit_revision_group.data_content_type 
_pdbx_audit_revision_group.group 
1 2 'Structure model' 'Version format compliance' 
2 3 'Structure model' 'Refinement description'    
3 4 'Structure model' 'Data collection'           
4 4 'Structure model' 'Database references'       
5 4 'Structure model' 'Derived calculations'      
# 
loop_
_pdbx_audit_revision_category.ordinal 
_pdbx_audit_revision_category.revision_ordinal 
_pdbx_audit_revision_category.data_content_type 
_pdbx_audit_revision_category.category 
1 3 'Structure model' software       
2 4 'Structure model' chem_comp_atom 
3 4 'Structure model' chem_comp_bond 
4 4 'Structure model' database_2     
5 4 'Structure model' struct_conn    
6 4 'Structure model' struct_ref_seq 
7 4 'Structure model' struct_site    
# 
loop_
_pdbx_audit_revision_item.ordinal 
_pdbx_audit_revision_item.revision_ordinal 
_pdbx_audit_revision_item.data_content_type 
_pdbx_audit_revision_item.item 
1 4 'Structure model' '_database_2.pdbx_DOI'                
2 4 'Structure model' '_database_2.pdbx_database_accession' 
3 4 'Structure model' '_struct_conn.pdbx_leaving_atom_flag' 
4 4 'Structure model' '_struct_ref_seq.db_align_beg'        
5 4 'Structure model' '_struct_ref_seq.db_align_end'        
6 4 'Structure model' '_struct_site.pdbx_auth_asym_id'      
7 4 'Structure model' '_struct_site.pdbx_auth_comp_id'      
8 4 'Structure model' '_struct_site.pdbx_auth_seq_id'       
# 
_pdbx_database_status.status_code                     REL 
_pdbx_database_status.entry_id                        3B31 
_pdbx_database_status.recvd_initial_deposition_date   2007-10-19 
_pdbx_database_status.deposit_site                    RCSB 
_pdbx_database_status.process_site                    RCSB 
_pdbx_database_status.status_code_sf                  REL 
_pdbx_database_status.status_code_mr                  ? 
_pdbx_database_status.SG_entry                        ? 
_pdbx_database_status.pdb_format_compatible           Y 
_pdbx_database_status.status_code_cs                  ? 
_pdbx_database_status.methods_development_category    ? 
_pdbx_database_status.status_code_nmr_data            ? 
# 
loop_
_audit_author.name 
_audit_author.pdbx_ordinal 
'Kieft, J.S.'      1 
'Costantino, D.A.' 2 
'Pfingsten, J.S.'  3 
'Rambo, R.P.'      4 
# 
_citation.id                        primary 
_citation.title                     'tRNA-mRNA mimicry drives translation initiation from a viral IRES.' 
_citation.journal_abbrev            Nat.Struct.Mol.Biol. 
_citation.journal_volume            15 
_citation.page_first                57 
_citation.page_last                 64 
_citation.year                      2008 
_citation.journal_id_ASTM           ? 
_citation.country                   US 
_citation.journal_id_ISSN           1545-9993 
_citation.journal_id_CSD            ? 
_citation.book_publisher            ? 
_citation.pdbx_database_id_PubMed   18157151 
_citation.pdbx_database_id_DOI      10.1038/nsmb1351 
# 
loop_
_citation_author.citation_id 
_citation_author.name 
_citation_author.ordinal 
_citation_author.identifier_ORCID 
primary 'Costantino, D.A.' 1 ? 
primary 'Pfingsten, J.S.'  2 ? 
primary 'Rambo, R.P.'      3 ? 
primary 'Kieft, J.S.'      4 ? 
# 
loop_
_entity.id 
_entity.type 
_entity.src_method 
_entity.pdbx_description 
_entity.formula_weight 
_entity.pdbx_number_of_molecules 
_entity.pdbx_ec 
_entity.pdbx_mutation 
_entity.pdbx_fragment 
_entity.details 
1 polymer     syn 'RNA (29-MER)'                                              9326.556 1   ? 'U6178A, A6198U, A6199G' 
'residues 6174-6202' 'CrPV IGR IRES RNA' 
2 polymer     syn 
;RNA (5'-R(P*UP*AP*AP*GP*AP*AP*AP*UP*UP*UP*AP*CP*CP*U)-3')
;
4416.675 1   ? ?                        'residues 6203-6216' 'CrPV IGR IRES RNA' 
3 non-polymer syn 'IRIDIUM HEXAMMINE ION'                                     294.400  3   ? ?                        ? ? 
4 non-polymer syn 'PHOSPHATE ION'                                             94.971   1   ? ?                        ? ? 
5 water       nat water                                                       18.015   146 ? ?                        ? ? 
# 
loop_
_entity_poly.entity_id 
_entity_poly.type 
_entity_poly.nstd_linkage 
_entity_poly.nstd_monomer 
_entity_poly.pdbx_seq_one_letter_code 
_entity_poly.pdbx_seq_one_letter_code_can 
_entity_poly.pdbx_strand_id 
_entity_poly.pdbx_target_identifier 
1 polyribonucleotide no no GGUUAUUCAGAUUAGGUAGUCGAAUGACC GGUUAUUCAGAUUAGGUAGUCGAAUGACC A ? 
2 polyribonucleotide no no UAAGAAAUUUACCU                UAAGAAAUUUACCU                B ? 
# 
loop_
_pdbx_entity_nonpoly.entity_id 
_pdbx_entity_nonpoly.name 
_pdbx_entity_nonpoly.comp_id 
3 'IRIDIUM HEXAMMINE ION' IRI 
4 'PHOSPHATE ION'         PO4 
5 water                   HOH 
# 
loop_
_entity_poly_seq.entity_id 
_entity_poly_seq.num 
_entity_poly_seq.mon_id 
_entity_poly_seq.hetero 
1 1  G n 
1 2  G n 
1 3  U n 
1 4  U n 
1 5  A n 
1 6  U n 
1 7  U n 
1 8  C n 
1 9  A n 
1 10 G n 
1 11 A n 
1 12 U n 
1 13 U n 
1 14 A n 
1 15 G n 
1 16 G n 
1 17 U n 
1 18 A n 
1 19 G n 
1 20 U n 
1 21 C n 
1 22 G n 
1 23 A n 
1 24 A n 
1 25 U n 
1 26 G n 
1 27 A n 
1 28 C n 
1 29 C n 
2 1  U n 
2 2  A n 
2 3  A n 
2 4  G n 
2 5  A n 
2 6  A n 
2 7  A n 
2 8  U n 
2 9  U n 
2 10 U n 
2 11 A n 
2 12 C n 
2 13 C n 
2 14 U n 
# 
_pdbx_entity_src_syn.entity_id              1 
_pdbx_entity_src_syn.pdbx_src_id            1 
_pdbx_entity_src_syn.pdbx_alt_source_flag   sample 
_pdbx_entity_src_syn.pdbx_beg_seq_num       ? 
_pdbx_entity_src_syn.pdbx_end_seq_num       ? 
_pdbx_entity_src_syn.organism_scientific    ? 
_pdbx_entity_src_syn.organism_common_name   ? 
_pdbx_entity_src_syn.ncbi_taxonomy_id       ? 
_pdbx_entity_src_syn.details                'RNA made by in vitro transcription. This naturally occurs in Cricket Paralysis Virus' 
# 
loop_
_chem_comp.id 
_chem_comp.type 
_chem_comp.mon_nstd_flag 
_chem_comp.name 
_chem_comp.pdbx_synonyms 
_chem_comp.formula 
_chem_comp.formula_weight 
A   'RNA linking' y "ADENOSINE-5'-MONOPHOSPHATE" ? 'C10 H14 N5 O7 P' 347.221 
C   'RNA linking' y "CYTIDINE-5'-MONOPHOSPHATE"  ? 'C9 H14 N3 O8 P'  323.197 
G   'RNA linking' y "GUANOSINE-5'-MONOPHOSPHATE" ? 'C10 H14 N5 O8 P' 363.221 
HOH non-polymer   . WATER                        ? 'H2 O'            18.015  
IRI non-polymer   . 'IRIDIUM HEXAMMINE ION'      ? 'H18 Ir N6 3'     294.400 
PO4 non-polymer   . 'PHOSPHATE ION'              ? 'O4 P -3'         94.971  
U   'RNA linking' y "URIDINE-5'-MONOPHOSPHATE"   ? 'C9 H13 N2 O9 P'  324.181 
# 
loop_
_pdbx_poly_seq_scheme.asym_id 
_pdbx_poly_seq_scheme.entity_id 
_pdbx_poly_seq_scheme.seq_id 
_pdbx_poly_seq_scheme.mon_id 
_pdbx_poly_seq_scheme.ndb_seq_num 
_pdbx_poly_seq_scheme.pdb_seq_num 
_pdbx_poly_seq_scheme.auth_seq_num 
_pdbx_poly_seq_scheme.pdb_mon_id 
_pdbx_poly_seq_scheme.auth_mon_id 
_pdbx_poly_seq_scheme.pdb_strand_id 
_pdbx_poly_seq_scheme.pdb_ins_code 
_pdbx_poly_seq_scheme.hetero 
A 1 1  G 1  6174 6174 G G A . n 
A 1 2  G 2  6175 6175 G G A . n 
A 1 3  U 3  6176 6176 U U A . n 
A 1 4  U 4  6177 6177 U U A . n 
A 1 5  A 5  6178 6178 A A A . n 
A 1 6  U 6  6179 6179 U U A . n 
A 1 7  U 7  6180 6180 U U A . n 
A 1 8  C 8  6181 6181 C C A . n 
A 1 9  A 9  6182 6182 A A A . n 
A 1 10 G 10 6183 6183 G G A . n 
A 1 11 A 11 6184 6184 A A A . n 
A 1 12 U 12 6185 6185 U U A . n 
A 1 13 U 13 6186 6186 U U A . n 
A 1 14 A 14 6187 6187 A A A . n 
A 1 15 G 15 6188 6188 G G A . n 
A 1 16 G 16 6189 6189 G G A . n 
A 1 17 U 17 6190 6190 U U A . n 
A 1 18 A 18 6191 6191 A A A . n 
A 1 19 G 19 6192 6192 G G A . n 
A 1 20 U 20 6193 6193 U U A . n 
A 1 21 C 21 6194 6194 C C A . n 
A 1 22 G 22 6195 6195 G G A . n 
A 1 23 A 23 6196 6196 A A A . n 
A 1 24 A 24 6197 6197 A A A . n 
A 1 25 U 25 6198 6198 U U A . n 
A 1 26 G 26 6199 6199 G G A . n 
A 1 27 A 27 6200 6200 A A A . n 
A 1 28 C 28 6201 6201 C C A . n 
A 1 29 C 29 6202 6202 C C A . n 
B 2 1  U 1  6203 6203 U U B . n 
B 2 2  A 2  6204 6204 A A B . n 
B 2 3  A 3  6205 6205 A A B . n 
B 2 4  G 4  6206 6206 G G B . n 
B 2 5  A 5  6207 6207 A A B . n 
B 2 6  A 6  6208 6208 A A B . n 
B 2 7  A 7  6209 6209 A A B . n 
B 2 8  U 8  6210 6210 U U B . n 
B 2 9  U 9  6211 6211 U U B . n 
B 2 10 U 10 6212 6212 U U B . n 
B 2 11 A 11 6213 6213 A A B . n 
B 2 12 C 12 6214 6214 C C B . n 
B 2 13 C 13 6215 6215 C C B . n 
B 2 14 U 14 6216 6216 U U B . n 
# 
loop_
_pdbx_nonpoly_scheme.asym_id 
_pdbx_nonpoly_scheme.entity_id 
_pdbx_nonpoly_scheme.mon_id 
_pdbx_nonpoly_scheme.ndb_seq_num 
_pdbx_nonpoly_scheme.pdb_seq_num 
_pdbx_nonpoly_scheme.auth_seq_num 
_pdbx_nonpoly_scheme.pdb_mon_id 
_pdbx_nonpoly_scheme.auth_mon_id 
_pdbx_nonpoly_scheme.pdb_strand_id 
_pdbx_nonpoly_scheme.pdb_ins_code 
C 3 IRI 1  1    1    IRI IRI A . 
D 3 IRI 1  2    2    IRI IRI A . 
E 3 IRI 1  3    3    IRI IRI A . 
F 4 PO4 1  6217 6217 PO4 PO4 B . 
G 5 HOH 1  6203 1    HOH HOH A . 
G 5 HOH 2  6204 2    HOH HOH A . 
G 5 HOH 3  6205 3    HOH HOH A . 
G 5 HOH 4  6206 4    HOH HOH A . 
G 5 HOH 5  6207 5    HOH HOH A . 
G 5 HOH 6  6208 6    HOH HOH A . 
G 5 HOH 7  6209 7    HOH HOH A . 
G 5 HOH 8  6210 8    HOH HOH A . 
G 5 HOH 9  6211 9    HOH HOH A . 
G 5 HOH 10 6212 12   HOH HOH A . 
G 5 HOH 11 6213 13   HOH HOH A . 
G 5 HOH 12 6214 14   HOH HOH A . 
G 5 HOH 13 6215 15   HOH HOH A . 
G 5 HOH 14 6216 17   HOH HOH A . 
G 5 HOH 15 6217 19   HOH HOH A . 
G 5 HOH 16 6218 24   HOH HOH A . 
G 5 HOH 17 6219 25   HOH HOH A . 
G 5 HOH 18 6220 27   HOH HOH A . 
G 5 HOH 19 6221 30   HOH HOH A . 
G 5 HOH 20 6222 31   HOH HOH A . 
G 5 HOH 21 6223 33   HOH HOH A . 
G 5 HOH 22 6224 35   HOH HOH A . 
G 5 HOH 23 6225 36   HOH HOH A . 
G 5 HOH 24 6226 37   HOH HOH A . 
G 5 HOH 25 6227 38   HOH HOH A . 
G 5 HOH 26 6228 39   HOH HOH A . 
G 5 HOH 27 6229 40   HOH HOH A . 
G 5 HOH 28 6230 41   HOH HOH A . 
G 5 HOH 29 6231 44   HOH HOH A . 
G 5 HOH 30 6232 45   HOH HOH A . 
G 5 HOH 31 6233 47   HOH HOH A . 
G 5 HOH 32 6234 48   HOH HOH A . 
G 5 HOH 33 6235 49   HOH HOH A . 
G 5 HOH 34 6236 50   HOH HOH A . 
G 5 HOH 35 6237 53   HOH HOH A . 
G 5 HOH 36 6238 54   HOH HOH A . 
G 5 HOH 37 6239 55   HOH HOH A . 
G 5 HOH 38 6240 57   HOH HOH A . 
G 5 HOH 39 6241 59   HOH HOH A . 
G 5 HOH 40 6242 60   HOH HOH A . 
G 5 HOH 41 6243 62   HOH HOH A . 
G 5 HOH 42 6244 66   HOH HOH A . 
G 5 HOH 43 6245 67   HOH HOH A . 
G 5 HOH 44 6246 68   HOH HOH A . 
G 5 HOH 45 6247 69   HOH HOH A . 
G 5 HOH 46 6248 70   HOH HOH A . 
G 5 HOH 47 6249 71   HOH HOH A . 
G 5 HOH 48 6250 72   HOH HOH A . 
G 5 HOH 49 6251 75   HOH HOH A . 
G 5 HOH 50 6252 77   HOH HOH A . 
G 5 HOH 51 6253 78   HOH HOH A . 
G 5 HOH 52 6254 81   HOH HOH A . 
G 5 HOH 53 6255 82   HOH HOH A . 
G 5 HOH 54 6256 83   HOH HOH A . 
G 5 HOH 55 6257 84   HOH HOH A . 
G 5 HOH 56 6258 85   HOH HOH A . 
G 5 HOH 57 6259 89   HOH HOH A . 
G 5 HOH 58 6260 92   HOH HOH A . 
G 5 HOH 59 6261 93   HOH HOH A . 
G 5 HOH 60 6262 95   HOH HOH A . 
G 5 HOH 61 6263 96   HOH HOH A . 
G 5 HOH 62 6264 97   HOH HOH A . 
G 5 HOH 63 6265 98   HOH HOH A . 
G 5 HOH 64 6266 99   HOH HOH A . 
G 5 HOH 65 6267 100  HOH HOH A . 
G 5 HOH 66 6268 102  HOH HOH A . 
G 5 HOH 67 6269 104  HOH HOH A . 
G 5 HOH 68 6270 105  HOH HOH A . 
G 5 HOH 69 6271 106  HOH HOH A . 
G 5 HOH 70 6272 109  HOH HOH A . 
G 5 HOH 71 6273 110  HOH HOH A . 
G 5 HOH 72 6274 111  HOH HOH A . 
G 5 HOH 73 6275 113  HOH HOH A . 
G 5 HOH 74 6276 114  HOH HOH A . 
G 5 HOH 75 6277 118  HOH HOH A . 
G 5 HOH 76 6278 120  HOH HOH A . 
G 5 HOH 77 6279 122  HOH HOH A . 
G 5 HOH 78 6280 123  HOH HOH A . 
G 5 HOH 79 6281 127  HOH HOH A . 
G 5 HOH 80 6282 129  HOH HOH A . 
G 5 HOH 81 6283 133  HOH HOH A . 
G 5 HOH 82 6284 139  HOH HOH A . 
G 5 HOH 83 6285 141  HOH HOH A . 
G 5 HOH 84 6286 142  HOH HOH A . 
G 5 HOH 85 6287 143  HOH HOH A . 
G 5 HOH 86 6288 144  HOH HOH A . 
G 5 HOH 87 6289 145  HOH HOH A . 
G 5 HOH 88 6290 146  HOH HOH A . 
G 5 HOH 89 6291 28   HOH HOH A . 
G 5 HOH 90 6292 121  HOH HOH A . 
H 5 HOH 1  6223 32   HOH HOH B . 
H 5 HOH 2  6224 10   HOH HOH B . 
H 5 HOH 3  6225 11   HOH HOH B . 
H 5 HOH 4  6226 16   HOH HOH B . 
H 5 HOH 5  6227 18   HOH HOH B . 
H 5 HOH 6  6228 20   HOH HOH B . 
H 5 HOH 7  6229 21   HOH HOH B . 
H 5 HOH 8  6230 22   HOH HOH B . 
H 5 HOH 9  6231 23   HOH HOH B . 
H 5 HOH 10 6232 26   HOH HOH B . 
H 5 HOH 11 6233 29   HOH HOH B . 
H 5 HOH 12 6234 34   HOH HOH B . 
H 5 HOH 13 6235 42   HOH HOH B . 
H 5 HOH 14 6236 43   HOH HOH B . 
H 5 HOH 15 6237 46   HOH HOH B . 
H 5 HOH 16 6238 51   HOH HOH B . 
H 5 HOH 17 6239 52   HOH HOH B . 
H 5 HOH 18 6240 56   HOH HOH B . 
H 5 HOH 19 6241 58   HOH HOH B . 
H 5 HOH 20 6242 61   HOH HOH B . 
H 5 HOH 21 6243 63   HOH HOH B . 
H 5 HOH 22 6244 64   HOH HOH B . 
H 5 HOH 23 6245 65   HOH HOH B . 
H 5 HOH 24 6246 73   HOH HOH B . 
H 5 HOH 25 6247 74   HOH HOH B . 
H 5 HOH 26 6248 76   HOH HOH B . 
H 5 HOH 27 6249 79   HOH HOH B . 
H 5 HOH 28 6250 80   HOH HOH B . 
H 5 HOH 29 6251 86   HOH HOH B . 
H 5 HOH 30 6252 87   HOH HOH B . 
H 5 HOH 31 6253 88   HOH HOH B . 
H 5 HOH 32 6254 90   HOH HOH B . 
H 5 HOH 33 6255 91   HOH HOH B . 
H 5 HOH 34 6256 94   HOH HOH B . 
H 5 HOH 35 6257 101  HOH HOH B . 
H 5 HOH 36 6258 103  HOH HOH B . 
H 5 HOH 37 6259 107  HOH HOH B . 
H 5 HOH 38 6260 108  HOH HOH B . 
H 5 HOH 39 6261 112  HOH HOH B . 
H 5 HOH 40 6262 115  HOH HOH B . 
H 5 HOH 41 6263 116  HOH HOH B . 
H 5 HOH 42 6264 117  HOH HOH B . 
H 5 HOH 43 6265 119  HOH HOH B . 
H 5 HOH 44 6266 124  HOH HOH B . 
H 5 HOH 45 6267 125  HOH HOH B . 
H 5 HOH 46 6268 126  HOH HOH B . 
H 5 HOH 47 6269 128  HOH HOH B . 
H 5 HOH 48 6270 130  HOH HOH B . 
H 5 HOH 49 6271 131  HOH HOH B . 
H 5 HOH 50 6272 132  HOH HOH B . 
H 5 HOH 51 6273 134  HOH HOH B . 
H 5 HOH 52 6274 135  HOH HOH B . 
H 5 HOH 53 6275 136  HOH HOH B . 
H 5 HOH 54 6276 137  HOH HOH B . 
H 5 HOH 55 6277 138  HOH HOH B . 
H 5 HOH 56 6278 140  HOH HOH B . 
# 
loop_
_software.name 
_software.classification 
_software.version 
_software.citation_id 
_software.pdbx_ordinal 
Blu-Ice 'data collection' .   ? 1 
PHENIX  'model building'  .   ? 2 
CNS     refinement        1.1 ? 3 
ELVES   'data reduction'  .   ? 4 
MOSFLM  'data reduction'  .   ? 5 
CCP4    'data scaling'    .   ? 6 
PHENIX  phasing           .   ? 7 
# 
_cell.entry_id           3B31 
_cell.length_a           58.724 
_cell.length_b           58.724 
_cell.length_c           98.989 
_cell.angle_alpha        90.00 
_cell.angle_beta         90.00 
_cell.angle_gamma        90.00 
_cell.Z_PDB              8 
_cell.pdbx_unique_axis   ? 
_cell.length_a_esd       ? 
_cell.length_b_esd       ? 
_cell.length_c_esd       ? 
_cell.angle_alpha_esd    ? 
_cell.angle_beta_esd     ? 
_cell.angle_gamma_esd    ? 
# 
_symmetry.entry_id                         3B31 
_symmetry.space_group_name_H-M             'P 41 21 2' 
_symmetry.pdbx_full_space_group_name_H-M   ? 
_symmetry.cell_setting                     ? 
_symmetry.Int_Tables_number                92 
_symmetry.space_group_name_Hall            ? 
# 
_exptl.entry_id          3B31 
_exptl.method            'X-RAY DIFFRACTION' 
_exptl.crystals_number   2 
# 
_exptl_crystal.id                    1 
_exptl_crystal.density_meas          ? 
_exptl_crystal.density_Matthews      3.10 
_exptl_crystal.density_percent_sol   60.34 
_exptl_crystal.description           ? 
_exptl_crystal.F_000                 ? 
_exptl_crystal.preparation           ? 
# 
_exptl_crystal_grow.crystal_id      1 
_exptl_crystal_grow.method          'VAPOR DIFFUSION, HANGING DROP' 
_exptl_crystal_grow.temp            303 
_exptl_crystal_grow.temp_details    ? 
_exptl_crystal_grow.pH              7.5 
_exptl_crystal_grow.pdbx_details    
'1.4 M lithium sulfate, 40 mM magnesium acetate, 50 mM HEPES-NaOH, pH 7.5, VAPOR DIFFUSION, HANGING DROP, temperature 303K' 
_exptl_crystal_grow.pdbx_pH_range   . 
# 
loop_
_exptl_crystal_grow_comp.crystal_id 
_exptl_crystal_grow_comp.id 
_exptl_crystal_grow_comp.sol_id 
_exptl_crystal_grow_comp.name 
_exptl_crystal_grow_comp.volume 
_exptl_crystal_grow_comp.conc 
_exptl_crystal_grow_comp.details 
1 1 1 'lithium sulfate'   ? ? ? 
1 2 1 'magnesium acetate' ? ? ? 
1 3 1 HEPES-NaOH          ? ? ? 
1 4 2 'lithium sulfate'   ? ? ? 
1 5 2 'magnesium acetate' ? ? ? 
1 6 2 HEPES-NaOH          ? ? ? 
# 
loop_
_diffrn.id 
_diffrn.ambient_temp 
_diffrn.ambient_temp_details 
_diffrn.crystal_id 
1 ? ? 1 
2 ? ? 1 
# 
loop_
_diffrn_detector.diffrn_id 
_diffrn_detector.detector 
_diffrn_detector.type 
_diffrn_detector.pdbx_collection_date 
_diffrn_detector.details 
1 'IMAGE PLATE' 'RIGAKU RAXIS IV++' ? ? 
2 CCD           'ADSC QUANTUM 315'  ? ? 
# 
loop_
_diffrn_radiation.diffrn_id 
_diffrn_radiation.wavelength_id 
_diffrn_radiation.pdbx_monochromatic_or_laue_m_l 
_diffrn_radiation.monochromator 
_diffrn_radiation.pdbx_diffrn_protocol 
_diffrn_radiation.pdbx_scattering_type 
1 1 M ? 'SINGLE WAVELENGTH' x-ray 
2 1 M ? MAD                 x-ray 
# 
loop_
_diffrn_radiation_wavelength.id 
_diffrn_radiation_wavelength.wavelength 
_diffrn_radiation_wavelength.wt 
1 1.5418 1.0 
2 1.1055 1.0 
3 1.1053 1.0 
# 
loop_
_diffrn_source.diffrn_id 
_diffrn_source.source 
_diffrn_source.type 
_diffrn_source.pdbx_synchrotron_site 
_diffrn_source.pdbx_synchrotron_beamline 
_diffrn_source.pdbx_wavelength 
_diffrn_source.pdbx_wavelength_list 
1 'ROTATING ANODE' RIGAKU                ?   ?      ? 1.5418           
2 SYNCHROTRON      'ALS BEAMLINE 12.3.1' ALS 12.3.1 ? '1.1055, 1.1053' 
# 
_reflns.entry_id                     3B31 
_reflns.observed_criterion_sigma_F   2.0 
_reflns.observed_criterion_sigma_I   2.0 
_reflns.d_resolution_high            2.40 
_reflns.d_resolution_low             23.2 
_reflns.number_all                   7247 
_reflns.number_obs                   7225 
_reflns.percent_possible_obs         99.7 
_reflns.pdbx_Rmerge_I_obs            0.090 
_reflns.pdbx_Rsym_value              0.090 
_reflns.pdbx_netI_over_sigmaI        27.2 
_reflns.B_iso_Wilson_estimate        ? 
_reflns.pdbx_redundancy              31.9 
_reflns.R_free_details               ? 
_reflns.pdbx_chi_squared             ? 
_reflns.pdbx_scaling_rejects         ? 
_reflns.pdbx_diffrn_id               1,2 
_reflns.pdbx_ordinal                 1 
# 
_reflns_shell.d_res_high             2.40 
_reflns_shell.d_res_low              2.49 
_reflns_shell.percent_possible_all   99.7 
_reflns_shell.Rmerge_I_obs           ? 
_reflns_shell.pdbx_Rsym_value        ? 
_reflns_shell.meanI_over_sigI_obs    2.0 
_reflns_shell.pdbx_redundancy        18.3 
_reflns_shell.percent_possible_obs   ? 
_reflns_shell.number_unique_all      696 
_reflns_shell.number_measured_all    ? 
_reflns_shell.number_measured_obs    ? 
_reflns_shell.number_unique_obs      ? 
_reflns_shell.pdbx_chi_squared       ? 
_reflns_shell.pdbx_diffrn_id         ? 
_reflns_shell.pdbx_ordinal           1 
# 
_refine.entry_id                                 3B31 
_refine.ls_d_res_high                            2.40 
_refine.ls_d_res_low                             23.2 
_refine.pdbx_ls_sigma_F                          2.0 
_refine.pdbx_ls_sigma_I                          2.0 
_refine.ls_number_reflns_all                     7247 
_refine.ls_number_reflns_obs                     7225 
_refine.ls_number_reflns_R_free                  774 
_refine.ls_percent_reflns_obs                    99.7 
_refine.ls_R_factor_all                          ? 
_refine.ls_R_factor_obs                          ? 
_refine.ls_R_factor_R_work                       0.2393 
_refine.ls_R_factor_R_free                       0.2686 
_refine.ls_redundancy_reflns_obs                 ? 
_refine.pdbx_data_cutoff_high_absF               ? 
_refine.pdbx_data_cutoff_low_absF                ? 
_refine.ls_number_parameters                     ? 
_refine.ls_number_restraints                     ? 
_refine.ls_percent_reflns_R_free                 ? 
_refine.ls_R_factor_R_free_error                 ? 
_refine.ls_R_factor_R_free_error_details         ? 
_refine.pdbx_method_to_determine_struct          MAD 
_refine.pdbx_starting_model                      ? 
_refine.pdbx_ls_cross_valid_method               ? 
_refine.pdbx_R_Free_selection_details            ? 
_refine.pdbx_stereochem_target_val_spec_case     ? 
_refine.pdbx_stereochemistry_target_values       ? 
_refine.solvent_model_details                    ? 
_refine.solvent_model_param_bsol                 ? 
_refine.solvent_model_param_ksol                 ? 
_refine.occupancy_max                            ? 
_refine.occupancy_min                            ? 
_refine.pdbx_isotropic_thermal_model             ? 
_refine.B_iso_mean                               ? 
_refine.aniso_B[1][1]                            -2.917 
_refine.aniso_B[1][2]                            0.000 
_refine.aniso_B[1][3]                            0.000 
_refine.aniso_B[2][2]                            -2.917 
_refine.aniso_B[2][3]                            0.000 
_refine.aniso_B[3][3]                            5.834 
_refine.details                                  ? 
_refine.correlation_coeff_Fo_to_Fc               ? 
_refine.correlation_coeff_Fo_to_Fc_free          ? 
_refine.pdbx_solvent_vdw_probe_radii             ? 
_refine.pdbx_solvent_ion_probe_radii             ? 
_refine.pdbx_solvent_shrinkage_radii             ? 
_refine.overall_SU_R_Cruickshank_DPI             ? 
_refine.overall_SU_R_free                        ? 
_refine.overall_SU_ML                            ? 
_refine.overall_SU_B                             ? 
_refine.pdbx_overall_ESU_R_Free                  ? 
_refine.pdbx_data_cutoff_high_rms_absF           ? 
_refine.pdbx_overall_ESU_R                       ? 
_refine.ls_wR_factor_R_free                      ? 
_refine.ls_wR_factor_R_work                      ? 
_refine.overall_FOM_free_R_set                   ? 
_refine.overall_FOM_work_R_set                   ? 
_refine.pdbx_refine_id                           'X-RAY DIFFRACTION' 
_refine.pdbx_diffrn_id                           1 
_refine.pdbx_TLS_residual_ADP_flag               ? 
_refine.pdbx_overall_phase_error                 ? 
_refine.pdbx_overall_SU_R_free_Cruickshank_DPI   ? 
_refine.pdbx_overall_SU_R_Blow_DPI               ? 
_refine.pdbx_overall_SU_R_free_Blow_DPI          ? 
# 
_refine_hist.pdbx_refine_id                   'X-RAY DIFFRACTION' 
_refine_hist.cycle_id                         LAST 
_refine_hist.pdbx_number_atoms_protein        0 
_refine_hist.pdbx_number_atoms_nucleic_acid   913 
_refine_hist.pdbx_number_atoms_ligand         25 
_refine_hist.number_atoms_solvent             146 
_refine_hist.number_atoms_total               1084 
_refine_hist.d_res_high                       2.40 
_refine_hist.d_res_low                        23.2 
# 
loop_
_refine_ls_restr.type 
_refine_ls_restr.dev_ideal 
_refine_ls_restr.dev_ideal_target 
_refine_ls_restr.weight 
_refine_ls_restr.number 
_refine_ls_restr.pdbx_refine_id 
_refine_ls_restr.pdbx_restraint_function 
c_bond_d    .0053 ? ? ? 'X-RAY DIFFRACTION' ? 
c_angle_deg 1.35  ? ? ? 'X-RAY DIFFRACTION' ? 
# 
_struct.entry_id                  3B31 
_struct.title                     'Crystal structure of domain III of the Cricket Paralysis Virus IRES RNA' 
_struct.pdbx_model_details        ? 
_struct.pdbx_CASP_flag            N 
_struct.pdbx_model_type_details   ? 
# 
_struct_keywords.entry_id        3B31 
_struct_keywords.pdbx_keywords   RNA 
_struct_keywords.text            'IRES, RNA structure, translation initiation, tRNA anticodon, hybrid state, tRNA mimicry, RNA' 
# 
loop_
_struct_asym.id 
_struct_asym.pdbx_blank_PDB_chainid_flag 
_struct_asym.pdbx_modified 
_struct_asym.entity_id 
_struct_asym.details 
A N N 1 ? 
B N N 2 ? 
C N N 3 ? 
D N N 3 ? 
E N N 3 ? 
F N N 4 ? 
G N N 5 ? 
H N N 5 ? 
# 
loop_
_struct_ref.id 
_struct_ref.db_name 
_struct_ref.db_code 
_struct_ref.entity_id 
_struct_ref.pdbx_seq_one_letter_code 
_struct_ref.pdbx_align_begin 
_struct_ref.pdbx_db_accession 
_struct_ref.pdbx_db_isoform 
1 PDB 3B31 1 GGUUAUUCAGAUUAGGUAGUCGAAUGACC 1 3B31 ? 
2 PDB 3B31 2 UAAGAAAUUUACCU                1 3B31 ? 
# 
loop_
_struct_ref_seq.align_id 
_struct_ref_seq.ref_id 
_struct_ref_seq.pdbx_PDB_id_code 
_struct_ref_seq.pdbx_strand_id 
_struct_ref_seq.seq_align_beg 
_struct_ref_seq.pdbx_seq_align_beg_ins_code 
_struct_ref_seq.seq_align_end 
_struct_ref_seq.pdbx_seq_align_end_ins_code 
_struct_ref_seq.pdbx_db_accession 
_struct_ref_seq.db_align_beg 
_struct_ref_seq.pdbx_db_align_beg_ins_code 
_struct_ref_seq.db_align_end 
_struct_ref_seq.pdbx_db_align_end_ins_code 
_struct_ref_seq.pdbx_auth_seq_align_beg 
_struct_ref_seq.pdbx_auth_seq_align_end 
1 1 3B31 A 1 ? 29 ? 3B31 6174 ? 6202 ? 6174 6202 
2 2 3B31 B 1 ? 14 ? 3B31 6203 ? 6216 ? 6203 6216 
# 
_pdbx_struct_assembly.id                   1 
_pdbx_struct_assembly.details              author_and_software_defined_assembly 
_pdbx_struct_assembly.method_details       PISA 
_pdbx_struct_assembly.oligomeric_details   dimeric 
_pdbx_struct_assembly.oligomeric_count     2 
# 
_pdbx_struct_assembly_prop.biol_id   1 
_pdbx_struct_assembly_prop.type      'ABSA (A^2)' 
_pdbx_struct_assembly_prop.value     2120 
_pdbx_struct_assembly_prop.details   ? 
# 
_pdbx_struct_assembly_gen.assembly_id       1 
_pdbx_struct_assembly_gen.oper_expression   1 
_pdbx_struct_assembly_gen.asym_id_list      A,B,C,D,E,F,G,H 
# 
_pdbx_struct_oper_list.id                   1 
_pdbx_struct_oper_list.type                 'identity operation' 
_pdbx_struct_oper_list.name                 1_555 
_pdbx_struct_oper_list.symmetry_operation   x,y,z 
_pdbx_struct_oper_list.matrix[1][1]         1.0000000000 
_pdbx_struct_oper_list.matrix[1][2]         0.0000000000 
_pdbx_struct_oper_list.matrix[1][3]         0.0000000000 
_pdbx_struct_oper_list.vector[1]            0.0000000000 
_pdbx_struct_oper_list.matrix[2][1]         0.0000000000 
_pdbx_struct_oper_list.matrix[2][2]         1.0000000000 
_pdbx_struct_oper_list.matrix[2][3]         0.0000000000 
_pdbx_struct_oper_list.vector[2]            0.0000000000 
_pdbx_struct_oper_list.matrix[3][1]         0.0000000000 
_pdbx_struct_oper_list.matrix[3][2]         0.0000000000 
_pdbx_struct_oper_list.matrix[3][3]         1.0000000000 
_pdbx_struct_oper_list.vector[3]            0.0000000000 
# 
loop_
_struct_conn.id 
_struct_conn.conn_type_id 
_struct_conn.pdbx_leaving_atom_flag 
_struct_conn.pdbx_PDB_id 
_struct_conn.ptnr1_label_asym_id 
_struct_conn.ptnr1_label_comp_id 
_struct_conn.ptnr1_label_seq_id 
_struct_conn.ptnr1_label_atom_id 
_struct_conn.pdbx_ptnr1_label_alt_id 
_struct_conn.pdbx_ptnr1_PDB_ins_code 
_struct_conn.pdbx_ptnr1_standard_comp_id 
_struct_conn.ptnr1_symmetry 
_struct_conn.ptnr2_label_asym_id 
_struct_conn.ptnr2_label_comp_id 
_struct_conn.ptnr2_label_seq_id 
_struct_conn.ptnr2_label_atom_id 
_struct_conn.pdbx_ptnr2_label_alt_id 
_struct_conn.pdbx_ptnr2_PDB_ins_code 
_struct_conn.ptnr1_auth_asym_id 
_struct_conn.ptnr1_auth_comp_id 
_struct_conn.ptnr1_auth_seq_id 
_struct_conn.ptnr2_auth_asym_id 
_struct_conn.ptnr2_auth_comp_id 
_struct_conn.ptnr2_auth_seq_id 
_struct_conn.ptnr2_symmetry 
_struct_conn.pdbx_ptnr3_label_atom_id 
_struct_conn.pdbx_ptnr3_label_seq_id 
_struct_conn.pdbx_ptnr3_label_comp_id 
_struct_conn.pdbx_ptnr3_label_asym_id 
_struct_conn.pdbx_ptnr3_label_alt_id 
_struct_conn.pdbx_ptnr3_PDB_ins_code 
_struct_conn.details 
_struct_conn.pdbx_dist_value 
_struct_conn.pdbx_value_order 
_struct_conn.pdbx_role 
covale1  covale one ? B U 14 "O3'" ? ? ? 1_555 F PO4 .  P  ? ? B U 6216 B PO4 6217 1_555 ? ? ? ? ? ? ?             1.604 ? ? 
hydrog1  hydrog ?   ? A G 1  N1    ? ? ? 1_555 A C   29 N3 ? ? A G 6174 A C   6202 1_555 ? ? ? ? ? ? WATSON-CRICK  ?     ? ? 
hydrog2  hydrog ?   ? A G 1  N2    ? ? ? 1_555 A C   29 O2 ? ? A G 6174 A C   6202 1_555 ? ? ? ? ? ? WATSON-CRICK  ?     ? ? 
hydrog3  hydrog ?   ? A G 1  O6    ? ? ? 1_555 A C   29 N4 ? ? A G 6174 A C   6202 1_555 ? ? ? ? ? ? WATSON-CRICK  ?     ? ? 
hydrog4  hydrog ?   ? A G 2  N1    ? ? ? 1_555 A C   28 O2 ? ? A G 6175 A C   6201 1_555 ? ? ? ? ? ? 'G-C PAIR'    ?     ? ? 
hydrog5  hydrog ?   ? A U 3  N3    ? ? ? 1_555 A A   27 N1 ? ? A U 6176 A A   6200 1_555 ? ? ? ? ? ? WATSON-CRICK  ?     ? ? 
hydrog6  hydrog ?   ? A U 3  O4    ? ? ? 1_555 A A   27 N6 ? ? A U 6176 A A   6200 1_555 ? ? ? ? ? ? WATSON-CRICK  ?     ? ? 
hydrog7  hydrog ?   ? A U 4  N3    ? ? ? 1_555 A G   26 O6 ? ? A U 6177 A G   6199 1_555 ? ? ? ? ? ? TYPE_28_PAIR  ?     ? ? 
hydrog8  hydrog ?   ? A U 4  O2    ? ? ? 1_555 A G   26 N1 ? ? A U 6177 A G   6199 1_555 ? ? ? ? ? ? TYPE_28_PAIR  ?     ? ? 
hydrog9  hydrog ?   ? A A 5  N1    ? ? ? 1_555 A U   25 N3 ? ? A A 6178 A U   6198 1_555 ? ? ? ? ? ? WATSON-CRICK  ?     ? ? 
hydrog10 hydrog ?   ? A A 5  N6    ? ? ? 1_555 A U   25 O4 ? ? A A 6178 A U   6198 1_555 ? ? ? ? ? ? WATSON-CRICK  ?     ? ? 
hydrog11 hydrog ?   ? A U 6  N3    ? ? ? 1_555 A A   24 N1 ? ? A U 6179 A A   6197 1_555 ? ? ? ? ? ? WATSON-CRICK  ?     ? ? 
hydrog12 hydrog ?   ? A U 6  O4    ? ? ? 1_555 A A   24 N6 ? ? A U 6179 A A   6197 1_555 ? ? ? ? ? ? WATSON-CRICK  ?     ? ? 
hydrog13 hydrog ?   ? A U 7  N3    ? ? ? 1_555 A A   23 N1 ? ? A U 6180 A A   6196 1_555 ? ? ? ? ? ? WATSON-CRICK  ?     ? ? 
hydrog14 hydrog ?   ? A U 7  O4    ? ? ? 1_555 A A   23 N6 ? ? A U 6180 A A   6196 1_555 ? ? ? ? ? ? WATSON-CRICK  ?     ? ? 
hydrog15 hydrog ?   ? A C 8  N3    ? ? ? 1_555 A G   22 N1 ? ? A C 6181 A G   6195 1_555 ? ? ? ? ? ? WATSON-CRICK  ?     ? ? 
hydrog16 hydrog ?   ? A C 8  N4    ? ? ? 1_555 A G   22 O6 ? ? A C 6181 A G   6195 1_555 ? ? ? ? ? ? WATSON-CRICK  ?     ? ? 
hydrog17 hydrog ?   ? A C 8  O2    ? ? ? 1_555 A G   22 N2 ? ? A C 6181 A G   6195 1_555 ? ? ? ? ? ? WATSON-CRICK  ?     ? ? 
hydrog18 hydrog ?   ? A G 10 N1    ? ? ? 1_555 A C   21 N3 ? ? A G 6183 A C   6194 1_555 ? ? ? ? ? ? WATSON-CRICK  ?     ? ? 
hydrog19 hydrog ?   ? A G 10 N2    ? ? ? 1_555 A C   21 O2 ? ? A G 6183 A C   6194 1_555 ? ? ? ? ? ? WATSON-CRICK  ?     ? ? 
hydrog20 hydrog ?   ? A G 10 O6    ? ? ? 1_555 A C   21 N4 ? ? A G 6183 A C   6194 1_555 ? ? ? ? ? ? WATSON-CRICK  ?     ? ? 
hydrog21 hydrog ?   ? A A 11 N6    ? ? ? 1_555 A G   19 O6 ? ? A A 6184 A G   6192 1_555 ? ? ? ? ? ? 'A-G MISPAIR' ?     ? ? 
hydrog22 hydrog ?   ? A A 11 N1    ? ? ? 1_555 A U   20 N3 ? ? A A 6184 A U   6193 1_555 ? ? ? ? ? ? WATSON-CRICK  ?     ? ? 
hydrog23 hydrog ?   ? A A 11 N6    ? ? ? 1_555 A U   20 O4 ? ? A A 6184 A U   6193 1_555 ? ? ? ? ? ? WATSON-CRICK  ?     ? ? 
hydrog24 hydrog ?   ? A A 14 N1    ? ? ? 1_555 B U   14 N3 ? ? A A 6187 B U   6216 1_555 ? ? ? ? ? ? WATSON-CRICK  ?     ? ? 
hydrog25 hydrog ?   ? A A 14 N6    ? ? ? 1_555 B U   14 O4 ? ? A A 6187 B U   6216 1_555 ? ? ? ? ? ? WATSON-CRICK  ?     ? ? 
hydrog26 hydrog ?   ? A G 15 N1    ? ? ? 1_555 B C   13 N3 ? ? A G 6188 B C   6215 1_555 ? ? ? ? ? ? WATSON-CRICK  ?     ? ? 
hydrog27 hydrog ?   ? A G 15 N2    ? ? ? 1_555 B C   13 O2 ? ? A G 6188 B C   6215 1_555 ? ? ? ? ? ? WATSON-CRICK  ?     ? ? 
hydrog28 hydrog ?   ? A G 15 O6    ? ? ? 1_555 B C   13 N4 ? ? A G 6188 B C   6215 1_555 ? ? ? ? ? ? WATSON-CRICK  ?     ? ? 
hydrog29 hydrog ?   ? A G 16 N1    ? ? ? 1_555 B C   12 N3 ? ? A G 6189 B C   6214 1_555 ? ? ? ? ? ? WATSON-CRICK  ?     ? ? 
hydrog30 hydrog ?   ? A G 16 N2    ? ? ? 1_555 B C   12 O2 ? ? A G 6189 B C   6214 1_555 ? ? ? ? ? ? WATSON-CRICK  ?     ? ? 
hydrog31 hydrog ?   ? A G 16 O6    ? ? ? 1_555 B C   12 N4 ? ? A G 6189 B C   6214 1_555 ? ? ? ? ? ? WATSON-CRICK  ?     ? ? 
hydrog32 hydrog ?   ? A U 17 N3    ? ? ? 1_555 B A   11 N1 ? ? A U 6190 B A   6213 1_555 ? ? ? ? ? ? WATSON-CRICK  ?     ? ? 
hydrog33 hydrog ?   ? A U 17 O4    ? ? ? 1_555 B A   11 N6 ? ? A U 6190 B A   6213 1_555 ? ? ? ? ? ? WATSON-CRICK  ?     ? ? 
hydrog34 hydrog ?   ? A A 18 N1    ? ? ? 1_555 B U   10 N3 ? ? A A 6191 B U   6212 1_555 ? ? ? ? ? ? WATSON-CRICK  ?     ? ? 
hydrog35 hydrog ?   ? A A 18 N6    ? ? ? 1_555 B U   10 O4 ? ? A A 6191 B U   6212 1_555 ? ? ? ? ? ? WATSON-CRICK  ?     ? ? 
hydrog36 hydrog ?   ? A G 19 N2    ? ? ? 1_555 B A   7  N3 ? ? A G 6192 B A   6209 1_555 ? ? ? ? ? ? 'G-A MISPAIR' ?     ? ? 
# 
loop_
_struct_conn_type.id 
_struct_conn_type.criteria 
_struct_conn_type.reference 
covale ? ? 
hydrog ? ? 
# 
loop_
_struct_site.id 
_struct_site.pdbx_evidence_code 
_struct_site.pdbx_auth_asym_id 
_struct_site.pdbx_auth_comp_id 
_struct_site.pdbx_auth_seq_id 
_struct_site.pdbx_auth_ins_code 
_struct_site.pdbx_num_residues 
_struct_site.details 
AC1 Software B PO4 6217 ? 3  'BINDING SITE FOR RESIDUE PO4 B 6217' 
AC2 Software A IRI 1    ? 9  'BINDING SITE FOR RESIDUE IRI A 1'    
AC3 Software A IRI 2    ? 10 'BINDING SITE FOR RESIDUE IRI A 2'    
AC4 Software A IRI 3    ? 10 'BINDING SITE FOR RESIDUE IRI A 3'    
# 
loop_
_struct_site_gen.id 
_struct_site_gen.site_id 
_struct_site_gen.pdbx_num_res 
_struct_site_gen.label_comp_id 
_struct_site_gen.label_asym_id 
_struct_site_gen.label_seq_id 
_struct_site_gen.pdbx_auth_ins_code 
_struct_site_gen.auth_comp_id 
_struct_site_gen.auth_asym_id 
_struct_site_gen.auth_seq_id 
_struct_site_gen.label_atom_id 
_struct_site_gen.label_alt_id 
_struct_site_gen.symmetry 
_struct_site_gen.details 
1  AC1 3  U   B 14 ? U   B 6216 . ? 1_555 ? 
2  AC1 3  HOH H .  ? HOH B 6236 . ? 1_555 ? 
3  AC1 3  HOH H .  ? HOH B 6252 . ? 1_555 ? 
4  AC2 9  G   A 2  ? G   A 6175 . ? 1_555 ? 
5  AC2 9  U   A 3  ? U   A 6176 . ? 1_555 ? 
6  AC2 9  U   A 4  ? U   A 6177 . ? 1_555 ? 
7  AC2 9  A   A 24 ? A   A 6197 . ? 1_555 ? 
8  AC2 9  U   A 25 ? U   A 6198 . ? 1_555 ? 
9  AC2 9  G   A 26 ? G   A 6199 . ? 1_555 ? 
10 AC2 9  A   A 27 ? A   A 6200 . ? 1_555 ? 
11 AC2 9  HOH G .  ? HOH A 6275 . ? 1_555 ? 
12 AC2 9  HOH G .  ? HOH A 6276 . ? 1_555 ? 
13 AC3 10 A   A 9  ? A   A 6182 . ? 1_555 ? 
14 AC3 10 G   A 10 ? G   A 6183 . ? 1_555 ? 
15 AC3 10 A   A 11 ? A   A 6184 . ? 1_555 ? 
16 AC3 10 U   A 12 ? U   A 6185 . ? 1_555 ? 
17 AC3 10 U   A 13 ? U   A 6186 . ? 1_555 ? 
18 AC3 10 G   A 16 ? G   A 6189 . ? 1_555 ? 
19 AC3 10 HOH G .  ? HOH A 6211 . ? 1_555 ? 
20 AC3 10 HOH G .  ? HOH A 6255 . ? 1_555 ? 
21 AC3 10 HOH G .  ? HOH A 6256 . ? 1_555 ? 
22 AC3 10 HOH G .  ? HOH A 6257 . ? 1_555 ? 
23 AC4 10 C   A 8  ? C   A 6181 . ? 1_555 ? 
24 AC4 10 G   A 10 ? G   A 6183 . ? 1_555 ? 
25 AC4 10 A   A 11 ? A   A 6184 . ? 1_555 ? 
26 AC4 10 A   A 18 ? A   A 6191 . ? 1_555 ? 
27 AC4 10 G   A 19 ? G   A 6192 . ? 1_555 ? 
28 AC4 10 U   A 20 ? U   A 6193 . ? 1_555 ? 
29 AC4 10 C   A 21 ? C   A 6194 . ? 1_555 ? 
30 AC4 10 HOH G .  ? HOH A 6211 . ? 1_555 ? 
31 AC4 10 HOH G .  ? HOH A 6253 . ? 1_555 ? 
32 AC4 10 HOH G .  ? HOH A 6285 . ? 1_555 ? 
# 
loop_
_pdbx_validate_rmsd_bond.id 
_pdbx_validate_rmsd_bond.PDB_model_num 
_pdbx_validate_rmsd_bond.auth_atom_id_1 
_pdbx_validate_rmsd_bond.auth_asym_id_1 
_pdbx_validate_rmsd_bond.auth_comp_id_1 
_pdbx_validate_rmsd_bond.auth_seq_id_1 
_pdbx_validate_rmsd_bond.PDB_ins_code_1 
_pdbx_validate_rmsd_bond.label_alt_id_1 
_pdbx_validate_rmsd_bond.auth_atom_id_2 
_pdbx_validate_rmsd_bond.auth_asym_id_2 
_pdbx_validate_rmsd_bond.auth_comp_id_2 
_pdbx_validate_rmsd_bond.auth_seq_id_2 
_pdbx_validate_rmsd_bond.PDB_ins_code_2 
_pdbx_validate_rmsd_bond.label_alt_id_2 
_pdbx_validate_rmsd_bond.bond_value 
_pdbx_validate_rmsd_bond.bond_target_value 
_pdbx_validate_rmsd_bond.bond_deviation 
_pdbx_validate_rmsd_bond.bond_standard_deviation 
_pdbx_validate_rmsd_bond.linker_flag 
1 1 "O5'" A A 6187 ? ? "C5'" A A 6187 ? ? 1.140 1.420 -0.280 0.009 N 
2 1 "O3'" A A 6187 ? ? P     A G 6188 ? ? 1.830 1.607 0.223  0.012 Y 
3 1 P     B U 6203 ? ? OP3   B U 6203 ? ? 1.519 1.607 -0.088 0.012 N 
# 
loop_
_pdbx_validate_rmsd_angle.id 
_pdbx_validate_rmsd_angle.PDB_model_num 
_pdbx_validate_rmsd_angle.auth_atom_id_1 
_pdbx_validate_rmsd_angle.auth_asym_id_1 
_pdbx_validate_rmsd_angle.auth_comp_id_1 
_pdbx_validate_rmsd_angle.auth_seq_id_1 
_pdbx_validate_rmsd_angle.PDB_ins_code_1 
_pdbx_validate_rmsd_angle.label_alt_id_1 
_pdbx_validate_rmsd_angle.auth_atom_id_2 
_pdbx_validate_rmsd_angle.auth_asym_id_2 
_pdbx_validate_rmsd_angle.auth_comp_id_2 
_pdbx_validate_rmsd_angle.auth_seq_id_2 
_pdbx_validate_rmsd_angle.PDB_ins_code_2 
_pdbx_validate_rmsd_angle.label_alt_id_2 
_pdbx_validate_rmsd_angle.auth_atom_id_3 
_pdbx_validate_rmsd_angle.auth_asym_id_3 
_pdbx_validate_rmsd_angle.auth_comp_id_3 
_pdbx_validate_rmsd_angle.auth_seq_id_3 
_pdbx_validate_rmsd_angle.PDB_ins_code_3 
_pdbx_validate_rmsd_angle.label_alt_id_3 
_pdbx_validate_rmsd_angle.angle_value 
_pdbx_validate_rmsd_angle.angle_target_value 
_pdbx_validate_rmsd_angle.angle_deviation 
_pdbx_validate_rmsd_angle.angle_standard_deviation 
_pdbx_validate_rmsd_angle.linker_flag 
1 1 "C2'" A C 6181 ? ? "C3'" A C 6181 ? ? "O3'" A C 6181 ? ? 126.66 113.70 12.96  1.60 N 
2 1 "O5'" A A 6187 ? ? "C5'" A A 6187 ? ? "C4'" A A 6187 ? ? 130.14 111.70 18.44  1.90 N 
3 1 "C2'" A A 6187 ? ? "C3'" A A 6187 ? ? "O3'" A A 6187 ? ? 126.62 113.70 12.92  1.60 N 
4 1 N9    A A 6187 ? ? "C1'" A A 6187 ? ? "C2'" A A 6187 ? ? 124.73 114.00 10.73  1.30 N 
5 1 "O4'" A A 6187 ? ? "C1'" A A 6187 ? ? N9    A A 6187 ? ? 95.32  108.20 -12.88 0.80 N 
6 1 "C3'" A A 6187 ? ? "O3'" A A 6187 ? ? P     A G 6188 ? ? 89.94  119.70 -29.76 1.20 Y 
7 1 "C2'" B U 6210 ? ? "C3'" B U 6210 ? ? "O3'" B U 6210 ? ? 126.97 113.70 13.27  1.60 N 
8 1 "C2'" B U 6211 ? ? "C3'" B U 6211 ? ? "O3'" B U 6211 ? ? 128.33 113.70 14.63  1.60 N 
# 
loop_
_pdbx_validate_planes.id 
_pdbx_validate_planes.PDB_model_num 
_pdbx_validate_planes.auth_comp_id 
_pdbx_validate_planes.auth_asym_id 
_pdbx_validate_planes.auth_seq_id 
_pdbx_validate_planes.PDB_ins_code 
_pdbx_validate_planes.label_alt_id 
_pdbx_validate_planes.rmsd 
_pdbx_validate_planes.type 
1 1 U A 6180 ? ? 0.063 'SIDE CHAIN' 
2 1 A A 6187 ? ? 0.088 'SIDE CHAIN' 
# 
_pdbx_validate_polymer_linkage.id               1 
_pdbx_validate_polymer_linkage.PDB_model_num    1 
_pdbx_validate_polymer_linkage.auth_atom_id_1   "O3'" 
_pdbx_validate_polymer_linkage.auth_asym_id_1   A 
_pdbx_validate_polymer_linkage.auth_comp_id_1   A 
_pdbx_validate_polymer_linkage.auth_seq_id_1    6187 
_pdbx_validate_polymer_linkage.PDB_ins_code_1   ? 
_pdbx_validate_polymer_linkage.label_alt_id_1   ? 
_pdbx_validate_polymer_linkage.auth_atom_id_2   P 
_pdbx_validate_polymer_linkage.auth_asym_id_2   A 
_pdbx_validate_polymer_linkage.auth_comp_id_2   G 
_pdbx_validate_polymer_linkage.auth_seq_id_2    6188 
_pdbx_validate_polymer_linkage.PDB_ins_code_2   ? 
_pdbx_validate_polymer_linkage.label_alt_id_2   ? 
_pdbx_validate_polymer_linkage.dist             1.83 
# 
loop_
_chem_comp_atom.comp_id 
_chem_comp_atom.atom_id 
_chem_comp_atom.type_symbol 
_chem_comp_atom.pdbx_aromatic_flag 
_chem_comp_atom.pdbx_stereo_config 
_chem_comp_atom.pdbx_ordinal 
A   OP3    O  N N 1   
A   P      P  N N 2   
A   OP1    O  N N 3   
A   OP2    O  N N 4   
A   "O5'"  O  N N 5   
A   "C5'"  C  N N 6   
A   "C4'"  C  N R 7   
A   "O4'"  O  N N 8   
A   "C3'"  C  N S 9   
A   "O3'"  O  N N 10  
A   "C2'"  C  N R 11  
A   "O2'"  O  N N 12  
A   "C1'"  C  N R 13  
A   N9     N  Y N 14  
A   C8     C  Y N 15  
A   N7     N  Y N 16  
A   C5     C  Y N 17  
A   C6     C  Y N 18  
A   N6     N  N N 19  
A   N1     N  Y N 20  
A   C2     C  Y N 21  
A   N3     N  Y N 22  
A   C4     C  Y N 23  
A   HOP3   H  N N 24  
A   HOP2   H  N N 25  
A   "H5'"  H  N N 26  
A   "H5''" H  N N 27  
A   "H4'"  H  N N 28  
A   "H3'"  H  N N 29  
A   "HO3'" H  N N 30  
A   "H2'"  H  N N 31  
A   "HO2'" H  N N 32  
A   "H1'"  H  N N 33  
A   H8     H  N N 34  
A   H61    H  N N 35  
A   H62    H  N N 36  
A   H2     H  N N 37  
C   OP3    O  N N 38  
C   P      P  N N 39  
C   OP1    O  N N 40  
C   OP2    O  N N 41  
C   "O5'"  O  N N 42  
C   "C5'"  C  N N 43  
C   "C4'"  C  N R 44  
C   "O4'"  O  N N 45  
C   "C3'"  C  N S 46  
C   "O3'"  O  N N 47  
C   "C2'"  C  N R 48  
C   "O2'"  O  N N 49  
C   "C1'"  C  N R 50  
C   N1     N  N N 51  
C   C2     C  N N 52  
C   O2     O  N N 53  
C   N3     N  N N 54  
C   C4     C  N N 55  
C   N4     N  N N 56  
C   C5     C  N N 57  
C   C6     C  N N 58  
C   HOP3   H  N N 59  
C   HOP2   H  N N 60  
C   "H5'"  H  N N 61  
C   "H5''" H  N N 62  
C   "H4'"  H  N N 63  
C   "H3'"  H  N N 64  
C   "HO3'" H  N N 65  
C   "H2'"  H  N N 66  
C   "HO2'" H  N N 67  
C   "H1'"  H  N N 68  
C   H41    H  N N 69  
C   H42    H  N N 70  
C   H5     H  N N 71  
C   H6     H  N N 72  
G   OP3    O  N N 73  
G   P      P  N N 74  
G   OP1    O  N N 75  
G   OP2    O  N N 76  
G   "O5'"  O  N N 77  
G   "C5'"  C  N N 78  
G   "C4'"  C  N R 79  
G   "O4'"  O  N N 80  
G   "C3'"  C  N S 81  
G   "O3'"  O  N N 82  
G   "C2'"  C  N R 83  
G   "O2'"  O  N N 84  
G   "C1'"  C  N R 85  
G   N9     N  Y N 86  
G   C8     C  Y N 87  
G   N7     N  Y N 88  
G   C5     C  Y N 89  
G   C6     C  N N 90  
G   O6     O  N N 91  
G   N1     N  N N 92  
G   C2     C  N N 93  
G   N2     N  N N 94  
G   N3     N  N N 95  
G   C4     C  Y N 96  
G   HOP3   H  N N 97  
G   HOP2   H  N N 98  
G   "H5'"  H  N N 99  
G   "H5''" H  N N 100 
G   "H4'"  H  N N 101 
G   "H3'"  H  N N 102 
G   "HO3'" H  N N 103 
G   "H2'"  H  N N 104 
G   "HO2'" H  N N 105 
G   "H1'"  H  N N 106 
G   H8     H  N N 107 
G   H1     H  N N 108 
G   H21    H  N N 109 
G   H22    H  N N 110 
HOH O      O  N N 111 
HOH H1     H  N N 112 
HOH H2     H  N N 113 
IRI IR     IR N N 114 
IRI N1     N  N N 115 
IRI N2     N  N N 116 
IRI N3     N  N N 117 
IRI N4     N  N N 118 
IRI N5     N  N N 119 
IRI N6     N  N N 120 
IRI HN11   H  N N 121 
IRI HN12   H  N N 122 
IRI HN13   H  N N 123 
IRI HN21   H  N N 124 
IRI HN22   H  N N 125 
IRI HN23   H  N N 126 
IRI HN31   H  N N 127 
IRI HN32   H  N N 128 
IRI HN33   H  N N 129 
IRI HN41   H  N N 130 
IRI HN42   H  N N 131 
IRI HN43   H  N N 132 
IRI HN51   H  N N 133 
IRI HN52   H  N N 134 
IRI HN53   H  N N 135 
IRI HN61   H  N N 136 
IRI HN62   H  N N 137 
IRI HN63   H  N N 138 
PO4 P      P  N N 139 
PO4 O1     O  N N 140 
PO4 O2     O  N N 141 
PO4 O3     O  N N 142 
PO4 O4     O  N N 143 
U   OP3    O  N N 144 
U   P      P  N N 145 
U   OP1    O  N N 146 
U   OP2    O  N N 147 
U   "O5'"  O  N N 148 
U   "C5'"  C  N N 149 
U   "C4'"  C  N R 150 
U   "O4'"  O  N N 151 
U   "C3'"  C  N S 152 
U   "O3'"  O  N N 153 
U   "C2'"  C  N R 154 
U   "O2'"  O  N N 155 
U   "C1'"  C  N R 156 
U   N1     N  N N 157 
U   C2     C  N N 158 
U   O2     O  N N 159 
U   N3     N  N N 160 
U   C4     C  N N 161 
U   O4     O  N N 162 
U   C5     C  N N 163 
U   C6     C  N N 164 
U   HOP3   H  N N 165 
U   HOP2   H  N N 166 
U   "H5'"  H  N N 167 
U   "H5''" H  N N 168 
U   "H4'"  H  N N 169 
U   "H3'"  H  N N 170 
U   "HO3'" H  N N 171 
U   "H2'"  H  N N 172 
U   "HO2'" H  N N 173 
U   "H1'"  H  N N 174 
U   H3     H  N N 175 
U   H5     H  N N 176 
U   H6     H  N N 177 
# 
loop_
_chem_comp_bond.comp_id 
_chem_comp_bond.atom_id_1 
_chem_comp_bond.atom_id_2 
_chem_comp_bond.value_order 
_chem_comp_bond.pdbx_aromatic_flag 
_chem_comp_bond.pdbx_stereo_config 
_chem_comp_bond.pdbx_ordinal 
A   OP3   P      sing N N 1   
A   OP3   HOP3   sing N N 2   
A   P     OP1    doub N N 3   
A   P     OP2    sing N N 4   
A   P     "O5'"  sing N N 5   
A   OP2   HOP2   sing N N 6   
A   "O5'" "C5'"  sing N N 7   
A   "C5'" "C4'"  sing N N 8   
A   "C5'" "H5'"  sing N N 9   
A   "C5'" "H5''" sing N N 10  
A   "C4'" "O4'"  sing N N 11  
A   "C4'" "C3'"  sing N N 12  
A   "C4'" "H4'"  sing N N 13  
A   "O4'" "C1'"  sing N N 14  
A   "C3'" "O3'"  sing N N 15  
A   "C3'" "C2'"  sing N N 16  
A   "C3'" "H3'"  sing N N 17  
A   "O3'" "HO3'" sing N N 18  
A   "C2'" "O2'"  sing N N 19  
A   "C2'" "C1'"  sing N N 20  
A   "C2'" "H2'"  sing N N 21  
A   "O2'" "HO2'" sing N N 22  
A   "C1'" N9     sing N N 23  
A   "C1'" "H1'"  sing N N 24  
A   N9    C8     sing Y N 25  
A   N9    C4     sing Y N 26  
A   C8    N7     doub Y N 27  
A   C8    H8     sing N N 28  
A   N7    C5     sing Y N 29  
A   C5    C6     sing Y N 30  
A   C5    C4     doub Y N 31  
A   C6    N6     sing N N 32  
A   C6    N1     doub Y N 33  
A   N6    H61    sing N N 34  
A   N6    H62    sing N N 35  
A   N1    C2     sing Y N 36  
A   C2    N3     doub Y N 37  
A   C2    H2     sing N N 38  
A   N3    C4     sing Y N 39  
C   OP3   P      sing N N 40  
C   OP3   HOP3   sing N N 41  
C   P     OP1    doub N N 42  
C   P     OP2    sing N N 43  
C   P     "O5'"  sing N N 44  
C   OP2   HOP2   sing N N 45  
C   "O5'" "C5'"  sing N N 46  
C   "C5'" "C4'"  sing N N 47  
C   "C5'" "H5'"  sing N N 48  
C   "C5'" "H5''" sing N N 49  
C   "C4'" "O4'"  sing N N 50  
C   "C4'" "C3'"  sing N N 51  
C   "C4'" "H4'"  sing N N 52  
C   "O4'" "C1'"  sing N N 53  
C   "C3'" "O3'"  sing N N 54  
C   "C3'" "C2'"  sing N N 55  
C   "C3'" "H3'"  sing N N 56  
C   "O3'" "HO3'" sing N N 57  
C   "C2'" "O2'"  sing N N 58  
C   "C2'" "C1'"  sing N N 59  
C   "C2'" "H2'"  sing N N 60  
C   "O2'" "HO2'" sing N N 61  
C   "C1'" N1     sing N N 62  
C   "C1'" "H1'"  sing N N 63  
C   N1    C2     sing N N 64  
C   N1    C6     sing N N 65  
C   C2    O2     doub N N 66  
C   C2    N3     sing N N 67  
C   N3    C4     doub N N 68  
C   C4    N4     sing N N 69  
C   C4    C5     sing N N 70  
C   N4    H41    sing N N 71  
C   N4    H42    sing N N 72  
C   C5    C6     doub N N 73  
C   C5    H5     sing N N 74  
C   C6    H6     sing N N 75  
G   OP3   P      sing N N 76  
G   OP3   HOP3   sing N N 77  
G   P     OP1    doub N N 78  
G   P     OP2    sing N N 79  
G   P     "O5'"  sing N N 80  
G   OP2   HOP2   sing N N 81  
G   "O5'" "C5'"  sing N N 82  
G   "C5'" "C4'"  sing N N 83  
G   "C5'" "H5'"  sing N N 84  
G   "C5'" "H5''" sing N N 85  
G   "C4'" "O4'"  sing N N 86  
G   "C4'" "C3'"  sing N N 87  
G   "C4'" "H4'"  sing N N 88  
G   "O4'" "C1'"  sing N N 89  
G   "C3'" "O3'"  sing N N 90  
G   "C3'" "C2'"  sing N N 91  
G   "C3'" "H3'"  sing N N 92  
G   "O3'" "HO3'" sing N N 93  
G   "C2'" "O2'"  sing N N 94  
G   "C2'" "C1'"  sing N N 95  
G   "C2'" "H2'"  sing N N 96  
G   "O2'" "HO2'" sing N N 97  
G   "C1'" N9     sing N N 98  
G   "C1'" "H1'"  sing N N 99  
G   N9    C8     sing Y N 100 
G   N9    C4     sing Y N 101 
G   C8    N7     doub Y N 102 
G   C8    H8     sing N N 103 
G   N7    C5     sing Y N 104 
G   C5    C6     sing N N 105 
G   C5    C4     doub Y N 106 
G   C6    O6     doub N N 107 
G   C6    N1     sing N N 108 
G   N1    C2     sing N N 109 
G   N1    H1     sing N N 110 
G   C2    N2     sing N N 111 
G   C2    N3     doub N N 112 
G   N2    H21    sing N N 113 
G   N2    H22    sing N N 114 
G   N3    C4     sing N N 115 
HOH O     H1     sing N N 116 
HOH O     H2     sing N N 117 
IRI IR    N1     sing N N 118 
IRI IR    N2     sing N N 119 
IRI IR    N3     sing N N 120 
IRI IR    N4     sing N N 121 
IRI IR    N5     sing N N 122 
IRI IR    N6     sing N N 123 
IRI N1    HN11   sing N N 124 
IRI N1    HN12   sing N N 125 
IRI N1    HN13   sing N N 126 
IRI N2    HN21   sing N N 127 
IRI N2    HN22   sing N N 128 
IRI N2    HN23   sing N N 129 
IRI N3    HN31   sing N N 130 
IRI N3    HN32   sing N N 131 
IRI N3    HN33   sing N N 132 
IRI N4    HN41   sing N N 133 
IRI N4    HN42   sing N N 134 
IRI N4    HN43   sing N N 135 
IRI N5    HN51   sing N N 136 
IRI N5    HN52   sing N N 137 
IRI N5    HN53   sing N N 138 
IRI N6    HN61   sing N N 139 
IRI N6    HN62   sing N N 140 
IRI N6    HN63   sing N N 141 
PO4 P     O1     doub N N 142 
PO4 P     O2     sing N N 143 
PO4 P     O3     sing N N 144 
PO4 P     O4     sing N N 145 
U   OP3   P      sing N N 146 
U   OP3   HOP3   sing N N 147 
U   P     OP1    doub N N 148 
U   P     OP2    sing N N 149 
U   P     "O5'"  sing N N 150 
U   OP2   HOP2   sing N N 151 
U   "O5'" "C5'"  sing N N 152 
U   "C5'" "C4'"  sing N N 153 
U   "C5'" "H5'"  sing N N 154 
U   "C5'" "H5''" sing N N 155 
U   "C4'" "O4'"  sing N N 156 
U   "C4'" "C3'"  sing N N 157 
U   "C4'" "H4'"  sing N N 158 
U   "O4'" "C1'"  sing N N 159 
U   "C3'" "O3'"  sing N N 160 
U   "C3'" "C2'"  sing N N 161 
U   "C3'" "H3'"  sing N N 162 
U   "O3'" "HO3'" sing N N 163 
U   "C2'" "O2'"  sing N N 164 
U   "C2'" "C1'"  sing N N 165 
U   "C2'" "H2'"  sing N N 166 
U   "O2'" "HO2'" sing N N 167 
U   "C1'" N1     sing N N 168 
U   "C1'" "H1'"  sing N N 169 
U   N1    C2     sing N N 170 
U   N1    C6     sing N N 171 
U   C2    O2     doub N N 172 
U   C2    N3     sing N N 173 
U   N3    C4     sing N N 174 
U   N3    H3     sing N N 175 
U   C4    O4     doub N N 176 
U   C4    C5     sing N N 177 
U   C5    C6     doub N N 178 
U   C5    H5     sing N N 179 
U   C6    H6     sing N N 180 
# 
loop_
_ndb_struct_conf_na.entry_id 
_ndb_struct_conf_na.feature 
3B31 'double helix'         
3B31 'a-form double helix'  
3B31 'bulge loop'           
3B31 'mismatched base pair' 
# 
loop_
_ndb_struct_na_base_pair.model_number 
_ndb_struct_na_base_pair.i_label_asym_id 
_ndb_struct_na_base_pair.i_label_comp_id 
_ndb_struct_na_base_pair.i_label_seq_id 
_ndb_struct_na_base_pair.i_symmetry 
_ndb_struct_na_base_pair.j_label_asym_id 
_ndb_struct_na_base_pair.j_label_comp_id 
_ndb_struct_na_base_pair.j_label_seq_id 
_ndb_struct_na_base_pair.j_symmetry 
_ndb_struct_na_base_pair.shear 
_ndb_struct_na_base_pair.stretch 
_ndb_struct_na_base_pair.stagger 
_ndb_struct_na_base_pair.buckle 
_ndb_struct_na_base_pair.propeller 
_ndb_struct_na_base_pair.opening 
_ndb_struct_na_base_pair.pair_number 
_ndb_struct_na_base_pair.pair_name 
_ndb_struct_na_base_pair.i_auth_asym_id 
_ndb_struct_na_base_pair.i_auth_seq_id 
_ndb_struct_na_base_pair.i_PDB_ins_code 
_ndb_struct_na_base_pair.j_auth_asym_id 
_ndb_struct_na_base_pair.j_auth_seq_id 
_ndb_struct_na_base_pair.j_PDB_ins_code 
_ndb_struct_na_base_pair.hbond_type_28 
_ndb_struct_na_base_pair.hbond_type_12 
1 A G 1  1_555 A C 29 1_555 -0.485 -0.174 0.379  5.242   -4.352  3.653   1  A_G6174:C6202_A A 6174 ? A 6202 ? 19 1 
1 A G 2  1_555 A C 28 1_555 -1.072 -0.024 0.289  -2.603  -17.672 11.676  2  A_G6175:C6201_A A 6175 ? A 6201 ? ?  1 
1 A U 3  1_555 A A 27 1_555 -0.577 -0.294 0.335  -8.619  -17.284 2.688   3  A_U6176:A6200_A A 6176 ? A 6200 ? 20 1 
1 A U 4  1_555 A G 26 1_555 1.922  -0.637 0.514  -6.442  -11.029 0.035   4  A_U6177:G6199_A A 6177 ? A 6199 ? 28 1 
1 A A 5  1_555 A U 25 1_555 -0.419 -0.327 0.450  5.803   -11.769 1.406   5  A_A6178:U6198_A A 6178 ? A 6198 ? 20 1 
1 A U 6  1_555 A A 24 1_555 -0.281 -0.128 0.192  -2.823  -14.102 0.884   6  A_U6179:A6197_A A 6179 ? A 6197 ? 20 1 
1 A U 7  1_555 A A 23 1_555 0.422  -0.136 0.203  -4.703  -15.962 7.816   7  A_U6180:A6196_A A 6180 ? A 6196 ? 20 1 
1 A C 8  1_555 A G 22 1_555 0.186  0.095  -0.075 9.502   -2.752  -0.190  8  A_C6181:G6195_A A 6181 ? A 6195 ? 19 1 
1 A G 10 1_555 A C 21 1_555 -0.303 -0.333 0.265  -6.950  -18.449 0.113   9  A_G6183:C6194_A A 6183 ? A 6194 ? 19 1 
1 A A 11 1_555 A U 20 1_555 -0.182 0.194  0.477  -26.907 -25.202 -3.269  10 A_A6184:U6193_A A 6184 ? A 6193 ? 20 1 
1 B A 7  1_555 A G 19 1_555 2.145  7.151  -1.426 45.091  5.545   143.397 11 B_A6209:G6192_A B 6209 ? A 6192 ? ?  6 
1 B U 10 1_555 A A 18 1_555 0.024  -0.172 0.153  -6.756  -7.083  -2.319  12 B_U6212:A6191_A B 6212 ? A 6191 ? 20 1 
1 B A 11 1_555 A U 17 1_555 0.151  -0.118 0.129  -0.965  -9.837  2.734   13 B_A6213:U6190_A B 6213 ? A 6190 ? 20 1 
1 B C 12 1_555 A G 16 1_555 0.414  -0.207 0.286  -0.627  -11.114 2.806   14 B_C6214:G6189_A B 6214 ? A 6189 ? 19 1 
1 B C 13 1_555 A G 15 1_555 0.402  -0.260 0.242  -1.424  -12.365 1.004   15 B_C6215:G6188_A B 6215 ? A 6188 ? 19 1 
1 B U 14 1_555 A A 14 1_555 0.283  0.102  -0.107 5.838   -4.576  -0.070  16 B_U6216:A6187_A B 6216 ? A 6187 ? 20 1 
# 
loop_
_ndb_struct_na_base_pair_step.model_number 
_ndb_struct_na_base_pair_step.i_label_asym_id_1 
_ndb_struct_na_base_pair_step.i_label_comp_id_1 
_ndb_struct_na_base_pair_step.i_label_seq_id_1 
_ndb_struct_na_base_pair_step.i_symmetry_1 
_ndb_struct_na_base_pair_step.j_label_asym_id_1 
_ndb_struct_na_base_pair_step.j_label_comp_id_1 
_ndb_struct_na_base_pair_step.j_label_seq_id_1 
_ndb_struct_na_base_pair_step.j_symmetry_1 
_ndb_struct_na_base_pair_step.i_label_asym_id_2 
_ndb_struct_na_base_pair_step.i_label_comp_id_2 
_ndb_struct_na_base_pair_step.i_label_seq_id_2 
_ndb_struct_na_base_pair_step.i_symmetry_2 
_ndb_struct_na_base_pair_step.j_label_asym_id_2 
_ndb_struct_na_base_pair_step.j_label_comp_id_2 
_ndb_struct_na_base_pair_step.j_label_seq_id_2 
_ndb_struct_na_base_pair_step.j_symmetry_2 
_ndb_struct_na_base_pair_step.shift 
_ndb_struct_na_base_pair_step.slide 
_ndb_struct_na_base_pair_step.rise 
_ndb_struct_na_base_pair_step.tilt 
_ndb_struct_na_base_pair_step.roll 
_ndb_struct_na_base_pair_step.twist 
_ndb_struct_na_base_pair_step.x_displacement 
_ndb_struct_na_base_pair_step.y_displacement 
_ndb_struct_na_base_pair_step.helical_rise 
_ndb_struct_na_base_pair_step.inclination 
_ndb_struct_na_base_pair_step.tip 
_ndb_struct_na_base_pair_step.helical_twist 
_ndb_struct_na_base_pair_step.step_number 
_ndb_struct_na_base_pair_step.step_name 
_ndb_struct_na_base_pair_step.i_auth_asym_id_1 
_ndb_struct_na_base_pair_step.i_auth_seq_id_1 
_ndb_struct_na_base_pair_step.i_PDB_ins_code_1 
_ndb_struct_na_base_pair_step.j_auth_asym_id_1 
_ndb_struct_na_base_pair_step.j_auth_seq_id_1 
_ndb_struct_na_base_pair_step.j_PDB_ins_code_1 
_ndb_struct_na_base_pair_step.i_auth_asym_id_2 
_ndb_struct_na_base_pair_step.i_auth_seq_id_2 
_ndb_struct_na_base_pair_step.i_PDB_ins_code_2 
_ndb_struct_na_base_pair_step.j_auth_asym_id_2 
_ndb_struct_na_base_pair_step.j_auth_seq_id_2 
_ndb_struct_na_base_pair_step.j_PDB_ins_code_2 
1 A G 1  1_555 A C 29 1_555 A G 2  1_555 A C 28 1_555 0.816  -2.324 3.375  1.186    2.692    29.607  -5.094 -1.339 3.186  5.251   
-2.313  29.750  1  AA_G6174G6175:C6201C6202_AA A 6174 ? A 6202 ? A 6175 ? A 6201 ? 
1 A G 2  1_555 A C 28 1_555 A U 3  1_555 A A 27 1_555 -0.861 -1.472 3.311  -2.035   8.255    35.059  -3.515 1.111  2.944  13.460  
3.319   36.044  2  AA_G6175U6176:A6200C6201_AA A 6175 ? A 6201 ? A 6176 ? A 6200 ? 
1 A U 3  1_555 A A 27 1_555 A U 4  1_555 A G 26 1_555 -0.169 -1.241 3.181  -1.607   4.820    39.023  -2.387 0.070  3.017  7.178   
2.393   39.340  3  AA_U6176U6177:G6199A6200_AA A 6176 ? A 6200 ? A 6177 ? A 6199 ? 
1 A U 4  1_555 A G 26 1_555 A A 5  1_555 A U 25 1_555 -0.230 -1.580 2.547  1.176    10.662   27.540  -4.667 0.624  1.811  21.396  
-2.360  29.518  4  AA_U6177A6178:U6198G6199_AA A 6177 ? A 6199 ? A 6178 ? A 6198 ? 
1 A A 5  1_555 A U 25 1_555 A U 6  1_555 A A 24 1_555 0.054  -1.249 3.537  1.890    11.555   29.433  -4.460 0.256  2.854  21.692  
-3.549  31.628  5  AA_A6178U6179:A6197U6198_AA A 6178 ? A 6198 ? A 6179 ? A 6197 ? 
1 A U 6  1_555 A A 24 1_555 A U 7  1_555 A A 23 1_555 0.213  -0.798 3.282  0.332    7.047    37.713  -2.081 -0.283 3.091  10.787  
-0.509  38.344  6  AA_U6179U6180:A6196A6197_AA A 6179 ? A 6197 ? A 6180 ? A 6196 ? 
1 A U 7  1_555 A A 23 1_555 A C 8  1_555 A G 22 1_555 -0.313 -0.646 3.026  3.508    12.217   30.529  -2.974 1.078  2.538  22.041  
-6.328  33.011  7  AA_U6180C6181:G6195A6196_AA A 6180 ? A 6196 ? A 6181 ? A 6195 ? 
1 A C 8  1_555 A G 22 1_555 A G 10 1_555 A C 21 1_555 -1.197 -1.711 3.450  -5.662   7.557    41.170  -3.182 1.060  3.230  10.580  
7.926   42.193  8  AA_C6181G6183:C6194G6195_AA A 6181 ? A 6195 ? A 6183 ? A 6194 ? 
1 A G 10 1_555 A C 21 1_555 A A 11 1_555 A U 20 1_555 -0.511 -1.884 3.694  1.852    2.759    37.922  -3.275 1.043  3.526  4.235   
-2.843  38.062  9  AA_G6183A6184:U6193C6194_AA A 6183 ? A 6194 ? A 6184 ? A 6193 ? 
1 A A 11 1_555 A U 20 1_555 B A 7  1_555 A G 19 1_555 -2.462 -2.433 -5.263 -151.753 30.519   42.399  -0.873 3.095  -0.147 16.833  
83.701  156.523 10 AB_A6184A6209:G6192U6193_AA A 6184 ? A 6193 ? B 6209 ? A 6192 ? 
1 B A 7  1_555 A G 19 1_555 B U 10 1_555 A A 18 1_555 -2.711 -2.539 2.651  83.543   -130.676 119.157 -0.680 1.745  2.638  -66.746 
-42.672 167.465 11 BB_A6209U6212:A6191G6192_AA B 6209 ? A 6192 ? B 6212 ? A 6191 ? 
1 B U 10 1_555 A A 18 1_555 B A 11 1_555 A U 17 1_555 -0.390 -1.501 2.923  1.899    10.437   32.929  -3.855 0.899  2.328  17.845  
-3.246  34.550  12 BB_U6212A6213:U6190A6191_AA B 6212 ? A 6191 ? B 6213 ? A 6190 ? 
1 B A 11 1_555 A U 17 1_555 B C 12 1_555 A G 16 1_555 0.238  -0.976 3.154  -2.181   9.950    33.210  -3.043 -0.707 2.737  16.920  
3.710   34.695  13 BB_A6213C6214:G6189U6190_AA B 6213 ? A 6190 ? B 6214 ? A 6189 ? 
1 B C 12 1_555 A G 16 1_555 B C 13 1_555 A G 15 1_555 0.325  -1.755 3.159  3.710    6.528    31.867  -4.153 0.012  2.774  11.687  
-6.643  32.718  14 BB_C6214C6215:G6188G6189_AA B 6214 ? A 6189 ? B 6215 ? A 6188 ? 
1 B C 13 1_555 A G 15 1_555 B U 14 1_555 A A 14 1_555 -0.108 -1.279 3.063  3.587    4.240    34.660  -2.701 0.670  2.867  7.061   
-5.973  35.089  15 BB_C6215U6216:A6187G6188_AA B 6215 ? A 6188 ? B 6216 ? A 6187 ? 
# 
_atom_sites.entry_id                    3B31 
_atom_sites.fract_transf_matrix[1][1]   -0.01133996 
_atom_sites.fract_transf_matrix[1][2]   -0.01269770 
_atom_sites.fract_transf_matrix[1][3]   -0.00040081 
_atom_sites.fract_transf_matrix[2][1]   -0.01153144 
_atom_sites.fract_transf_matrix[2][2]   0.01006271 
_atom_sites.fract_transf_matrix[2][3]   0.00746689 
_atom_sites.fract_transf_matrix[3][1]   -0.00316239 
_atom_sites.fract_transf_matrix[3][2]   0.00311072 
_atom_sites.fract_transf_matrix[3][3]   -0.00907596 
_atom_sites.fract_transf_vector[1]      0.208743 
_atom_sites.fract_transf_vector[2]      0.468994 
_atom_sites.fract_transf_vector[3]      0.400677 
# 
loop_
_atom_type.symbol 
C  
IR 
N  
O  
P  
# 
loop_
_atom_site.group_PDB 
_atom_site.id 
_atom_site.type_symbol 
_atom_site.label_atom_id 
_atom_site.label_alt_id 
_atom_site.label_comp_id 
_atom_site.label_asym_id 
_atom_site.label_entity_id 
_atom_site.label_seq_id 
_atom_site.pdbx_PDB_ins_code 
_atom_site.Cartn_x 
_atom_site.Cartn_y 
_atom_site.Cartn_z 
_atom_site.occupancy 
_atom_site.B_iso_or_equiv 
_atom_site.pdbx_formal_charge 
_atom_site.auth_seq_id 
_atom_site.auth_comp_id 
_atom_site.auth_asym_id 
_atom_site.auth_atom_id 
_atom_site.pdbx_PDB_model_num 
ATOM   1    O  "O5'" . G   A 1 1  ? 17.577  9.589   -5.008  1.00 73.75  ? 6174 G   A "O5'" 1 
ATOM   2    C  "C5'" . G   A 1 1  ? 17.243  10.396  -3.869  1.00 71.17  ? 6174 G   A "C5'" 1 
ATOM   3    C  "C4'" . G   A 1 1  ? 16.452  11.597  -4.306  1.00 70.37  ? 6174 G   A "C4'" 1 
ATOM   4    O  "O4'" . G   A 1 1  ? 17.170  12.255  -5.387  1.00 68.55  ? 6174 G   A "O4'" 1 
ATOM   5    C  "C3'" . G   A 1 1  ? 15.089  11.299  -4.908  1.00 70.50  ? 6174 G   A "C3'" 1 
ATOM   6    O  "O3'" . G   A 1 1  ? 14.099  11.113  -3.910  1.00 70.99  ? 6174 G   A "O3'" 1 
ATOM   7    C  "C2'" . G   A 1 1  ? 14.862  12.546  -5.746  1.00 69.18  ? 6174 G   A "C2'" 1 
ATOM   8    O  "O2'" . G   A 1 1  ? 14.572  13.680  -4.950  1.00 70.40  ? 6174 G   A "O2'" 1 
ATOM   9    C  "C1'" . G   A 1 1  ? 16.248  12.702  -6.370  1.00 66.49  ? 6174 G   A "C1'" 1 
ATOM   10   N  N9    . G   A 1 1  ? 16.405  11.852  -7.546  1.00 62.57  ? 6174 G   A N9    1 
ATOM   11   C  C8    . G   A 1 1  ? 17.217  10.750  -7.678  1.00 60.44  ? 6174 G   A C8    1 
ATOM   12   N  N7    . G   A 1 1  ? 17.110  10.171  -8.844  1.00 57.22  ? 6174 G   A N7    1 
ATOM   13   C  C5    . G   A 1 1  ? 16.178  10.944  -9.526  1.00 57.04  ? 6174 G   A C5    1 
ATOM   14   C  C6    . G   A 1 1  ? 15.654  10.805  -10.828 1.00 56.04  ? 6174 G   A C6    1 
ATOM   15   O  O6    . G   A 1 1  ? 15.919  9.947   -11.674 1.00 53.94  ? 6174 G   A O6    1 
ATOM   16   N  N1    . G   A 1 1  ? 14.728  11.802  -11.119 1.00 55.96  ? 6174 G   A N1    1 
ATOM   17   C  C2    . G   A 1 1  ? 14.359  12.810  -10.262 1.00 57.43  ? 6174 G   A C2    1 
ATOM   18   N  N2    . G   A 1 1  ? 13.445  13.683  -10.720 1.00 57.22  ? 6174 G   A N2    1 
ATOM   19   N  N3    . G   A 1 1  ? 14.845  12.953  -9.043  1.00 58.16  ? 6174 G   A N3    1 
ATOM   20   C  C4    . G   A 1 1  ? 15.742  11.990  -8.742  1.00 59.12  ? 6174 G   A C4    1 
ATOM   21   P  P     . G   A 1 2  ? 12.903  10.072  -4.169  1.00 71.18  ? 6175 G   A P     1 
ATOM   22   O  OP1   . G   A 1 2  ? 12.144  9.990   -2.898  1.00 71.92  ? 6175 G   A OP1   1 
ATOM   23   O  OP2   . G   A 1 2  ? 13.468  8.832   -4.771  1.00 70.20  ? 6175 G   A OP2   1 
ATOM   24   O  "O5'" . G   A 1 2  ? 11.980  10.789  -5.254  1.00 69.35  ? 6175 G   A "O5'" 1 
ATOM   25   C  "C5'" . G   A 1 2  ? 11.490  12.104  -5.035  1.00 66.50  ? 6175 G   A "C5'" 1 
ATOM   26   C  "C4'" . G   A 1 2  ? 10.859  12.642  -6.297  1.00 66.07  ? 6175 G   A "C4'" 1 
ATOM   27   O  "O4'" . G   A 1 2  ? 11.862  12.692  -7.347  1.00 65.89  ? 6175 G   A "O4'" 1 
ATOM   28   C  "C3'" . G   A 1 2  ? 9.755   11.796  -6.910  1.00 65.86  ? 6175 G   A "C3'" 1 
ATOM   29   O  "O3'" . G   A 1 2  ? 8.511   11.985  -6.255  1.00 66.45  ? 6175 G   A "O3'" 1 
ATOM   30   C  "C2'" . G   A 1 2  ? 9.751   12.289  -8.351  1.00 64.90  ? 6175 G   A "C2'" 1 
ATOM   31   O  "O2'" . G   A 1 2  ? 9.125   13.542  -8.527  1.00 65.68  ? 6175 G   A "O2'" 1 
ATOM   32   C  "C1'" . G   A 1 2  ? 11.249  12.433  -8.604  1.00 63.87  ? 6175 G   A "C1'" 1 
ATOM   33   N  N9    . G   A 1 2  ? 11.817  11.204  -9.147  1.00 60.93  ? 6175 G   A N9    1 
ATOM   34   C  C8    . G   A 1 2  ? 12.683  10.341  -8.520  1.00 59.19  ? 6175 G   A C8    1 
ATOM   35   N  N7    . G   A 1 2  ? 13.022  9.324   -9.268  1.00 59.04  ? 6175 G   A N7    1 
ATOM   36   C  C5    . G   A 1 2  ? 12.341  9.529   -10.459 1.00 57.66  ? 6175 G   A C5    1 
ATOM   37   C  C6    . G   A 1 2  ? 12.322  8.757   -11.646 1.00 57.24  ? 6175 G   A C6    1 
ATOM   38   O  O6    . G   A 1 2  ? 12.945  7.715   -11.898 1.00 56.74  ? 6175 G   A O6    1 
ATOM   39   N  N1    . G   A 1 2  ? 11.477  9.310   -12.603 1.00 56.66  ? 6175 G   A N1    1 
ATOM   40   C  C2    . G   A 1 2  ? 10.752  10.466  -12.440 1.00 57.48  ? 6175 G   A C2    1 
ATOM   41   N  N2    . G   A 1 2  ? 9.984   10.830  -13.480 1.00 57.68  ? 6175 G   A N2    1 
ATOM   42   N  N3    . G   A 1 2  ? 10.775  11.207  -11.342 1.00 57.00  ? 6175 G   A N3    1 
ATOM   43   C  C4    . G   A 1 2  ? 11.584  10.681  -10.398 1.00 58.86  ? 6175 G   A C4    1 
ATOM   44   P  P     . U   A 1 3  ? 7.535   10.729  -6.042  1.00 65.17  ? 6176 U   A P     1 
ATOM   45   O  OP1   . U   A 1 3  ? 6.542   11.122  -5.013  1.00 67.35  ? 6176 U   A OP1   1 
ATOM   46   O  OP2   . U   A 1 3  ? 8.364   9.517   -5.840  1.00 64.38  ? 6176 U   A OP2   1 
ATOM   47   O  "O5'" . U   A 1 3  ? 6.776   10.599  -7.434  1.00 63.76  ? 6176 U   A "O5'" 1 
ATOM   48   C  "C5'" . U   A 1 3  ? 6.037   11.693  -7.957  1.00 61.46  ? 6176 U   A "C5'" 1 
ATOM   49   C  "C4'" . U   A 1 3  ? 5.559   11.372  -9.348  1.00 59.93  ? 6176 U   A "C4'" 1 
ATOM   50   O  "O4'" . U   A 1 3  ? 6.695   11.269  -10.240 1.00 59.18  ? 6176 U   A "O4'" 1 
ATOM   51   C  "C3'" . U   A 1 3  ? 4.889   10.022  -9.479  1.00 59.96  ? 6176 U   A "C3'" 1 
ATOM   52   O  "O3'" . U   A 1 3  ? 3.540   10.080  -9.065  1.00 60.88  ? 6176 U   A "O3'" 1 
ATOM   53   C  "C2'" . U   A 1 3  ? 5.033   9.739   -10.966 1.00 59.38  ? 6176 U   A "C2'" 1 
ATOM   54   O  "O2'" . U   A 1 3  ? 4.088   10.418  -11.761 1.00 59.26  ? 6176 U   A "O2'" 1 
ATOM   55   C  "C1'" . U   A 1 3  ? 6.436   10.286  -11.232 1.00 58.08  ? 6176 U   A "C1'" 1 
ATOM   56   N  N1    . U   A 1 3  ? 7.454   9.234   -11.116 1.00 55.16  ? 6176 U   A N1    1 
ATOM   57   C  C2    . U   A 1 3  ? 7.603   8.373   -12.183 1.00 54.31  ? 6176 U   A C2    1 
ATOM   58   O  O2    . U   A 1 3  ? 6.942   8.464   -13.205 1.00 54.87  ? 6176 U   A O2    1 
ATOM   59   N  N3    . U   A 1 3  ? 8.553   7.400   -12.012 1.00 51.96  ? 6176 U   A N3    1 
ATOM   60   C  C4    . U   A 1 3  ? 9.351   7.209   -10.907 1.00 51.58  ? 6176 U   A C4    1 
ATOM   61   O  O4    . U   A 1 3  ? 10.137  6.263   -10.888 1.00 48.89  ? 6176 U   A O4    1 
ATOM   62   C  C5    . U   A 1 3  ? 9.142   8.147   -9.848  1.00 52.25  ? 6176 U   A C5    1 
ATOM   63   C  C6    . U   A 1 3  ? 8.224   9.103   -9.985  1.00 53.82  ? 6176 U   A C6    1 
ATOM   64   P  P     . U   A 1 4  ? 2.859   8.775   -8.432  1.00 62.06  ? 6177 U   A P     1 
ATOM   65   O  OP1   . U   A 1 4  ? 1.473   9.150   -8.041  1.00 61.48  ? 6177 U   A OP1   1 
ATOM   66   O  OP2   . U   A 1 4  ? 3.788   8.218   -7.408  1.00 61.40  ? 6177 U   A OP2   1 
ATOM   67   O  "O5'" . U   A 1 4  ? 2.775   7.773   -9.669  1.00 58.83  ? 6177 U   A "O5'" 1 
ATOM   68   C  "C5'" . U   A 1 4  ? 2.069   8.138   -10.848 1.00 56.56  ? 6177 U   A "C5'" 1 
ATOM   69   C  "C4'" . U   A 1 4  ? 2.372   7.167   -11.962 1.00 55.07  ? 6177 U   A "C4'" 1 
ATOM   70   O  "O4'" . U   A 1 4  ? 3.783   7.234   -12.290 1.00 55.26  ? 6177 U   A "O4'" 1 
ATOM   71   C  "C3'" . U   A 1 4  ? 2.164   5.706   -11.620 1.00 55.57  ? 6177 U   A "C3'" 1 
ATOM   72   O  "O3'" . U   A 1 4  ? 0.802   5.335   -11.744 1.00 55.48  ? 6177 U   A "O3'" 1 
ATOM   73   C  "C2'" . U   A 1 4  ? 3.045   5.001   -12.645 1.00 54.99  ? 6177 U   A "C2'" 1 
ATOM   74   O  "O2'" . U   A 1 4  ? 2.445   4.864   -13.917 1.00 54.96  ? 6177 U   A "O2'" 1 
ATOM   75   C  "C1'" . U   A 1 4  ? 4.234   5.959   -12.727 1.00 53.03  ? 6177 U   A "C1'" 1 
ATOM   76   N  N1    . U   A 1 4  ? 5.347   5.534   -11.870 1.00 50.40  ? 6177 U   A N1    1 
ATOM   77   C  C2    . U   A 1 4  ? 6.154   4.517   -12.342 1.00 49.84  ? 6177 U   A C2    1 
ATOM   78   O  O2    . U   A 1 4  ? 5.977   3.982   -13.423 1.00 51.32  ? 6177 U   A O2    1 
ATOM   79   N  N3    . U   A 1 4  ? 7.172   4.145   -11.503 1.00 48.50  ? 6177 U   A N3    1 
ATOM   80   C  C4    . U   A 1 4  ? 7.459   4.675   -10.264 1.00 49.01  ? 6177 U   A C4    1 
ATOM   81   O  O4    . U   A 1 4  ? 8.408   4.226   -9.619  1.00 48.78  ? 6177 U   A O4    1 
ATOM   82   C  C5    . U   A 1 4  ? 6.581   5.730   -9.847  1.00 47.78  ? 6177 U   A C5    1 
ATOM   83   C  C6    . U   A 1 4  ? 5.580   6.114   -10.648 1.00 49.10  ? 6177 U   A C6    1 
ATOM   84   P  P     . A   A 1 5  ? 0.279   4.007   -11.015 1.00 56.05  ? 6178 A   A P     1 
ATOM   85   O  OP1   . A   A 1 5  ? -1.198  4.022   -11.115 1.00 56.84  ? 6178 A   A OP1   1 
ATOM   86   O  OP2   . A   A 1 5  ? 0.928   3.903   -9.684  1.00 53.49  ? 6178 A   A OP2   1 
ATOM   87   O  "O5'" . A   A 1 5  ? 0.808   2.823   -11.932 1.00 55.03  ? 6178 A   A "O5'" 1 
ATOM   88   C  "C5'" . A   A 1 5  ? 0.167   2.526   -13.162 1.00 54.26  ? 6178 A   A "C5'" 1 
ATOM   89   C  "C4'" . A   A 1 5  ? 0.792   1.308   -13.788 1.00 54.27  ? 6178 A   A "C4'" 1 
ATOM   90   O  "O4'" . A   A 1 5  ? 2.168   1.598   -14.144 1.00 53.63  ? 6178 A   A "O4'" 1 
ATOM   91   C  "C3'" . A   A 1 5  ? 0.888   0.098   -12.880 1.00 54.27  ? 6178 A   A "C3'" 1 
ATOM   92   O  "O3'" . A   A 1 5  ? -0.333  -0.630  -12.893 1.00 53.05  ? 6178 A   A "O3'" 1 
ATOM   93   C  "C2'" . A   A 1 5  ? 2.021   -0.687  -13.526 1.00 54.29  ? 6178 A   A "C2'" 1 
ATOM   94   O  "O2'" . A   A 1 5  ? 1.588   -1.389  -14.673 1.00 55.03  ? 6178 A   A "O2'" 1 
ATOM   95   C  "C1'" . A   A 1 5  ? 2.965   0.443   -13.941 1.00 52.81  ? 6178 A   A "C1'" 1 
ATOM   96   N  N9    . A   A 1 5  ? 3.956   0.756   -12.916 1.00 50.72  ? 6178 A   A N9    1 
ATOM   97   C  C8    . A   A 1 5  ? 3.838   1.662   -11.893 1.00 49.28  ? 6178 A   A C8    1 
ATOM   98   N  N7    . A   A 1 5  ? 4.885   1.708   -11.105 1.00 49.44  ? 6178 A   A N7    1 
ATOM   99   C  C5    . A   A 1 5  ? 5.753   0.774   -11.651 1.00 48.64  ? 6178 A   A C5    1 
ATOM   100  C  C6    . A   A 1 5  ? 7.035   0.343   -11.269 1.00 48.03  ? 6178 A   A C6    1 
ATOM   101  N  N6    . A   A 1 5  ? 7.688   0.813   -10.202 1.00 45.48  ? 6178 A   A N6    1 
ATOM   102  N  N1    . A   A 1 5  ? 7.630   -0.604  -12.029 1.00 48.36  ? 6178 A   A N1    1 
ATOM   103  C  C2    . A   A 1 5  ? 6.967   -1.080  -13.097 1.00 48.62  ? 6178 A   A C2    1 
ATOM   104  N  N3    . A   A 1 5  ? 5.757   -0.756  -13.551 1.00 49.52  ? 6178 A   A N3    1 
ATOM   105  C  C4    . A   A 1 5  ? 5.198   0.186   -12.774 1.00 49.19  ? 6178 A   A C4    1 
ATOM   106  P  P     . U   A 1 6  ? -0.751  -1.496  -11.606 1.00 52.78  ? 6179 U   A P     1 
ATOM   107  O  OP1   . U   A 1 6  ? -2.127  -2.004  -11.841 1.00 50.62  ? 6179 U   A OP1   1 
ATOM   108  O  OP2   . U   A 1 6  ? -0.462  -0.682  -10.388 1.00 51.25  ? 6179 U   A OP2   1 
ATOM   109  O  "O5'" . U   A 1 6  ? 0.243   -2.737  -11.669 1.00 49.02  ? 6179 U   A "O5'" 1 
ATOM   110  C  "C5'" . U   A 1 6  ? 0.243   -3.593  -12.807 1.00 47.33  ? 6179 U   A "C5'" 1 
ATOM   111  C  "C4'" . U   A 1 6  ? 1.481   -4.453  -12.822 1.00 45.81  ? 6179 U   A "C4'" 1 
ATOM   112  O  "O4'" . U   A 1 6  ? 2.651   -3.599  -12.877 1.00 44.11  ? 6179 U   A "O4'" 1 
ATOM   113  C  "C3'" . U   A 1 6  ? 1.716   -5.296  -11.582 1.00 45.39  ? 6179 U   A "C3'" 1 
ATOM   114  O  "O3'" . U   A 1 6  ? 0.982   -6.511  -11.642 1.00 45.48  ? 6179 U   A "O3'" 1 
ATOM   115  C  "C2'" . U   A 1 6  ? 3.212   -5.558  -11.660 1.00 44.82  ? 6179 U   A "C2'" 1 
ATOM   116  O  "O2'" . U   A 1 6  ? 3.513   -6.565  -12.600 1.00 41.92  ? 6179 U   A "O2'" 1 
ATOM   117  C  "C1'" . U   A 1 6  ? 3.720   -4.217  -12.187 1.00 44.58  ? 6179 U   A "C1'" 1 
ATOM   118  N  N1    . U   A 1 6  ? 4.188   -3.311  -11.130 1.00 43.53  ? 6179 U   A N1    1 
ATOM   119  C  C2    . U   A 1 6  ? 5.442   -3.553  -10.626 1.00 43.52  ? 6179 U   A C2    1 
ATOM   120  O  O2    . U   A 1 6  ? 6.117   -4.492  -11.004 1.00 43.37  ? 6179 U   A O2    1 
ATOM   121  N  N3    . U   A 1 6  ? 5.870   -2.665  -9.667  1.00 41.02  ? 6179 U   A N3    1 
ATOM   122  C  C4    . U   A 1 6  ? 5.169   -1.586  -9.173  1.00 42.32  ? 6179 U   A C4    1 
ATOM   123  O  O4    . U   A 1 6  ? 5.689   -0.862  -8.322  1.00 44.65  ? 6179 U   A O4    1 
ATOM   124  C  C5    . U   A 1 6  ? 3.867   -1.415  -9.732  1.00 42.38  ? 6179 U   A C5    1 
ATOM   125  C  C6    . U   A 1 6  ? 3.428   -2.263  -10.669 1.00 43.53  ? 6179 U   A C6    1 
ATOM   126  P  P     . U   A 1 7  ? 0.651   -7.297  -10.282 1.00 46.23  ? 6180 U   A P     1 
ATOM   127  O  OP1   . U   A 1 7  ? -0.231  -8.445  -10.619 1.00 45.03  ? 6180 U   A OP1   1 
ATOM   128  O  OP2   . U   A 1 7  ? 0.185   -6.271  -9.309  1.00 45.58  ? 6180 U   A OP2   1 
ATOM   129  O  "O5'" . U   A 1 7  ? 2.070   -7.846  -9.809  1.00 42.63  ? 6180 U   A "O5'" 1 
ATOM   130  C  "C5'" . U   A 1 7  ? 2.763   -8.825  -10.570 1.00 42.60  ? 6180 U   A "C5'" 1 
ATOM   131  C  "C4'" . U   A 1 7  ? 4.111   -9.104  -9.950  1.00 43.66  ? 6180 U   A "C4'" 1 
ATOM   132  O  "O4'" . U   A 1 7  ? 4.915   -7.897  -10.008 1.00 42.34  ? 6180 U   A "O4'" 1 
ATOM   133  C  "C3'" . U   A 1 7  ? 4.095   -9.452  -8.474  1.00 44.24  ? 6180 U   A "C3'" 1 
ATOM   134  O  "O3'" . U   A 1 7  ? 3.838   -10.833 -8.297  1.00 46.11  ? 6180 U   A "O3'" 1 
ATOM   135  C  "C2'" . U   A 1 7  ? 5.500   -9.069  -8.039  1.00 43.32  ? 6180 U   A "C2'" 1 
ATOM   136  O  "O2'" . U   A 1 7  ? 6.466   -10.026 -8.426  1.00 43.78  ? 6180 U   A "O2'" 1 
ATOM   137  C  "C1'" . U   A 1 7  ? 5.714   -7.792  -8.845  1.00 41.29  ? 6180 U   A "C1'" 1 
ATOM   138  N  N1    . U   A 1 7  ? 5.312   -6.567  -8.144  1.00 39.63  ? 6180 U   A N1    1 
ATOM   139  C  C2    . U   A 1 7  ? 6.223   -5.969  -7.297  1.00 39.36  ? 6180 U   A C2    1 
ATOM   140  O  O2    . U   A 1 7  ? 7.302   -6.450  -7.049  1.00 40.85  ? 6180 U   A O2    1 
ATOM   141  N  N3    . U   A 1 7  ? 5.814   -4.783  -6.745  1.00 36.98  ? 6180 U   A N3    1 
ATOM   142  C  C4    . U   A 1 7  ? 4.611   -4.158  -6.938  1.00 37.76  ? 6180 U   A C4    1 
ATOM   143  O  O4    . U   A 1 7  ? 4.448   -3.019  -6.504  1.00 38.36  ? 6180 U   A O4    1 
ATOM   144  C  C5    . U   A 1 7  ? 3.706   -4.868  -7.783  1.00 37.65  ? 6180 U   A C5    1 
ATOM   145  C  C6    . U   A 1 7  ? 4.080   -6.020  -8.344  1.00 39.07  ? 6180 U   A C6    1 
ATOM   146  P  P     . C   A 1 8  ? 3.112   -11.330 -6.959  1.00 50.11  ? 6181 C   A P     1 
ATOM   147  O  OP1   . C   A 1 8  ? 2.791   -12.764 -7.156  1.00 45.92  ? 6181 C   A OP1   1 
ATOM   148  O  OP2   . C   A 1 8  ? 2.028   -10.367 -6.597  1.00 48.69  ? 6181 C   A OP2   1 
ATOM   149  O  "O5'" . C   A 1 8  ? 4.270   -11.214 -5.872  1.00 50.08  ? 6181 C   A "O5'" 1 
ATOM   150  C  "C5'" . C   A 1 8  ? 5.571   -11.711 -6.156  1.00 49.52  ? 6181 C   A "C5'" 1 
ATOM   151  C  "C4'" . C   A 1 8  ? 6.399   -11.746 -4.905  1.00 49.73  ? 6181 C   A "C4'" 1 
ATOM   152  O  "O4'" . C   A 1 8  ? 6.795   -10.390 -4.547  1.00 47.63  ? 6181 C   A "O4'" 1 
ATOM   153  C  "C3'" . C   A 1 8  ? 5.583   -12.254 -3.731  1.00 51.04  ? 6181 C   A "C3'" 1 
ATOM   154  O  "O3'" . C   A 1 8  ? 5.792   -13.576 -3.225  1.00 55.53  ? 6181 C   A "O3'" 1 
ATOM   155  C  "C2'" . C   A 1 8  ? 5.120   -11.036 -2.936  1.00 48.78  ? 6181 C   A "C2'" 1 
ATOM   156  O  "O2'" . C   A 1 8  ? 5.220   -11.211 -1.540  1.00 50.17  ? 6181 C   A "O2'" 1 
ATOM   157  C  "C1'" . C   A 1 8  ? 6.130   -9.964  -3.367  1.00 46.60  ? 6181 C   A "C1'" 1 
ATOM   158  N  N1    . C   A 1 8  ? 5.539   -8.636  -3.605  1.00 43.06  ? 6181 C   A N1    1 
ATOM   159  C  C2    . C   A 1 8  ? 6.163   -7.501  -3.072  1.00 40.34  ? 6181 C   A C2    1 
ATOM   160  O  O2    . C   A 1 8  ? 7.229   -7.630  -2.480  1.00 40.64  ? 6181 C   A O2    1 
ATOM   161  N  N3    . C   A 1 8  ? 5.592   -6.292  -3.225  1.00 38.87  ? 6181 C   A N3    1 
ATOM   162  C  C4    . C   A 1 8  ? 4.448   -6.179  -3.891  1.00 39.28  ? 6181 C   A C4    1 
ATOM   163  N  N4    . C   A 1 8  ? 3.914   -4.952  -3.994  1.00 37.00  ? 6181 C   A N4    1 
ATOM   164  C  C5    . C   A 1 8  ? 3.799   -7.312  -4.475  1.00 39.92  ? 6181 C   A C5    1 
ATOM   165  C  C6    . C   A 1 8  ? 4.378   -8.510  -4.310  1.00 42.90  ? 6181 C   A C6    1 
ATOM   166  P  P     . A   A 1 9  ? 7.169   -13.935 -2.473  1.00 56.86  ? 6182 A   A P     1 
ATOM   167  O  OP1   . A   A 1 9  ? 7.866   -12.658 -2.185  1.00 58.37  ? 6182 A   A OP1   1 
ATOM   168  O  OP2   . A   A 1 9  ? 7.852   -14.977 -3.282  1.00 56.82  ? 6182 A   A OP2   1 
ATOM   169  O  "O5'" . A   A 1 9  ? 6.723   -14.611 -1.103  1.00 54.35  ? 6182 A   A "O5'" 1 
ATOM   170  C  "C5'" . A   A 1 9  ? 5.373   -14.563 -0.682  1.00 51.13  ? 6182 A   A "C5'" 1 
ATOM   171  C  "C4'" . A   A 1 9  ? 5.279   -14.930 0.772   1.00 49.65  ? 6182 A   A "C4'" 1 
ATOM   172  O  "O4'" . A   A 1 9  ? 5.844   -16.247 0.963   1.00 49.41  ? 6182 A   A "O4'" 1 
ATOM   173  C  "C3'" . A   A 1 9  ? 6.093   -14.060 1.716   1.00 48.14  ? 6182 A   A "C3'" 1 
ATOM   174  O  "O3'" . A   A 1 9  ? 5.299   -12.952 2.100   1.00 45.72  ? 6182 A   A "O3'" 1 
ATOM   175  C  "C2'" . A   A 1 9  ? 6.264   -14.966 2.928   1.00 47.14  ? 6182 A   A "C2'" 1 
ATOM   176  O  "O2'" . A   A 1 9  ? 5.117   -14.924 3.750   1.00 50.36  ? 6182 A   A "O2'" 1 
ATOM   177  C  "C1'" . A   A 1 9  ? 6.336   -16.349 2.281   1.00 46.86  ? 6182 A   A "C1'" 1 
ATOM   178  N  N9    . A   A 1 9  ? 7.670   -16.927 2.246   1.00 44.42  ? 6182 A   A N9    1 
ATOM   179  C  C8    . A   A 1 9  ? 8.638   -16.806 1.284   1.00 43.31  ? 6182 A   A C8    1 
ATOM   180  N  N7    . A   A 1 9  ? 9.739   -17.464 1.560   1.00 43.19  ? 6182 A   A N7    1 
ATOM   181  C  C5    . A   A 1 9  ? 9.473   -18.059 2.788   1.00 42.63  ? 6182 A   A C5    1 
ATOM   182  C  C6    . A   A 1 9  ? 10.236  -18.895 3.624   1.00 43.10  ? 6182 A   A C6    1 
ATOM   183  N  N6    . A   A 1 9  ? 11.473  -19.298 3.336   1.00 43.79  ? 6182 A   A N6    1 
ATOM   184  N  N1    . A   A 1 9  ? 9.675   -19.310 4.781   1.00 41.15  ? 6182 A   A N1    1 
ATOM   185  C  C2    . A   A 1 9  ? 8.431   -18.911 5.067   1.00 41.19  ? 6182 A   A C2    1 
ATOM   186  N  N3    . A   A 1 9  ? 7.614   -18.131 4.365   1.00 41.87  ? 6182 A   A N3    1 
ATOM   187  C  C4    . A   A 1 9  ? 8.204   -17.735 3.221   1.00 43.17  ? 6182 A   A C4    1 
ATOM   188  P  P     . G   A 1 10 ? 5.715   -11.480 1.642   1.00 43.22  ? 6183 G   A P     1 
ATOM   189  O  OP1   . G   A 1 10 ? 4.475   -10.669 1.601   1.00 44.58  ? 6183 G   A OP1   1 
ATOM   190  O  OP2   . G   A 1 10 ? 6.574   -11.598 0.434   1.00 44.95  ? 6183 G   A OP2   1 
ATOM   191  O  "O5'" . G   A 1 10 ? 6.631   -10.926 2.817   1.00 43.26  ? 6183 G   A "O5'" 1 
ATOM   192  C  "C5'" . G   A 1 10 ? 8.031   -11.180 2.825   1.00 39.63  ? 6183 G   A "C5'" 1 
ATOM   193  C  "C4'" . G   A 1 10 ? 8.776   -9.911  3.152   1.00 39.25  ? 6183 G   A "C4'" 1 
ATOM   194  O  "O4'" . G   A 1 10 ? 8.844   -9.062  1.983   1.00 38.90  ? 6183 G   A "O4'" 1 
ATOM   195  C  "C3'" . G   A 1 10 ? 8.113   -9.040  4.204   1.00 37.59  ? 6183 G   A "C3'" 1 
ATOM   196  O  "O3'" . G   A 1 10 ? 8.436   -9.503  5.499   1.00 35.59  ? 6183 G   A "O3'" 1 
ATOM   197  C  "C2'" . G   A 1 10 ? 8.714   -7.674  3.899   1.00 39.35  ? 6183 G   A "C2'" 1 
ATOM   198  O  "O2'" . G   A 1 10 ? 10.036  -7.528  4.378   1.00 40.58  ? 6183 G   A "O2'" 1 
ATOM   199  C  "C1'" . G   A 1 10 ? 8.727   -7.704  2.371   1.00 37.00  ? 6183 G   A "C1'" 1 
ATOM   200  N  N9    . G   A 1 10 ? 7.503   -7.181  1.775   1.00 36.67  ? 6183 G   A N9    1 
ATOM   201  C  C8    . G   A 1 10 ? 6.629   -7.860  0.961   1.00 36.09  ? 6183 G   A C8    1 
ATOM   202  N  N7    . G   A 1 10 ? 5.623   -7.128  0.568   1.00 33.76  ? 6183 G   A N7    1 
ATOM   203  C  C5    . G   A 1 10 ? 5.844   -5.893  1.161   1.00 33.39  ? 6183 G   A C5    1 
ATOM   204  C  C6    . G   A 1 10 ? 5.087   -4.704  1.098   1.00 35.42  ? 6183 G   A C6    1 
ATOM   205  O  O6    . G   A 1 10 ? 4.034   -4.492  0.478   1.00 34.88  ? 6183 G   A O6    1 
ATOM   206  N  N1    . G   A 1 10 ? 5.666   -3.688  1.853   1.00 35.14  ? 6183 G   A N1    1 
ATOM   207  C  C2    . G   A 1 10 ? 6.831   -3.805  2.572   1.00 35.34  ? 6183 G   A C2    1 
ATOM   208  N  N2    . G   A 1 10 ? 7.240   -2.716  3.235   1.00 33.78  ? 6183 G   A N2    1 
ATOM   209  N  N3    . G   A 1 10 ? 7.548   -4.913  2.634   1.00 35.59  ? 6183 G   A N3    1 
ATOM   210  C  C4    . G   A 1 10 ? 6.998   -5.910  1.910   1.00 35.25  ? 6183 G   A C4    1 
ATOM   211  P  P     . A   A 1 11 ? 7.452   -9.190  6.725   1.00 37.17  ? 6184 A   A P     1 
ATOM   212  O  OP1   . A   A 1 11 ? 8.061   -9.777  7.945   1.00 36.73  ? 6184 A   A OP1   1 
ATOM   213  O  OP2   . A   A 1 11 ? 6.075   -9.582  6.335   1.00 36.32  ? 6184 A   A OP2   1 
ATOM   214  O  "O5'" . A   A 1 11 ? 7.488   -7.604  6.861   1.00 36.99  ? 6184 A   A "O5'" 1 
ATOM   215  C  "C5'" . A   A 1 11 ? 8.627   -6.918  7.360   1.00 35.04  ? 6184 A   A "C5'" 1 
ATOM   216  C  "C4'" . A   A 1 11 ? 8.294   -5.457  7.521   1.00 34.41  ? 6184 A   A "C4'" 1 
ATOM   217  O  "O4'" . A   A 1 11 ? 7.869   -4.966  6.226   1.00 35.89  ? 6184 A   A "O4'" 1 
ATOM   218  C  "C3'" . A   A 1 11 ? 7.109   -5.141  8.420   1.00 33.86  ? 6184 A   A "C3'" 1 
ATOM   219  O  "O3'" . A   A 1 11 ? 7.503   -5.022  9.774   1.00 32.54  ? 6184 A   A "O3'" 1 
ATOM   220  C  "C2'" . A   A 1 11 ? 6.647   -3.792  7.889   1.00 34.68  ? 6184 A   A "C2'" 1 
ATOM   221  O  "O2'" . A   A 1 11 ? 7.438   -2.722  8.356   1.00 36.30  ? 6184 A   A "O2'" 1 
ATOM   222  C  "C1'" . A   A 1 11 ? 6.877   -3.967  6.393   1.00 34.45  ? 6184 A   A "C1'" 1 
ATOM   223  N  N9    . A   A 1 11 ? 5.670   -4.381  5.684   1.00 32.86  ? 6184 A   A N9    1 
ATOM   224  C  C8    . A   A 1 11 ? 5.354   -5.614  5.179   1.00 32.84  ? 6184 A   A C8    1 
ATOM   225  N  N7    . A   A 1 11 ? 4.194   -5.653  4.571   1.00 30.78  ? 6184 A   A N7    1 
ATOM   226  C  C5    . A   A 1 11 ? 3.715   -4.357  4.685   1.00 32.43  ? 6184 A   A C5    1 
ATOM   227  C  C6    . A   A 1 11 ? 2.543   -3.734  4.223   1.00 31.28  ? 6184 A   A C6    1 
ATOM   228  N  N6    . A   A 1 11 ? 1.611   -4.345  3.499   1.00 31.02  ? 6184 A   A N6    1 
ATOM   229  N  N1    . A   A 1 11 ? 2.367   -2.435  4.515   1.00 32.14  ? 6184 A   A N1    1 
ATOM   230  C  C2    . A   A 1 11 ? 3.314   -1.799  5.201   1.00 29.96  ? 6184 A   A C2    1 
ATOM   231  N  N3    . A   A 1 11 ? 4.463   -2.262  5.674   1.00 31.64  ? 6184 A   A N3    1 
ATOM   232  C  C4    . A   A 1 11 ? 4.607   -3.565  5.379   1.00 32.22  ? 6184 A   A C4    1 
ATOM   233  P  P     . U   A 1 12 ? 6.475   -5.423  10.941  1.00 32.06  ? 6185 U   A P     1 
ATOM   234  O  OP1   . U   A 1 12 ? 7.048   -4.881  12.199  1.00 32.65  ? 6185 U   A OP1   1 
ATOM   235  O  OP2   . U   A 1 12 ? 6.183   -6.873  10.825  1.00 32.47  ? 6185 U   A OP2   1 
ATOM   236  O  "O5'" . U   A 1 12 ? 5.145   -4.601  10.632  1.00 30.35  ? 6185 U   A "O5'" 1 
ATOM   237  C  "C5'" . U   A 1 12 ? 5.055   -3.205  10.914  1.00 31.42  ? 6185 U   A "C5'" 1 
ATOM   238  C  "C4'" . U   A 1 12 ? 3.692   -2.685  10.512  1.00 32.16  ? 6185 U   A "C4'" 1 
ATOM   239  O  "O4'" . U   A 1 12 ? 3.521   -2.812  9.070   1.00 33.74  ? 6185 U   A "O4'" 1 
ATOM   240  C  "C3'" . U   A 1 12 ? 2.520   -3.458  11.083  1.00 32.07  ? 6185 U   A "C3'" 1 
ATOM   241  O  "O3'" . U   A 1 12 ? 2.198   -2.974  12.366  1.00 31.36  ? 6185 U   A "O3'" 1 
ATOM   242  C  "C2'" . U   A 1 12 ? 1.410   -3.127  10.101  1.00 32.47  ? 6185 U   A "C2'" 1 
ATOM   243  O  "O2'" . U   A 1 12 ? 0.885   -1.842  10.342  1.00 33.89  ? 6185 U   A "O2'" 1 
ATOM   244  C  "C1'" . U   A 1 12 ? 2.176   -3.163  8.779   1.00 32.94  ? 6185 U   A "C1'" 1 
ATOM   245  N  N1    . U   A 1 12 ? 2.179   -4.499  8.169   1.00 33.31  ? 6185 U   A N1    1 
ATOM   246  C  C2    . U   A 1 12 ? 1.109   -4.838  7.371   1.00 33.20  ? 6185 U   A C2    1 
ATOM   247  O  O2    . U   A 1 12 ? 0.163   -4.105  7.199   1.00 34.80  ? 6185 U   A O2    1 
ATOM   248  N  N3    . U   A 1 12 ? 1.183   -6.076  6.791   1.00 33.05  ? 6185 U   A N3    1 
ATOM   249  C  C4    . U   A 1 12 ? 2.193   -6.998  6.941   1.00 31.93  ? 6185 U   A C4    1 
ATOM   250  O  O4    . U   A 1 12 ? 2.108   -8.090  6.372   1.00 33.26  ? 6185 U   A O4    1 
ATOM   251  C  C5    . U   A 1 12 ? 3.251   -6.584  7.802   1.00 31.10  ? 6185 U   A C5    1 
ATOM   252  C  C6    . U   A 1 12 ? 3.211   -5.377  8.374   1.00 32.06  ? 6185 U   A C6    1 
ATOM   253  P  P     . U   A 1 13 ? 1.772   -4.002  13.512  1.00 34.55  ? 6186 U   A P     1 
ATOM   254  O  OP1   . U   A 1 13 ? 1.469   -3.174  14.702  1.00 33.31  ? 6186 U   A OP1   1 
ATOM   255  O  OP2   . U   A 1 13 ? 2.788   -5.076  13.586  1.00 33.16  ? 6186 U   A OP2   1 
ATOM   256  O  "O5'" . U   A 1 13 ? 0.419   -4.652  12.987  1.00 34.91  ? 6186 U   A "O5'" 1 
ATOM   257  C  "C5'" . U   A 1 13 ? -0.794  -3.909  12.966  1.00 34.81  ? 6186 U   A "C5'" 1 
ATOM   258  C  "C4'" . U   A 1 13 ? -1.918  -4.796  12.494  1.00 36.90  ? 6186 U   A "C4'" 1 
ATOM   259  O  "O4'" . U   A 1 13 ? -1.667  -5.195  11.118  1.00 36.94  ? 6186 U   A "O4'" 1 
ATOM   260  C  "C3'" . U   A 1 13 ? -2.017  -6.116  13.232  1.00 36.74  ? 6186 U   A "C3'" 1 
ATOM   261  O  "O3'" . U   A 1 13 ? -2.758  -5.951  14.432  1.00 39.36  ? 6186 U   A "O3'" 1 
ATOM   262  C  "C2'" . U   A 1 13 ? -2.761  -6.995  12.233  1.00 35.80  ? 6186 U   A "C2'" 1 
ATOM   263  O  "O2'" . U   A 1 13 ? -4.166  -6.889  12.335  1.00 34.74  ? 6186 U   A "O2'" 1 
ATOM   264  C  "C1'" . U   A 1 13 ? -2.263  -6.455  10.885  1.00 33.80  ? 6186 U   A "C1'" 1 
ATOM   265  N  N1    . U   A 1 13 ? -1.263  -7.349  10.303  1.00 33.42  ? 6186 U   A N1    1 
ATOM   266  C  C2    . U   A 1 13 ? -1.727  -8.394  9.529   1.00 32.11  ? 6186 U   A C2    1 
ATOM   267  O  O2    . U   A 1 13 ? -2.908  -8.536  9.257   1.00 31.31  ? 6186 U   A O2    1 
ATOM   268  N  N3    . U   A 1 13 ? -0.761  -9.265  9.087   1.00 31.13  ? 6186 U   A N3    1 
ATOM   269  C  C4    . U   A 1 13 ? 0.600   -9.191  9.333   1.00 33.37  ? 6186 U   A C4    1 
ATOM   270  O  O4    . U   A 1 13 ? 1.340   -10.097 8.931   1.00 37.04  ? 6186 U   A O4    1 
ATOM   271  C  C5    . U   A 1 13 ? 1.007   -8.053  10.104  1.00 31.96  ? 6186 U   A C5    1 
ATOM   272  C  C6    . U   A 1 13 ? 0.081   -7.186  10.548  1.00 33.14  ? 6186 U   A C6    1 
ATOM   273  P  P     . A   A 1 14 ? -2.047  -6.197  15.852  1.00 41.88  ? 6187 A   A P     1 
ATOM   274  O  OP1   . A   A 1 14 ? -2.742  -5.353  16.850  1.00 42.93  ? 6187 A   A OP1   1 
ATOM   275  O  OP2   . A   A 1 14 ? -0.566  -6.105  15.684  1.00 41.97  ? 6187 A   A OP2   1 
ATOM   276  O  "O5'" . A   A 1 14 ? -2.340  -7.707  16.191  1.00 41.60  ? 6187 A   A "O5'" 1 
ATOM   277  C  "C5'" . A   A 1 14 ? -1.763  -8.603  15.786  1.00 43.10  ? 6187 A   A "C5'" 1 
ATOM   278  C  "C4'" . A   A 1 14 ? -1.977  -10.072 16.010  1.00 42.01  ? 6187 A   A "C4'" 1 
ATOM   279  O  "O4'" . A   A 1 14 ? -3.350  -10.302 16.441  1.00 43.40  ? 6187 A   A "O4'" 1 
ATOM   280  C  "C3'" . A   A 1 14 ? -1.824  -10.844 14.714  1.00 41.42  ? 6187 A   A "C3'" 1 
ATOM   281  O  "O3'" . A   A 1 14 ? -0.654  -11.630 14.475  1.00 42.71  ? 6187 A   A "O3'" 1 
ATOM   282  C  "C2'" . A   A 1 14 ? -3.227  -11.110 14.172  1.00 44.26  ? 6187 A   A "C2'" 1 
ATOM   283  O  "O2'" . A   A 1 14 ? -3.388  -12.414 13.660  1.00 51.17  ? 6187 A   A "O2'" 1 
ATOM   284  C  "C1'" . A   A 1 14 ? -4.092  -10.968 15.432  1.00 42.50  ? 6187 A   A "C1'" 1 
ATOM   285  N  N9    . A   A 1 14 ? -5.257  -10.120 15.540  1.00 37.63  ? 6187 A   A N9    1 
ATOM   286  C  C8    . A   A 1 14 ? -5.407  -8.798  15.896  1.00 37.36  ? 6187 A   A C8    1 
ATOM   287  N  N7    . A   A 1 14 ? -6.504  -8.244  15.435  1.00 35.08  ? 6187 A   A N7    1 
ATOM   288  C  C5    . A   A 1 14 ? -7.117  -9.263  14.722  1.00 33.77  ? 6187 A   A C5    1 
ATOM   289  C  C6    . A   A 1 14 ? -8.325  -9.313  14.005  1.00 33.65  ? 6187 A   A C6    1 
ATOM   290  N  N6    . A   A 1 14 ? -9.166  -8.283  13.903  1.00 31.83  ? 6187 A   A N6    1 
ATOM   291  N  N1    . A   A 1 14 ? -8.649  -10.475 13.397  1.00 35.58  ? 6187 A   A N1    1 
ATOM   292  C  C2    . A   A 1 14 ? -7.810  -11.510 13.513  1.00 36.05  ? 6187 A   A C2    1 
ATOM   293  N  N3    . A   A 1 14 ? -6.649  -11.590 14.168  1.00 36.15  ? 6187 A   A N3    1 
ATOM   294  C  C4    . A   A 1 14 ? -6.356  -10.420 14.761  1.00 35.76  ? 6187 A   A C4    1 
ATOM   295  P  P     . G   A 1 15 ? -0.490  -10.878 12.814  1.00 37.50  ? 6188 G   A P     1 
ATOM   296  O  OP1   . G   A 1 15 ? 0.884   -11.375 12.551  1.00 39.39  ? 6188 G   A OP1   1 
ATOM   297  O  OP2   . G   A 1 15 ? -0.762  -9.424  12.847  1.00 39.58  ? 6188 G   A OP2   1 
ATOM   298  O  "O5'" . G   A 1 15 ? -1.471  -11.538 11.755  1.00 36.54  ? 6188 G   A "O5'" 1 
ATOM   299  C  "C5'" . G   A 1 15 ? -1.490  -12.944 11.589  1.00 34.73  ? 6188 G   A "C5'" 1 
ATOM   300  C  "C4'" . G   A 1 15 ? -2.753  -13.369 10.888  1.00 35.30  ? 6188 G   A "C4'" 1 
ATOM   301  O  "O4'" . G   A 1 15 ? -3.911  -12.928 11.649  1.00 32.87  ? 6188 G   A "O4'" 1 
ATOM   302  C  "C3'" . G   A 1 15 ? -3.003  -12.763 9.522   1.00 34.30  ? 6188 G   A "C3'" 1 
ATOM   303  O  "O3'" . G   A 1 15 ? -2.269  -13.432 8.520   1.00 37.02  ? 6188 G   A "O3'" 1 
ATOM   304  C  "C2'" . G   A 1 15 ? -4.487  -13.025 9.353   1.00 34.37  ? 6188 G   A "C2'" 1 
ATOM   305  O  "O2'" . G   A 1 15 ? -4.718  -14.381 9.050   1.00 33.77  ? 6188 G   A "O2'" 1 
ATOM   306  C  "C1'" . G   A 1 15 ? -4.995  -12.733 10.764  1.00 33.20  ? 6188 G   A "C1'" 1 
ATOM   307  N  N9    . G   A 1 15 ? -5.470  -11.366 10.907  1.00 33.15  ? 6188 G   A N9    1 
ATOM   308  C  C8    . G   A 1 15 ? -4.860  -10.322 11.557  1.00 33.18  ? 6188 G   A C8    1 
ATOM   309  N  N7    . G   A 1 15 ? -5.573  -9.232  11.548  1.00 32.44  ? 6188 G   A N7    1 
ATOM   310  C  C5    . G   A 1 15 ? -6.716  -9.577  10.838  1.00 31.80  ? 6188 G   A C5    1 
ATOM   311  C  C6    . G   A 1 15 ? -7.856  -8.815  10.513  1.00 31.40  ? 6188 G   A C6    1 
ATOM   312  O  O6    . G   A 1 15 ? -8.111  -7.650  10.825  1.00 28.72  ? 6188 G   A O6    1 
ATOM   313  N  N1    . G   A 1 15 ? -8.765  -9.550  9.755   1.00 30.45  ? 6188 G   A N1    1 
ATOM   314  C  C2    . G   A 1 15 ? -8.599  -10.858 9.377   1.00 32.13  ? 6188 G   A C2    1 
ATOM   315  N  N2    . G   A 1 15 ? -9.576  -11.398 8.638   1.00 32.66  ? 6188 G   A N2    1 
ATOM   316  N  N3    . G   A 1 15 ? -7.548  -11.585 9.694   1.00 32.55  ? 6188 G   A N3    1 
ATOM   317  C  C4    . G   A 1 15 ? -6.654  -10.884 10.420  1.00 32.09  ? 6188 G   A C4    1 
ATOM   318  P  P     . G   A 1 16 ? -1.885  -12.650 7.173   1.00 37.26  ? 6189 G   A P     1 
ATOM   319  O  OP1   . G   A 1 16 ? -0.890  -13.488 6.460   1.00 35.09  ? 6189 G   A OP1   1 
ATOM   320  O  OP2   . G   A 1 16 ? -1.540  -11.251 7.562   1.00 35.21  ? 6189 G   A OP2   1 
ATOM   321  O  "O5'" . G   A 1 16 ? -3.240  -12.616 6.335   1.00 38.46  ? 6189 G   A "O5'" 1 
ATOM   322  C  "C5'" . G   A 1 16 ? -3.936  -13.817 5.997   1.00 39.09  ? 6189 G   A "C5'" 1 
ATOM   323  C  "C4'" . G   A 1 16 ? -5.238  -13.485 5.293   1.00 39.95  ? 6189 G   A "C4'" 1 
ATOM   324  O  "O4'" . G   A 1 16 ? -6.158  -12.908 6.246   1.00 39.19  ? 6189 G   A "O4'" 1 
ATOM   325  C  "C3'" . G   A 1 16 ? -5.163  -12.437 4.194   1.00 40.60  ? 6189 G   A "C3'" 1 
ATOM   326  O  "O3'" . G   A 1 16 ? -4.758  -13.041 2.977   1.00 43.84  ? 6189 G   A "O3'" 1 
ATOM   327  C  "C2'" . G   A 1 16 ? -6.609  -11.960 4.122   1.00 40.78  ? 6189 G   A "C2'" 1 
ATOM   328  O  "O2'" . G   A 1 16 ? -7.446  -12.866 3.432   1.00 43.05  ? 6189 G   A "O2'" 1 
ATOM   329  C  "C1'" . G   A 1 16 ? -6.998  -11.973 5.597   1.00 39.39  ? 6189 G   A "C1'" 1 
ATOM   330  N  N9    . G   A 1 16 ? -6.840  -10.682 6.255   1.00 37.95  ? 6189 G   A N9    1 
ATOM   331  C  C8    . G   A 1 16 ? -5.821  -10.289 7.086   1.00 37.67  ? 6189 G   A C8    1 
ATOM   332  N  N7    . G   A 1 16 ? -5.987  -9.082  7.564   1.00 38.01  ? 6189 G   A N7    1 
ATOM   333  C  C5    . G   A 1 16 ? -7.181  -8.655  7.007   1.00 36.64  ? 6189 G   A C5    1 
ATOM   334  C  C6    . G   A 1 16 ? -7.880  -7.436  7.166   1.00 36.81  ? 6189 G   A C6    1 
ATOM   335  O  O6    . G   A 1 16 ? -7.588  -6.469  7.881   1.00 34.66  ? 6189 G   A O6    1 
ATOM   336  N  N1    . G   A 1 16 ? -9.037  -7.406  6.395   1.00 37.24  ? 6189 G   A N1    1 
ATOM   337  C  C2    . G   A 1 16 ? -9.471  -8.430  5.585   1.00 37.87  ? 6189 G   A C2    1 
ATOM   338  N  N2    . G   A 1 16 ? -10.604 -8.212  4.908   1.00 36.29  ? 6189 G   A N2    1 
ATOM   339  N  N3    . G   A 1 16 ? -8.838  -9.579  5.446   1.00 36.82  ? 6189 G   A N3    1 
ATOM   340  C  C4    . G   A 1 16 ? -7.710  -9.623  6.179   1.00 37.36  ? 6189 G   A C4    1 
ATOM   341  P  P     . U   A 1 17 ? -3.865  -12.214 1.931   1.00 46.62  ? 6190 U   A P     1 
ATOM   342  O  OP1   . U   A 1 17 ? -3.428  -13.202 0.910   1.00 45.85  ? 6190 U   A OP1   1 
ATOM   343  O  OP2   . U   A 1 17 ? -2.848  -11.408 2.661   1.00 45.55  ? 6190 U   A OP2   1 
ATOM   344  O  "O5'" . U   A 1 17 ? -4.903  -11.206 1.268   1.00 46.73  ? 6190 U   A "O5'" 1 
ATOM   345  C  "C5'" . U   A 1 17 ? -5.924  -11.675 0.391   1.00 45.88  ? 6190 U   A "C5'" 1 
ATOM   346  C  "C4'" . U   A 1 17 ? -6.833  -10.537 0.012   1.00 44.80  ? 6190 U   A "C4'" 1 
ATOM   347  O  "O4'" . U   A 1 17 ? -7.593  -10.110 1.173   1.00 43.66  ? 6190 U   A "O4'" 1 
ATOM   348  C  "C3'" . U   A 1 17 ? -6.117  -9.272  -0.421  1.00 44.62  ? 6190 U   A "C3'" 1 
ATOM   349  O  "O3'" . U   A 1 17 ? -5.692  -9.346  -1.772  1.00 45.91  ? 6190 U   A "O3'" 1 
ATOM   350  C  "C2'" . U   A 1 17 ? -7.194  -8.220  -0.207  1.00 44.04  ? 6190 U   A "C2'" 1 
ATOM   351  O  "O2'" . U   A 1 17 ? -8.158  -8.210  -1.238  1.00 45.14  ? 6190 U   A "O2'" 1 
ATOM   352  C  "C1'" . U   A 1 17 ? -7.828  -8.711  1.099   1.00 42.58  ? 6190 U   A "C1'" 1 
ATOM   353  N  N1    . U   A 1 17 ? -7.217  -8.062  2.268   1.00 40.27  ? 6190 U   A N1    1 
ATOM   354  C  C2    . U   A 1 17 ? -7.783  -6.895  2.703   1.00 38.36  ? 6190 U   A C2    1 
ATOM   355  O  O2    . U   A 1 17 ? -8.754  -6.423  2.186   1.00 40.16  ? 6190 U   A O2    1 
ATOM   356  N  N3    . U   A 1 17 ? -7.164  -6.297  3.767   1.00 36.06  ? 6190 U   A N3    1 
ATOM   357  C  C4    . U   A 1 17 ? -6.052  -6.748  4.436   1.00 36.53  ? 6190 U   A C4    1 
ATOM   358  O  O4    . U   A 1 17 ? -5.632  -6.110  5.413   1.00 35.04  ? 6190 U   A O4    1 
ATOM   359  C  C5    . U   A 1 17 ? -5.519  -7.978  3.935   1.00 36.74  ? 6190 U   A C5    1 
ATOM   360  C  C6    . U   A 1 17 ? -6.109  -8.581  2.896   1.00 39.10  ? 6190 U   A C6    1 
ATOM   361  P  P     . A   A 1 18 ? -4.497  -8.400  -2.281  1.00 48.73  ? 6191 A   A P     1 
ATOM   362  O  OP1   . A   A 1 18 ? -4.314  -8.724  -3.715  1.00 48.93  ? 6191 A   A OP1   1 
ATOM   363  O  OP2   . A   A 1 18 ? -3.331  -8.503  -1.366  1.00 49.58  ? 6191 A   A OP2   1 
ATOM   364  O  "O5'" . A   A 1 18 ? -5.104  -6.935  -2.137  1.00 45.13  ? 6191 A   A "O5'" 1 
ATOM   365  C  "C5'" . A   A 1 18 ? -6.098  -6.475  -3.028  1.00 42.73  ? 6191 A   A "C5'" 1 
ATOM   366  C  "C4'" . A   A 1 18 ? -6.607  -5.125  -2.594  1.00 42.54  ? 6191 A   A "C4'" 1 
ATOM   367  O  "O4'" . A   A 1 18 ? -7.193  -5.222  -1.268  1.00 40.89  ? 6191 A   A "O4'" 1 
ATOM   368  C  "C3'" . A   A 1 18 ? -5.595  -4.009  -2.425  1.00 42.50  ? 6191 A   A "C3'" 1 
ATOM   369  O  "O3'" . A   A 1 18 ? -5.227  -3.414  -3.656  1.00 43.54  ? 6191 A   A "O3'" 1 
ATOM   370  C  "C2'" . A   A 1 18 ? -6.393  -3.016  -1.595  1.00 42.73  ? 6191 A   A "C2'" 1 
ATOM   371  O  "O2'" . A   A 1 18 ? -7.330  -2.293  -2.368  1.00 43.65  ? 6191 A   A "O2'" 1 
ATOM   372  C  "C1'" . A   A 1 18 ? -7.124  -3.954  -0.633  1.00 40.06  ? 6191 A   A "C1'" 1 
ATOM   373  N  N9    . A   A 1 18 ? -6.361  -4.085  0.604   1.00 37.37  ? 6191 A   A N9    1 
ATOM   374  C  C8    . A   A 1 18 ? -5.498  -5.090  0.959   1.00 34.48  ? 6191 A   A C8    1 
ATOM   375  N  N7    . A   A 1 18 ? -4.917  -4.901  2.116   1.00 32.85  ? 6191 A   A N7    1 
ATOM   376  C  C5    . A   A 1 18 ? -5.440  -3.694  2.558   1.00 34.76  ? 6191 A   A C5    1 
ATOM   377  C  C6    . A   A 1 18 ? -5.211  -2.941  3.715   1.00 34.82  ? 6191 A   A C6    1 
ATOM   378  N  N6    . A   A 1 18 ? -4.368  -3.311  4.682   1.00 32.68  ? 6191 A   A N6    1 
ATOM   379  N  N1    . A   A 1 18 ? -5.885  -1.775  3.851   1.00 36.67  ? 6191 A   A N1    1 
ATOM   380  C  C2    . A   A 1 18 ? -6.731  -1.411  2.883   1.00 36.92  ? 6191 A   A C2    1 
ATOM   381  N  N3    . A   A 1 18 ? -7.031  -2.040  1.748   1.00 38.04  ? 6191 A   A N3    1 
ATOM   382  C  C4    . A   A 1 18 ? -6.340  -3.188  1.644   1.00 35.63  ? 6191 A   A C4    1 
ATOM   383  P  P     . G   A 1 19 ? -3.806  -2.671  -3.775  1.00 46.41  ? 6192 G   A P     1 
ATOM   384  O  OP1   . G   A 1 19 ? -3.631  -2.237  -5.177  1.00 46.27  ? 6192 G   A OP1   1 
ATOM   385  O  OP2   . G   A 1 19 ? -2.797  -3.565  -3.150  1.00 43.16  ? 6192 G   A OP2   1 
ATOM   386  O  "O5'" . G   A 1 19 ? -3.932  -1.381  -2.842  1.00 42.81  ? 6192 G   A "O5'" 1 
ATOM   387  C  "C5'" . G   A 1 19 ? -4.826  -0.325  -3.156  1.00 42.37  ? 6192 G   A "C5'" 1 
ATOM   388  C  "C4'" . G   A 1 19 ? -4.886  0.664   -2.013  1.00 41.94  ? 6192 G   A "C4'" 1 
ATOM   389  O  "O4'" . G   A 1 19 ? -5.346  -0.027  -0.823  1.00 41.46  ? 6192 G   A "O4'" 1 
ATOM   390  C  "C3'" . G   A 1 19 ? -3.564  1.276   -1.583  1.00 41.93  ? 6192 G   A "C3'" 1 
ATOM   391  O  "O3'" . G   A 1 19 ? -3.214  2.392   -2.393  1.00 43.24  ? 6192 G   A "O3'" 1 
ATOM   392  C  "C2'" . G   A 1 19 ? -3.879  1.703   -0.157  1.00 42.27  ? 6192 G   A "C2'" 1 
ATOM   393  O  "O2'" . G   A 1 19 ? -4.651  2.882   -0.073  1.00 42.15  ? 6192 G   A "O2'" 1 
ATOM   394  C  "C1'" . G   A 1 19 ? -4.716  0.522   0.323   1.00 40.57  ? 6192 G   A "C1'" 1 
ATOM   395  N  N9    . G   A 1 19 ? -3.889  -0.514  0.938   1.00 39.46  ? 6192 G   A N9    1 
ATOM   396  C  C8    . G   A 1 19 ? -3.569  -1.751  0.427   1.00 38.47  ? 6192 G   A C8    1 
ATOM   397  N  N7    . G   A 1 19 ? -2.806  -2.450  1.224   1.00 37.31  ? 6192 G   A N7    1 
ATOM   398  C  C5    . G   A 1 19 ? -2.611  -1.627  2.320   1.00 36.17  ? 6192 G   A C5    1 
ATOM   399  C  C6    . G   A 1 19 ? -1.866  -1.841  3.503   1.00 36.28  ? 6192 G   A C6    1 
ATOM   400  O  O6    . G   A 1 19 ? -1.205  -2.847  3.830   1.00 36.45  ? 6192 G   A O6    1 
ATOM   401  N  N1    . G   A 1 19 ? -1.933  -0.744  4.353   1.00 34.05  ? 6192 G   A N1    1 
ATOM   402  C  C2    . G   A 1 19 ? -2.633  0.413   4.098   1.00 36.47  ? 6192 G   A C2    1 
ATOM   403  N  N2    . G   A 1 19 ? -2.597  1.360   5.051   1.00 34.37  ? 6192 G   A N2    1 
ATOM   404  N  N3    . G   A 1 19 ? -3.325  0.626   2.994   1.00 36.54  ? 6192 G   A N3    1 
ATOM   405  C  C4    . G   A 1 19 ? -3.272  -0.428  2.158   1.00 37.28  ? 6192 G   A C4    1 
ATOM   406  P  P     . U   A 1 20 ? -1.659  2.750   -2.644  1.00 42.88  ? 6193 U   A P     1 
ATOM   407  O  OP1   . U   A 1 20 ? -1.608  3.979   -3.481  1.00 44.08  ? 6193 U   A OP1   1 
ATOM   408  O  OP2   . U   A 1 20 ? -0.944  1.528   -3.084  1.00 41.22  ? 6193 U   A OP2   1 
ATOM   409  O  "O5'" . U   A 1 20 ? -1.103  3.159   -1.212  1.00 40.11  ? 6193 U   A "O5'" 1 
ATOM   410  C  "C5'" . U   A 1 20 ? -1.440  4.405   -0.626  1.00 37.69  ? 6193 U   A "C5'" 1 
ATOM   411  C  "C4'" . U   A 1 20 ? -0.844  4.491   0.754   1.00 36.88  ? 6193 U   A "C4'" 1 
ATOM   412  O  "O4'" . U   A 1 20 ? -1.369  3.395   1.551   1.00 35.77  ? 6193 U   A "O4'" 1 
ATOM   413  C  "C3'" . U   A 1 20 ? 0.655   4.267   0.787   1.00 36.56  ? 6193 U   A "C3'" 1 
ATOM   414  O  "O3'" . U   A 1 20 ? 1.360   5.462   0.530   1.00 38.95  ? 6193 U   A "O3'" 1 
ATOM   415  C  "C2'" . U   A 1 20 ? 0.875   3.770   2.203   1.00 35.64  ? 6193 U   A "C2'" 1 
ATOM   416  O  "O2'" . U   A 1 20 ? 0.849   4.810   3.158   1.00 36.11  ? 6193 U   A "O2'" 1 
ATOM   417  C  "C1'" . U   A 1 20 ? -0.344  2.872   2.383   1.00 34.99  ? 6193 U   A "C1'" 1 
ATOM   418  N  N1    . U   A 1 20 ? -0.082  1.488   1.969   1.00 34.25  ? 6193 U   A N1    1 
ATOM   419  C  C2    . U   A 1 20 ? 0.580   0.665   2.864   1.00 35.00  ? 6193 U   A C2    1 
ATOM   420  O  O2    . U   A 1 20 ? 0.986   1.062   3.945   1.00 35.06  ? 6193 U   A O2    1 
ATOM   421  N  N3    . U   A 1 20 ? 0.758   -0.636  2.443   1.00 31.82  ? 6193 U   A N3    1 
ATOM   422  C  C4    . U   A 1 20 ? 0.361   -1.179  1.237   1.00 32.72  ? 6193 U   A C4    1 
ATOM   423  O  O4    . U   A 1 20 ? 0.475   -2.398  1.052   1.00 31.67  ? 6193 U   A O4    1 
ATOM   424  C  C5    . U   A 1 20 ? -0.285  -0.246  0.351   1.00 32.79  ? 6193 U   A C5    1 
ATOM   425  C  C6    . U   A 1 20 ? -0.482  1.021   0.741   1.00 33.38  ? 6193 U   A C6    1 
ATOM   426  P  P     . C   A 1 21 ? 2.730   5.402   -0.303  1.00 43.05  ? 6194 C   A P     1 
ATOM   427  O  OP1   . C   A 1 21 ? 3.157   6.810   -0.513  1.00 40.69  ? 6194 C   A OP1   1 
ATOM   428  O  OP2   . C   A 1 21 ? 2.558   4.491   -1.472  1.00 39.69  ? 6194 C   A OP2   1 
ATOM   429  O  "O5'" . C   A 1 21 ? 3.745   4.700   0.699   1.00 40.25  ? 6194 C   A "O5'" 1 
ATOM   430  C  "C5'" . C   A 1 21 ? 4.028   5.269   1.964   1.00 37.80  ? 6194 C   A "C5'" 1 
ATOM   431  C  "C4'" . C   A 1 21 ? 4.864   4.312   2.773   1.00 38.76  ? 6194 C   A "C4'" 1 
ATOM   432  O  "O4'" . C   A 1 21 ? 4.080   3.141   3.135   1.00 36.57  ? 6194 C   A "O4'" 1 
ATOM   433  C  "C3'" . C   A 1 21 ? 6.041   3.707   2.031   1.00 38.45  ? 6194 C   A "C3'" 1 
ATOM   434  O  "O3'" . C   A 1 21 ? 7.143   4.593   1.978   1.00 39.08  ? 6194 C   A "O3'" 1 
ATOM   435  C  "C2'" . C   A 1 21 ? 6.345   2.494   2.888   1.00 37.93  ? 6194 C   A "C2'" 1 
ATOM   436  O  "O2'" . C   A 1 21 ? 7.011   2.881   4.072   1.00 39.89  ? 6194 C   A "O2'" 1 
ATOM   437  C  "C1'" . C   A 1 21 ? 4.930   2.009   3.212   1.00 36.19  ? 6194 C   A "C1'" 1 
ATOM   438  N  N1    . C   A 1 21 ? 4.465   1.005   2.244   1.00 34.07  ? 6194 C   A N1    1 
ATOM   439  C  C2    . C   A 1 21 ? 4.941   -0.304  2.363   1.00 32.89  ? 6194 C   A C2    1 
ATOM   440  O  O2    . C   A 1 21 ? 5.714   -0.572  3.293   1.00 32.12  ? 6194 C   A O2    1 
ATOM   441  N  N3    . C   A 1 21 ? 4.555   -1.237  1.466   1.00 33.12  ? 6194 C   A N3    1 
ATOM   442  C  C4    . C   A 1 21 ? 3.722   -0.904  0.474   1.00 33.79  ? 6194 C   A C4    1 
ATOM   443  N  N4    . C   A 1 21 ? 3.373   -1.857  -0.400  1.00 33.44  ? 6194 C   A N4    1 
ATOM   444  C  C5    . C   A 1 21 ? 3.212   0.423   0.332   1.00 31.68  ? 6194 C   A C5    1 
ATOM   445  C  C6    . C   A 1 21 ? 3.604   1.336   1.235   1.00 32.84  ? 6194 C   A C6    1 
ATOM   446  P  P     . G   A 1 22 ? 8.153   4.519   0.734   1.00 40.87  ? 6195 G   A P     1 
ATOM   447  O  OP1   . G   A 1 22 ? 9.128   5.611   0.950   1.00 41.84  ? 6195 G   A OP1   1 
ATOM   448  O  OP2   . G   A 1 22 ? 7.380   4.459   -0.541  1.00 39.91  ? 6195 G   A OP2   1 
ATOM   449  O  "O5'" . G   A 1 22 ? 8.886   3.112   0.898   1.00 39.85  ? 6195 G   A "O5'" 1 
ATOM   450  C  "C5'" . G   A 1 22 ? 9.680   2.823   2.048   1.00 40.12  ? 6195 G   A "C5'" 1 
ATOM   451  C  "C4'" . G   A 1 22 ? 10.199  1.401   1.982   1.00 40.73  ? 6195 G   A "C4'" 1 
ATOM   452  O  "O4'" . G   A 1 22 ? 9.095   0.466   2.104   1.00 39.92  ? 6195 G   A "O4'" 1 
ATOM   453  C  "C3'" . G   A 1 22 ? 10.863  1.006   0.675   1.00 40.20  ? 6195 G   A "C3'" 1 
ATOM   454  O  "O3'" . G   A 1 22 ? 12.211  1.440   0.661   1.00 40.74  ? 6195 G   A "O3'" 1 
ATOM   455  C  "C2'" . G   A 1 22 ? 10.751  -0.511  0.716   1.00 39.07  ? 6195 G   A "C2'" 1 
ATOM   456  O  "O2'" . G   A 1 22 ? 11.703  -1.097  1.577   1.00 39.19  ? 6195 G   A "O2'" 1 
ATOM   457  C  "C1'" . G   A 1 22 ? 9.364   -0.692  1.331   1.00 37.65  ? 6195 G   A "C1'" 1 
ATOM   458  N  N9    . G   A 1 22 ? 8.295   -0.840  0.350   1.00 35.23  ? 6195 G   A N9    1 
ATOM   459  C  C8    . G   A 1 22 ? 7.413   0.130   -0.062  1.00 34.79  ? 6195 G   A C8    1 
ATOM   460  N  N7    . G   A 1 22 ? 6.531   -0.309  -0.919  1.00 34.32  ? 6195 G   A N7    1 
ATOM   461  C  C5    . G   A 1 22 ? 6.853   -1.649  -1.087  1.00 34.61  ? 6195 G   A C5    1 
ATOM   462  C  C6    . G   A 1 22 ? 6.233   -2.645  -1.881  1.00 34.71  ? 6195 G   A C6    1 
ATOM   463  O  O6    . G   A 1 22 ? 5.224   -2.548  -2.585  1.00 35.39  ? 6195 G   A O6    1 
ATOM   464  N  N1    . G   A 1 22 ? 6.898   -3.863  -1.785  1.00 34.94  ? 6195 G   A N1    1 
ATOM   465  C  C2    . G   A 1 22 ? 8.010   -4.100  -1.005  1.00 34.80  ? 6195 G   A C2    1 
ATOM   466  N  N2    . G   A 1 22 ? 8.517   -5.347  -1.067  1.00 34.44  ? 6195 G   A N2    1 
ATOM   467  N  N3    . G   A 1 22 ? 8.579   -3.184  -0.232  1.00 32.18  ? 6195 G   A N3    1 
ATOM   468  C  C4    . G   A 1 22 ? 7.955   -1.989  -0.326  1.00 34.26  ? 6195 G   A C4    1 
ATOM   469  P  P     . A   A 1 23 ? 12.958  1.694   -0.741  1.00 43.69  ? 6196 A   A P     1 
ATOM   470  O  OP1   . A   A 1 23 ? 14.293  2.243   -0.392  1.00 45.39  ? 6196 A   A OP1   1 
ATOM   471  O  OP2   . A   A 1 23 ? 12.072  2.442   -1.667  1.00 40.97  ? 6196 A   A OP2   1 
ATOM   472  O  "O5'" . A   A 1 23 ? 13.175  0.240   -1.341  1.00 41.69  ? 6196 A   A "O5'" 1 
ATOM   473  C  "C5'" . A   A 1 23 ? 14.021  -0.685  -0.692  1.00 41.45  ? 6196 A   A "C5'" 1 
ATOM   474  C  "C4'" . A   A 1 23 ? 13.955  -2.008  -1.400  1.00 44.28  ? 6196 A   A "C4'" 1 
ATOM   475  O  "O4'" . A   A 1 23 ? 12.628  -2.569  -1.244  1.00 42.85  ? 6196 A   A "O4'" 1 
ATOM   476  C  "C3'" . A   A 1 23 ? 14.133  -1.919  -2.902  1.00 45.93  ? 6196 A   A "C3'" 1 
ATOM   477  O  "O3'" . A   A 1 23 ? 15.505  -1.860  -3.244  1.00 49.32  ? 6196 A   A "O3'" 1 
ATOM   478  C  "C2'" . A   A 1 23 ? 13.463  -3.199  -3.373  1.00 45.36  ? 6196 A   A "C2'" 1 
ATOM   479  O  "O2'" . A   A 1 23 ? 14.262  -4.350  -3.192  1.00 47.09  ? 6196 A   A "O2'" 1 
ATOM   480  C  "C1'" . A   A 1 23 ? 12.270  -3.272  -2.422  1.00 43.16  ? 6196 A   A "C1'" 1 
ATOM   481  N  N9    . A   A 1 23 ? 11.075  -2.645  -2.977  1.00 39.42  ? 6196 A   A N9    1 
ATOM   482  C  C8    . A   A 1 23 ? 10.681  -1.341  -2.842  1.00 39.19  ? 6196 A   A C8    1 
ATOM   483  N  N7    . A   A 1 23 ? 9.548   -1.069  -3.438  1.00 39.39  ? 6196 A   A N7    1 
ATOM   484  C  C5    . A   A 1 23 ? 9.171   -2.278  -4.004  1.00 37.08  ? 6196 A   A C5    1 
ATOM   485  C  C6    . A   A 1 23 ? 8.050   -2.658  -4.755  1.00 36.23  ? 6196 A   A C6    1 
ATOM   486  N  N6    . A   A 1 23 ? 7.056   -1.826  -5.068  1.00 33.71  ? 6196 A   A N6    1 
ATOM   487  N  N1    . A   A 1 23 ? 7.976   -3.941  -5.174  1.00 37.83  ? 6196 A   A N1    1 
ATOM   488  C  C2    . A   A 1 23 ? 8.966   -4.779  -4.843  1.00 38.21  ? 6196 A   A C2    1 
ATOM   489  N  N3    . A   A 1 23 ? 10.068  -4.540  -4.130  1.00 38.41  ? 6196 A   A N3    1 
ATOM   490  C  C4    . A   A 1 23 ? 10.107  -3.256  -3.737  1.00 37.32  ? 6196 A   A C4    1 
ATOM   491  P  P     . A   A 1 24 ? 15.939  -1.298  -4.683  1.00 52.35  ? 6197 A   A P     1 
ATOM   492  O  OP1   . A   A 1 24 ? 17.421  -1.341  -4.662  1.00 54.26  ? 6197 A   A OP1   1 
ATOM   493  O  OP2   . A   A 1 24 ? 15.246  -0.016  -4.970  1.00 49.44  ? 6197 A   A OP2   1 
ATOM   494  O  "O5'" . A   A 1 24 ? 15.417  -2.403  -5.709  1.00 50.60  ? 6197 A   A "O5'" 1 
ATOM   495  C  "C5'" . A   A 1 24 ? 15.995  -3.709  -5.729  1.00 50.72  ? 6197 A   A "C5'" 1 
ATOM   496  C  "C4'" . A   A 1 24 ? 15.272  -4.596  -6.717  1.00 52.08  ? 6197 A   A "C4'" 1 
ATOM   497  O  "O4'" . A   A 1 24 ? 13.913  -4.825  -6.254  1.00 51.16  ? 6197 A   A "O4'" 1 
ATOM   498  C  "C3'" . A   A 1 24 ? 15.096  -4.018  -8.110  1.00 53.79  ? 6197 A   A "C3'" 1 
ATOM   499  O  "O3'" . A   A 1 24 ? 16.252  -4.205  -8.918  1.00 56.01  ? 6197 A   A "O3'" 1 
ATOM   500  C  "C2'" . A   A 1 24 ? 13.889  -4.796  -8.623  1.00 52.57  ? 6197 A   A "C2'" 1 
ATOM   501  O  "O2'" . A   A 1 24 ? 14.200  -6.110  -9.048  1.00 52.41  ? 6197 A   A "O2'" 1 
ATOM   502  C  "C1'" . A   A 1 24 ? 13.027  -4.850  -7.361  1.00 50.15  ? 6197 A   A "C1'" 1 
ATOM   503  N  N9    . A   A 1 24 ? 12.137  -3.697  -7.252  1.00 46.99  ? 6197 A   A N9    1 
ATOM   504  C  C8    . A   A 1 24 ? 12.376  -2.502  -6.613  1.00 45.24  ? 6197 A   A C8    1 
ATOM   505  N  N7    . A   A 1 24 ? 11.382  -1.652  -6.697  1.00 45.21  ? 6197 A   A N7    1 
ATOM   506  C  C5    . A   A 1 24 ? 10.422  -2.332  -7.436  1.00 43.42  ? 6197 A   A C5    1 
ATOM   507  C  C6    . A   A 1 24 ? 9.127   -1.978  -7.855  1.00 43.30  ? 6197 A   A C6    1 
ATOM   508  N  N6    . A   A 1 24 ? 8.561   -0.797  -7.583  1.00 41.47  ? 6197 A   A N6    1 
ATOM   509  N  N1    . A   A 1 24 ? 8.423   -2.891  -8.568  1.00 43.66  ? 6197 A   A N1    1 
ATOM   510  C  C2    . A   A 1 24 ? 8.996   -4.072  -8.835  1.00 42.98  ? 6197 A   A C2    1 
ATOM   511  N  N3    . A   A 1 24 ? 10.207  -4.519  -8.494  1.00 44.07  ? 6197 A   A N3    1 
ATOM   512  C  C4    . A   A 1 24 ? 10.874  -3.590  -7.785  1.00 44.54  ? 6197 A   A C4    1 
ATOM   513  P  P     . U   A 1 25 ? 16.618  -3.114  -10.042 1.00 57.57  ? 6198 U   A P     1 
ATOM   514  O  OP1   . U   A 1 25 ? 17.980  -3.439  -10.532 1.00 59.37  ? 6198 U   A OP1   1 
ATOM   515  O  OP2   . U   A 1 25 ? 16.336  -1.758  -9.503  1.00 58.33  ? 6198 U   A OP2   1 
ATOM   516  O  "O5'" . U   A 1 25 ? 15.579  -3.404  -11.207 1.00 56.74  ? 6198 U   A "O5'" 1 
ATOM   517  C  "C5'" . U   A 1 25 ? 15.548  -4.669  -11.846 1.00 56.14  ? 6198 U   A "C5'" 1 
ATOM   518  C  "C4'" . U   A 1 25 ? 14.285  -4.803  -12.652 1.00 56.55  ? 6198 U   A "C4'" 1 
ATOM   519  O  "O4'" . U   A 1 25 ? 13.140  -4.754  -11.751 1.00 55.77  ? 6198 U   A "O4'" 1 
ATOM   520  C  "C3'" . U   A 1 25 ? 14.003  -3.673  -13.627 1.00 57.86  ? 6198 U   A "C3'" 1 
ATOM   521  O  "O3'" . U   A 1 25 ? 14.725  -3.823  -14.846 1.00 59.56  ? 6198 U   A "O3'" 1 
ATOM   522  C  "C2'" . U   A 1 25 ? 12.503  -3.832  -13.838 1.00 57.28  ? 6198 U   A "C2'" 1 
ATOM   523  O  "O2'" . U   A 1 25 ? 12.190  -4.920  -14.691 1.00 57.82  ? 6198 U   A "O2'" 1 
ATOM   524  C  "C1'" . U   A 1 25 ? 12.043  -4.143  -12.413 1.00 54.01  ? 6198 U   A "C1'" 1 
ATOM   525  N  N1    . U   A 1 25 ? 11.679  -2.919  -11.687 1.00 50.47  ? 6198 U   A N1    1 
ATOM   526  C  C2    . U   A 1 25 ? 10.466  -2.344  -11.997 1.00 48.34  ? 6198 U   A C2    1 
ATOM   527  O  O2    . U   A 1 25 ? 9.699   -2.830  -12.807 1.00 47.16  ? 6198 U   A O2    1 
ATOM   528  N  N3    . U   A 1 25 ? 10.180  -1.189  -11.317 1.00 46.71  ? 6198 U   A N3    1 
ATOM   529  C  C4    . U   A 1 25 ? 10.961  -0.574  -10.367 1.00 48.30  ? 6198 U   A C4    1 
ATOM   530  O  O4    . U   A 1 25 ? 10.555  0.453   -9.816  1.00 50.22  ? 6198 U   A O4    1 
ATOM   531  C  C5    . U   A 1 25 ? 12.194  -1.236  -10.091 1.00 48.85  ? 6198 U   A C5    1 
ATOM   532  C  C6    . U   A 1 25 ? 12.508  -2.358  -10.747 1.00 50.01  ? 6198 U   A C6    1 
ATOM   533  P  P     . G   A 1 26 ? 15.166  -2.515  -15.675 1.00 61.03  ? 6199 G   A P     1 
ATOM   534  O  OP1   . G   A 1 26 ? 16.140  -2.980  -16.687 1.00 62.25  ? 6199 G   A OP1   1 
ATOM   535  O  OP2   . G   A 1 26 ? 15.550  -1.445  -14.721 1.00 59.43  ? 6199 G   A OP2   1 
ATOM   536  O  "O5'" . G   A 1 26 ? 13.850  -2.057  -16.447 1.00 60.66  ? 6199 G   A "O5'" 1 
ATOM   537  C  "C5'" . G   A 1 26 ? 13.289  -2.873  -17.467 1.00 60.68  ? 6199 G   A "C5'" 1 
ATOM   538  C  "C4'" . G   A 1 26 ? 11.965  -2.314  -17.924 1.00 61.54  ? 6199 G   A "C4'" 1 
ATOM   539  O  "O4'" . G   A 1 26 ? 10.999  -2.370  -16.840 1.00 60.79  ? 6199 G   A "O4'" 1 
ATOM   540  C  "C3'" . G   A 1 26 ? 11.950  -0.850  -18.321 1.00 62.06  ? 6199 G   A "C3'" 1 
ATOM   541  O  "O3'" . G   A 1 26 ? 12.458  -0.661  -19.630 1.00 64.84  ? 6199 G   A "O3'" 1 
ATOM   542  C  "C2'" . G   A 1 26 ? 10.464  -0.532  -18.239 1.00 60.66  ? 6199 G   A "C2'" 1 
ATOM   543  O  "O2'" . G   A 1 26 ? 9.727   -1.034  -19.342 1.00 59.71  ? 6199 G   A "O2'" 1 
ATOM   544  C  "C1'" . G   A 1 26 ? 10.077  -1.297  -16.973 1.00 58.08  ? 6199 G   A "C1'" 1 
ATOM   545  N  N9    . G   A 1 26 ? 10.168  -0.450  -15.787 1.00 53.97  ? 6199 G   A N9    1 
ATOM   546  C  C8    . G   A 1 26 ? 11.206  -0.364  -14.887 1.00 52.08  ? 6199 G   A C8    1 
ATOM   547  N  N7    . G   A 1 26 ? 10.991  0.515   -13.943 1.00 50.66  ? 6199 G   A N7    1 
ATOM   548  C  C5    . G   A 1 26 ? 9.734   1.029   -14.234 1.00 50.58  ? 6199 G   A C5    1 
ATOM   549  C  C6    . G   A 1 26 ? 8.959   2.015   -13.559 1.00 50.05  ? 6199 G   A C6    1 
ATOM   550  O  O6    . G   A 1 26 ? 9.234   2.643   -12.526 1.00 49.46  ? 6199 G   A O6    1 
ATOM   551  N  N1    . G   A 1 26 ? 7.750   2.242   -14.206 1.00 49.23  ? 6199 G   A N1    1 
ATOM   552  C  C2    . G   A 1 26 ? 7.328   1.600   -15.349 1.00 48.67  ? 6199 G   A C2    1 
ATOM   553  N  N2    . G   A 1 26 ? 6.135   1.967   -15.834 1.00 47.58  ? 6199 G   A N2    1 
ATOM   554  N  N3    . G   A 1 26 ? 8.028   0.670   -15.972 1.00 49.19  ? 6199 G   A N3    1 
ATOM   555  C  C4    . G   A 1 26 ? 9.215   0.441   -15.368 1.00 51.22  ? 6199 G   A C4    1 
ATOM   556  P  P     . A   A 1 27 ? 13.202  0.712   -19.995 1.00 66.89  ? 6200 A   A P     1 
ATOM   557  O  OP1   . A   A 1 27 ? 13.625  0.568   -21.413 1.00 68.26  ? 6200 A   A OP1   1 
ATOM   558  O  OP2   . A   A 1 27 ? 14.217  1.021   -18.943 1.00 64.01  ? 6200 A   A OP2   1 
ATOM   559  O  "O5'" . A   A 1 27 ? 12.037  1.793   -19.949 1.00 66.09  ? 6200 A   A "O5'" 1 
ATOM   560  C  "C5'" . A   A 1 27 ? 10.929  1.681   -20.833 1.00 65.88  ? 6200 A   A "C5'" 1 
ATOM   561  C  "C4'" . A   A 1 27 ? 9.838   2.639   -20.433 1.00 66.19  ? 6200 A   A "C4'" 1 
ATOM   562  O  "O4'" . A   A 1 27 ? 9.343   2.286   -19.113 1.00 65.06  ? 6200 A   A "O4'" 1 
ATOM   563  C  "C3'" . A   A 1 27 ? 10.253  4.089   -20.270 1.00 66.94  ? 6200 A   A "C3'" 1 
ATOM   564  O  "O3'" . A   A 1 27 ? 10.353  4.763   -21.517 1.00 69.22  ? 6200 A   A "O3'" 1 
ATOM   565  C  "C2'" . A   A 1 27 ? 9.120   4.623   -19.407 1.00 66.20  ? 6200 A   A "C2'" 1 
ATOM   566  O  "O2'" . A   A 1 27 ? 7.934   4.819   -20.151 1.00 65.69  ? 6200 A   A "O2'" 1 
ATOM   567  C  "C1'" . A   A 1 27 ? 8.939   3.462   -18.429 1.00 63.92  ? 6200 A   A "C1'" 1 
ATOM   568  N  N9    . A   A 1 27 ? 9.787   3.629   -17.249 1.00 60.64  ? 6200 A   A N9    1 
ATOM   569  C  C8    . A   A 1 27 ? 11.033  3.105   -16.998 1.00 59.82  ? 6200 A   A C8    1 
ATOM   570  N  N7    . A   A 1 27 ? 11.539  3.476   -15.846 1.00 58.55  ? 6200 A   A N7    1 
ATOM   571  C  C5    . A   A 1 27 ? 10.556  4.292   -15.298 1.00 57.84  ? 6200 A   A C5    1 
ATOM   572  C  C6    . A   A 1 27 ? 10.479  5.005   -14.086 1.00 57.09  ? 6200 A   A C6    1 
ATOM   573  N  N6    . A   A 1 27 ? 11.448  5.015   -13.166 1.00 56.82  ? 6200 A   A N6    1 
ATOM   574  N  N1    . A   A 1 27 ? 9.361   5.722   -13.849 1.00 55.71  ? 6200 A   A N1    1 
ATOM   575  C  C2    . A   A 1 27 ? 8.392   5.719   -14.771 1.00 56.04  ? 6200 A   A C2    1 
ATOM   576  N  N3    . A   A 1 27 ? 8.346   5.093   -15.946 1.00 56.05  ? 6200 A   A N3    1 
ATOM   577  C  C4    . A   A 1 27 ? 9.471   4.390   -16.150 1.00 58.42  ? 6200 A   A C4    1 
ATOM   578  P  P     . C   A 1 28 ? 11.538  5.831   -21.746 1.00 70.61  ? 6201 C   A P     1 
ATOM   579  O  OP1   . C   A 1 28 ? 11.581  6.101   -23.207 1.00 70.11  ? 6201 C   A OP1   1 
ATOM   580  O  OP2   . C   A 1 28 ? 12.762  5.342   -21.052 1.00 69.39  ? 6201 C   A OP2   1 
ATOM   581  O  "O5'" . C   A 1 28 ? 11.032  7.141   -20.990 1.00 68.62  ? 6201 C   A "O5'" 1 
ATOM   582  C  "C5'" . C   A 1 28 ? 9.833   7.792   -21.391 1.00 68.33  ? 6201 C   A "C5'" 1 
ATOM   583  C  "C4'" . C   A 1 28 ? 9.264   8.606   -20.252 1.00 67.98  ? 6201 C   A "C4'" 1 
ATOM   584  O  "O4'" . C   A 1 28 ? 9.073   7.735   -19.104 1.00 67.03  ? 6201 C   A "O4'" 1 
ATOM   585  C  "C3'" . C   A 1 28 ? 10.136  9.727   -19.706 1.00 67.74  ? 6201 C   A "C3'" 1 
ATOM   586  O  "O3'" . C   A 1 28 ? 10.041  10.913  -20.499 1.00 69.09  ? 6201 C   A "O3'" 1 
ATOM   587  C  "C2'" . C   A 1 28 ? 9.543   9.917   -18.316 1.00 67.30  ? 6201 C   A "C2'" 1 
ATOM   588  O  "O2'" . C   A 1 28 ? 8.313   10.615  -18.325 1.00 67.18  ? 6201 C   A "O2'" 1 
ATOM   589  C  "C1'" . C   A 1 28 ? 9.289   8.468   -17.907 1.00 65.79  ? 6201 C   A "C1'" 1 
ATOM   590  N  N1    . C   A 1 28 ? 10.444  7.889   -17.214 1.00 63.85  ? 6201 C   A N1    1 
ATOM   591  C  C2    . C   A 1 28 ? 10.697  8.276   -15.892 1.00 63.30  ? 6201 C   A C2    1 
ATOM   592  O  O2    . C   A 1 28 ? 9.929   9.085   -15.345 1.00 61.49  ? 6201 C   A O2    1 
ATOM   593  N  N3    . C   A 1 28 ? 11.769  7.760   -15.246 1.00 63.41  ? 6201 C   A N3    1 
ATOM   594  C  C4    . C   A 1 28 ? 12.570  6.892   -15.870 1.00 63.66  ? 6201 C   A C4    1 
ATOM   595  N  N4    . C   A 1 28 ? 13.616  6.409   -15.193 1.00 63.05  ? 6201 C   A N4    1 
ATOM   596  C  C5    . C   A 1 28 ? 12.332  6.479   -17.217 1.00 63.46  ? 6201 C   A C5    1 
ATOM   597  C  C6    . C   A 1 28 ? 11.267  6.997   -17.843 1.00 63.54  ? 6201 C   A C6    1 
ATOM   598  P  P     . C   A 1 29 ? 11.236  11.999  -20.469 1.00 69.87  ? 6202 C   A P     1 
ATOM   599  O  OP1   . C   A 1 29 ? 10.954  12.992  -21.538 1.00 69.75  ? 6202 C   A OP1   1 
ATOM   600  O  OP2   . C   A 1 29 ? 12.534  11.276  -20.465 1.00 68.09  ? 6202 C   A OP2   1 
ATOM   601  O  "O5'" . C   A 1 29 ? 11.070  12.739  -19.066 1.00 67.73  ? 6202 C   A "O5'" 1 
ATOM   602  C  "C5'" . C   A 1 29 ? 9.901   13.496  -18.779 1.00 66.53  ? 6202 C   A "C5'" 1 
ATOM   603  C  "C4'" . C   A 1 29 ? 9.995   14.109  -17.403 1.00 66.23  ? 6202 C   A "C4'" 1 
ATOM   604  O  "O4'" . C   A 1 29 ? 10.085  13.059  -16.410 1.00 65.53  ? 6202 C   A "O4'" 1 
ATOM   605  C  "C3'" . C   A 1 29 ? 11.220  14.964  -17.133 1.00 66.08  ? 6202 C   A "C3'" 1 
ATOM   606  O  "O3'" . C   A 1 29 ? 11.167  16.261  -17.728 1.00 66.98  ? 6202 C   A "O3'" 1 
ATOM   607  C  "C2'" . C   A 1 29 ? 11.302  14.941  -15.612 1.00 65.54  ? 6202 C   A "C2'" 1 
ATOM   608  O  "O2'" . C   A 1 29 ? 10.396  15.820  -14.975 1.00 65.08  ? 6202 C   A "O2'" 1 
ATOM   609  C  "C1'" . C   A 1 29 ? 10.881  13.501  -15.320 1.00 64.07  ? 6202 C   A "C1'" 1 
ATOM   610  N  N1    . C   A 1 29 ? 12.005  12.570  -15.176 1.00 61.32  ? 6202 C   A N1    1 
ATOM   611  C  C2    . C   A 1 29 ? 12.752  12.587  -13.994 1.00 60.86  ? 6202 C   A C2    1 
ATOM   612  O  O2    . C   A 1 29 ? 12.490  13.443  -13.129 1.00 60.86  ? 6202 C   A O2    1 
ATOM   613  N  N3    . C   A 1 29 ? 13.741  11.679  -13.826 1.00 60.69  ? 6202 C   A N3    1 
ATOM   614  C  C4    . C   A 1 29 ? 14.004  10.795  -14.794 1.00 60.39  ? 6202 C   A C4    1 
ATOM   615  N  N4    . C   A 1 29 ? 14.967  9.899   -14.580 1.00 60.41  ? 6202 C   A N4    1 
ATOM   616  C  C5    . C   A 1 29 ? 13.285  10.784  -16.022 1.00 59.93  ? 6202 C   A C5    1 
ATOM   617  C  C6    . C   A 1 29 ? 12.304  11.681  -16.170 1.00 60.65  ? 6202 C   A C6    1 
ATOM   618  O  OP3   . U   B 2 1  ? -21.203 7.441   9.129   1.00 72.76  ? 6203 U   B OP3   1 
ATOM   619  P  P     . U   B 2 1  ? -20.935 8.452   8.027   1.00 73.95  ? 6203 U   B P     1 
ATOM   620  O  OP1   . U   B 2 1  ? -21.499 9.837   8.349   1.00 74.55  ? 6203 U   B OP1   1 
ATOM   621  O  OP2   . U   B 2 1  ? -19.468 8.508   7.615   1.00 74.76  ? 6203 U   B OP2   1 
ATOM   622  O  "O5'" . U   B 2 1  ? -21.745 7.916   6.712   1.00 70.26  ? 6203 U   B "O5'" 1 
ATOM   623  C  "C5'" . U   B 2 1  ? -21.754 6.521   6.353   1.00 66.64  ? 6203 U   B "C5'" 1 
ATOM   624  C  "C4'" . U   B 2 1  ? -22.198 6.340   4.914   1.00 65.05  ? 6203 U   B "C4'" 1 
ATOM   625  O  "O4'" . U   B 2 1  ? -23.214 7.329   4.578   1.00 64.59  ? 6203 U   B "O4'" 1 
ATOM   626  C  "C3'" . U   B 2 1  ? -21.150 6.558   3.835   1.00 64.44  ? 6203 U   B "C3'" 1 
ATOM   627  O  "O3'" . U   B 2 1  ? -20.291 5.444   3.680   1.00 64.40  ? 6203 U   B "O3'" 1 
ATOM   628  C  "C2'" . U   B 2 1  ? -22.020 6.792   2.611   1.00 62.92  ? 6203 U   B "C2'" 1 
ATOM   629  O  "O2'" . U   B 2 1  ? -22.617 5.616   2.099   1.00 62.62  ? 6203 U   B "O2'" 1 
ATOM   630  C  "C1'" . U   B 2 1  ? -23.086 7.701   3.208   1.00 61.61  ? 6203 U   B "C1'" 1 
ATOM   631  N  N1    . U   B 2 1  ? -22.633 9.097   3.150   1.00 59.45  ? 6203 U   B N1    1 
ATOM   632  C  C2    . U   B 2 1  ? -22.629 9.727   1.913   1.00 57.99  ? 6203 U   B C2    1 
ATOM   633  O  O2    . U   B 2 1  ? -22.992 9.178   0.881   1.00 58.03  ? 6203 U   B O2    1 
ATOM   634  N  N3    . U   B 2 1  ? -22.184 11.023  1.927   1.00 55.93  ? 6203 U   B N3    1 
ATOM   635  C  C4    . U   B 2 1  ? -21.759 11.739  3.026   1.00 56.72  ? 6203 U   B C4    1 
ATOM   636  O  O4    . U   B 2 1  ? -21.418 12.914  2.891   1.00 54.43  ? 6203 U   B O4    1 
ATOM   637  C  C5    . U   B 2 1  ? -21.795 11.019  4.258   1.00 56.94  ? 6203 U   B C5    1 
ATOM   638  C  C6    . U   B 2 1  ? -22.219 9.756   4.279   1.00 57.80  ? 6203 U   B C6    1 
ATOM   639  P  P     . A   B 2 2  ? -18.710 5.687   3.569   1.00 64.68  ? 6204 A   B P     1 
ATOM   640  O  OP1   . A   B 2 2  ? -18.100 4.336   3.539   1.00 65.19  ? 6204 A   B OP1   1 
ATOM   641  O  OP2   . A   B 2 2  ? -18.290 6.672   4.605   1.00 62.34  ? 6204 A   B OP2   1 
ATOM   642  O  "O5'" . A   B 2 2  ? -18.517 6.348   2.134   1.00 61.29  ? 6204 A   B "O5'" 1 
ATOM   643  C  "C5'" . A   B 2 2  ? -18.966 5.673   0.968   1.00 57.72  ? 6204 A   B "C5'" 1 
ATOM   644  C  "C4'" . A   B 2 2  ? -18.983 6.616   -0.212  1.00 55.65  ? 6204 A   B "C4'" 1 
ATOM   645  O  "O4'" . A   B 2 2  ? -19.900 7.711   0.061   1.00 53.38  ? 6204 A   B "O4'" 1 
ATOM   646  C  "C3'" . A   B 2 2  ? -17.677 7.329   -0.510  1.00 54.05  ? 6204 A   B "C3'" 1 
ATOM   647  O  "O3'" . A   B 2 2  ? -16.783 6.525   -1.255  1.00 53.69  ? 6204 A   B "O3'" 1 
ATOM   648  C  "C2'" . A   B 2 2  ? -18.157 8.510   -1.331  1.00 53.16  ? 6204 A   B "C2'" 1 
ATOM   649  O  "O2'" . A   B 2 2  ? -18.447 8.140   -2.660  1.00 53.33  ? 6204 A   B "O2'" 1 
ATOM   650  C  "C1'" . A   B 2 2  ? -19.431 8.885   -0.579  1.00 51.70  ? 6204 A   B "C1'" 1 
ATOM   651  N  N9    . A   B 2 2  ? -19.122 9.875   0.446   1.00 49.66  ? 6204 A   B N9    1 
ATOM   652  C  C8    . A   B 2 2  ? -19.055 9.731   1.810   1.00 49.72  ? 6204 A   B C8    1 
ATOM   653  N  N7    . A   B 2 2  ? -18.721 10.833  2.438   1.00 48.62  ? 6204 A   B N7    1 
ATOM   654  C  C5    . A   B 2 2  ? -18.569 11.762  1.419   1.00 48.30  ? 6204 A   B C5    1 
ATOM   655  C  C6    . A   B 2 2  ? -18.229 13.124  1.420   1.00 48.32  ? 6204 A   B C6    1 
ATOM   656  N  N6    . A   B 2 2  ? -17.984 13.830  2.528   1.00 46.64  ? 6204 A   B N6    1 
ATOM   657  N  N1    . A   B 2 2  ? -18.150 13.750  0.227   1.00 47.28  ? 6204 A   B N1    1 
ATOM   658  C  C2    . A   B 2 2  ? -18.402 13.048  -0.883  1.00 46.71  ? 6204 A   B C2    1 
ATOM   659  N  N3    . A   B 2 2  ? -18.739 11.773  -1.012  1.00 47.80  ? 6204 A   B N3    1 
ATOM   660  C  C4    . A   B 2 2  ? -18.808 11.181  0.189   1.00 48.56  ? 6204 A   B C4    1 
ATOM   661  P  P     . A   B 2 3  ? -15.211 6.613   -0.949  1.00 53.47  ? 6205 A   B P     1 
ATOM   662  O  OP1   . A   B 2 3  ? -14.574 5.540   -1.753  1.00 53.76  ? 6205 A   B OP1   1 
ATOM   663  O  OP2   . A   B 2 3  ? -15.004 6.662   0.529   1.00 50.87  ? 6205 A   B OP2   1 
ATOM   664  O  "O5'" . A   B 2 3  ? -14.781 8.031   -1.538  1.00 52.08  ? 6205 A   B "O5'" 1 
ATOM   665  C  "C5'" . A   B 2 3  ? -15.084 8.402   -2.879  1.00 48.64  ? 6205 A   B "C5'" 1 
ATOM   666  C  "C4'" . A   B 2 3  ? -14.805 9.872   -3.071  1.00 46.77  ? 6205 A   B "C4'" 1 
ATOM   667  O  "O4'" . A   B 2 3  ? -15.752 10.640  -2.283  1.00 46.37  ? 6205 A   B "O4'" 1 
ATOM   668  C  "C3'" . A   B 2 3  ? -13.456 10.339  -2.550  1.00 46.39  ? 6205 A   B "C3'" 1 
ATOM   669  O  "O3'" . A   B 2 3  ? -12.419 10.119  -3.489  1.00 45.09  ? 6205 A   B "O3'" 1 
ATOM   670  C  "C2'" . A   B 2 3  ? -13.703 11.823  -2.339  1.00 45.92  ? 6205 A   B "C2'" 1 
ATOM   671  O  "O2'" . A   B 2 3  ? -13.706 12.518  -3.569  1.00 44.29  ? 6205 A   B "O2'" 1 
ATOM   672  C  "C1'" . A   B 2 3  ? -15.118 11.799  -1.761  1.00 45.91  ? 6205 A   B "C1'" 1 
ATOM   673  N  N9    . A   B 2 3  ? -15.121 11.703  -0.302  1.00 46.22  ? 6205 A   B N9    1 
ATOM   674  C  C8    . A   B 2 3  ? -15.336 10.581  0.464   1.00 45.82  ? 6205 A   B C8    1 
ATOM   675  N  N7    . A   B 2 3  ? -15.275 10.804  1.755   1.00 45.81  ? 6205 A   B N7    1 
ATOM   676  C  C5    . A   B 2 3  ? -15.000 12.159  1.850   1.00 45.81  ? 6205 A   B C5    1 
ATOM   677  C  C6    . A   B 2 3  ? -14.815 13.010  2.954   1.00 47.31  ? 6205 A   B C6    1 
ATOM   678  N  N6    . A   B 2 3  ? -14.896 12.602  4.227   1.00 47.84  ? 6205 A   B N6    1 
ATOM   679  N  N1    . A   B 2 3  ? -14.543 14.313  2.705   1.00 47.19  ? 6205 A   B N1    1 
ATOM   680  C  C2    . A   B 2 3  ? -14.470 14.719  1.426   1.00 45.65  ? 6205 A   B C2    1 
ATOM   681  N  N3    . A   B 2 3  ? -14.633 14.013  0.303   1.00 45.32  ? 6205 A   B N3    1 
ATOM   682  C  C4    . A   B 2 3  ? -14.899 12.727  0.588   1.00 45.87  ? 6205 A   B C4    1 
ATOM   683  P  P     . G   B 2 4  ? -10.921 9.875   -2.966  1.00 44.77  ? 6206 G   B P     1 
ATOM   684  O  OP1   . G   B 2 4  ? -10.076 9.592   -4.154  1.00 47.42  ? 6206 G   B OP1   1 
ATOM   685  O  OP2   . G   B 2 4  ? -10.986 8.896   -1.847  1.00 45.63  ? 6206 G   B OP2   1 
ATOM   686  O  "O5'" . G   B 2 4  ? -10.477 11.269  -2.335  1.00 43.96  ? 6206 G   B "O5'" 1 
ATOM   687  C  "C5'" . G   B 2 4  ? -10.444 12.453  -3.117  1.00 42.05  ? 6206 G   B "C5'" 1 
ATOM   688  C  "C4'" . G   B 2 4  ? -10.172 13.644  -2.232  1.00 42.14  ? 6206 G   B "C4'" 1 
ATOM   689  O  "O4'" . G   B 2 4  ? -11.282 13.839  -1.314  1.00 40.49  ? 6206 G   B "O4'" 1 
ATOM   690  C  "C3'" . G   B 2 4  ? -8.967  13.517  -1.317  1.00 41.88  ? 6206 G   B "C3'" 1 
ATOM   691  O  "O3'" . G   B 2 4  ? -7.783  13.843  -2.023  1.00 42.58  ? 6206 G   B "O3'" 1 
ATOM   692  C  "C2'" . G   B 2 4  ? -9.287  14.544  -0.239  1.00 40.73  ? 6206 G   B "C2'" 1 
ATOM   693  O  "O2'" . G   B 2 4  ? -9.024  15.876  -0.648  1.00 40.61  ? 6206 G   B "O2'" 1 
ATOM   694  C  "C1'" . G   B 2 4  ? -10.794 14.339  -0.081  1.00 40.14  ? 6206 G   B "C1'" 1 
ATOM   695  N  N9    . G   B 2 4  ? -11.111 13.370  0.963   1.00 39.94  ? 6206 G   B N9    1 
ATOM   696  C  C8    . G   B 2 4  ? -11.523 12.070  0.802   1.00 38.70  ? 6206 G   B C8    1 
ATOM   697  N  N7    . G   B 2 4  ? -11.738 11.459  1.932   1.00 38.49  ? 6206 G   B N7    1 
ATOM   698  C  C5    . G   B 2 4  ? -11.445 12.411  2.897   1.00 40.27  ? 6206 G   B C5    1 
ATOM   699  C  C6    . G   B 2 4  ? -11.483 12.327  4.311   1.00 41.33  ? 6206 G   B C6    1 
ATOM   700  O  O6    . G   B 2 4  ? -11.805 11.363  5.012   1.00 39.99  ? 6206 G   B O6    1 
ATOM   701  N  N1    . G   B 2 4  ? -11.093 13.523  4.906   1.00 41.04  ? 6206 G   B N1    1 
ATOM   702  C  C2    . G   B 2 4  ? -10.720 14.658  4.227   1.00 42.01  ? 6206 G   B C2    1 
ATOM   703  N  N2    . G   B 2 4  ? -10.375 15.721  4.978   1.00 42.74  ? 6206 G   B N2    1 
ATOM   704  N  N3    . G   B 2 4  ? -10.683 14.748  2.908   1.00 40.42  ? 6206 G   B N3    1 
ATOM   705  C  C4    . G   B 2 4  ? -11.055 13.595  2.314   1.00 39.89  ? 6206 G   B C4    1 
ATOM   706  P  P     . A   B 2 5  ? -6.408  13.101  -1.655  1.00 44.09  ? 6207 A   B P     1 
ATOM   707  O  OP1   . A   B 2 5  ? -5.365  13.684  -2.537  1.00 44.99  ? 6207 A   B OP1   1 
ATOM   708  O  OP2   . A   B 2 5  ? -6.648  11.636  -1.663  1.00 43.61  ? 6207 A   B OP2   1 
ATOM   709  O  "O5'" . A   B 2 5  ? -6.107  13.564  -0.168  1.00 41.62  ? 6207 A   B "O5'" 1 
ATOM   710  C  "C5'" . A   B 2 5  ? -5.899  14.932  0.119   1.00 44.51  ? 6207 A   B "C5'" 1 
ATOM   711  C  "C4'" . A   B 2 5  ? -5.920  15.158  1.606   1.00 45.82  ? 6207 A   B "C4'" 1 
ATOM   712  O  "O4'" . A   B 2 5  ? -7.225  14.796  2.136   1.00 45.62  ? 6207 A   B "O4'" 1 
ATOM   713  C  "C3'" . A   B 2 5  ? -4.964  14.295  2.404   1.00 46.02  ? 6207 A   B "C3'" 1 
ATOM   714  O  "O3'" . A   B 2 5  ? -3.658  14.844  2.402   1.00 47.46  ? 6207 A   B "O3'" 1 
ATOM   715  C  "C2'" . A   B 2 5  ? -5.586  14.368  3.787   1.00 46.00  ? 6207 A   B "C2'" 1 
ATOM   716  O  "O2'" . A   B 2 5  ? -5.319  15.620  4.377   1.00 46.02  ? 6207 A   B "O2'" 1 
ATOM   717  C  "C1'" . A   B 2 5  ? -7.073  14.273  3.447   1.00 45.89  ? 6207 A   B "C1'" 1 
ATOM   718  N  N9    . A   B 2 5  ? -7.584  12.902  3.456   1.00 45.03  ? 6207 A   B N9    1 
ATOM   719  C  C8    . A   B 2 5  ? -7.812  12.076  2.384   1.00 43.22  ? 6207 A   B C8    1 
ATOM   720  N  N7    . A   B 2 5  ? -8.281  10.896  2.717   1.00 44.43  ? 6207 A   B N7    1 
ATOM   721  C  C5    . A   B 2 5  ? -8.360  10.947  4.102   1.00 44.37  ? 6207 A   B C5    1 
ATOM   722  C  C6    . A   B 2 5  ? -8.775  10.007  5.064   1.00 43.14  ? 6207 A   B C6    1 
ATOM   723  N  N6    . A   B 2 5  ? -9.207  8.780   4.765   1.00 43.04  ? 6207 A   B N6    1 
ATOM   724  N  N1    . A   B 2 5  ? -8.732  10.375  6.361   1.00 44.90  ? 6207 A   B N1    1 
ATOM   725  C  C2    . A   B 2 5  ? -8.302  11.611  6.663   1.00 45.61  ? 6207 A   B C2    1 
ATOM   726  N  N3    . A   B 2 5  ? -7.890  12.583  5.852   1.00 45.51  ? 6207 A   B N3    1 
ATOM   727  C  C4    . A   B 2 5  ? -7.941  12.180  4.571   1.00 44.95  ? 6207 A   B C4    1 
ATOM   728  P  P     . A   B 2 6  ? -2.385  13.861  2.334   1.00 49.95  ? 6208 A   B P     1 
ATOM   729  O  OP1   . A   B 2 6  ? -1.163  14.701  2.471   1.00 48.79  ? 6208 A   B OP1   1 
ATOM   730  O  OP2   . A   B 2 6  ? -2.529  12.953  1.157   1.00 47.38  ? 6208 A   B OP2   1 
ATOM   731  O  "O5'" . A   B 2 6  ? -2.528  12.975  3.650   1.00 47.20  ? 6208 A   B "O5'" 1 
ATOM   732  C  "C5'" . A   B 2 6  ? -2.487  13.566  4.941   1.00 45.58  ? 6208 A   B "C5'" 1 
ATOM   733  C  "C4'" . A   B 2 6  ? -2.825  12.529  5.989   1.00 46.84  ? 6208 A   B "C4'" 1 
ATOM   734  O  "O4'" . A   B 2 6  ? -4.221  12.138  5.869   1.00 46.42  ? 6208 A   B "O4'" 1 
ATOM   735  C  "C3'" . A   B 2 6  ? -2.069  11.219  5.845   1.00 46.42  ? 6208 A   B "C3'" 1 
ATOM   736  O  "O3'" . A   B 2 6  ? -0.791  11.295  6.454   1.00 45.53  ? 6208 A   B "O3'" 1 
ATOM   737  C  "C2'" . A   B 2 6  ? -2.974  10.255  6.588   1.00 47.14  ? 6208 A   B "C2'" 1 
ATOM   738  O  "O2'" . A   B 2 6  ? -2.827  10.397  7.984   1.00 47.62  ? 6208 A   B "O2'" 1 
ATOM   739  C  "C1'" . A   B 2 6  ? -4.356  10.753  6.159   1.00 46.38  ? 6208 A   B "C1'" 1 
ATOM   740  N  N9    . A   B 2 6  ? -4.833  10.085  4.952   1.00 45.52  ? 6208 A   B N9    1 
ATOM   741  C  C8    . A   B 2 6  ? -4.732  10.530  3.660   1.00 44.74  ? 6208 A   B C8    1 
ATOM   742  N  N7    . A   B 2 6  ? -5.253  9.715   2.775   1.00 45.21  ? 6208 A   B N7    1 
ATOM   743  C  C5    . A   B 2 6  ? -5.734  8.661   3.538   1.00 45.34  ? 6208 A   B C5    1 
ATOM   744  C  C6    . A   B 2 6  ? -6.401  7.475   3.195   1.00 45.75  ? 6208 A   B C6    1 
ATOM   745  N  N6    . A   B 2 6  ? -6.741  7.151   1.943   1.00 45.26  ? 6208 A   B N6    1 
ATOM   746  N  N1    . A   B 2 6  ? -6.719  6.625   4.197   1.00 44.36  ? 6208 A   B N1    1 
ATOM   747  C  C2    . A   B 2 6  ? -6.400  6.963   5.452   1.00 43.92  ? 6208 A   B C2    1 
ATOM   748  N  N3    . A   B 2 6  ? -5.788  8.054   5.901   1.00 44.82  ? 6208 A   B N3    1 
ATOM   749  C  C4    . A   B 2 6  ? -5.475  8.872   4.881   1.00 45.85  ? 6208 A   B C4    1 
ATOM   750  P  P     . A   B 2 7  ? 0.434   10.459  5.839   1.00 45.73  ? 6209 A   B P     1 
ATOM   751  O  OP1   . A   B 2 7  ? 1.624   10.846  6.637   1.00 46.57  ? 6209 A   B OP1   1 
ATOM   752  O  OP2   . A   B 2 7  ? 0.451   10.611  4.362   1.00 43.17  ? 6209 A   B OP2   1 
ATOM   753  O  "O5'" . A   B 2 7  ? 0.067   8.940   6.150   1.00 46.12  ? 6209 A   B "O5'" 1 
ATOM   754  C  "C5'" . A   B 2 7  ? -0.040  8.468   7.486   1.00 43.47  ? 6209 A   B "C5'" 1 
ATOM   755  C  "C4'" . A   B 2 7  ? -0.645  7.088   7.498   1.00 42.96  ? 6209 A   B "C4'" 1 
ATOM   756  O  "O4'" . A   B 2 7  ? -2.022  7.169   7.055   1.00 41.42  ? 6209 A   B "O4'" 1 
ATOM   757  C  "C3'" . A   B 2 7  ? -0.025  6.077   6.548   1.00 42.82  ? 6209 A   B "C3'" 1 
ATOM   758  O  "O3'" . A   B 2 7  ? 1.128   5.491   7.125   1.00 43.15  ? 6209 A   B "O3'" 1 
ATOM   759  C  "C2'" . A   B 2 7  ? -1.148  5.062   6.425   1.00 42.38  ? 6209 A   B "C2'" 1 
ATOM   760  O  "O2'" . A   B 2 7  ? -1.239  4.251   7.578   1.00 43.18  ? 6209 A   B "O2'" 1 
ATOM   761  C  "C1'" . A   B 2 7  ? -2.366  5.982   6.356   1.00 40.67  ? 6209 A   B "C1'" 1 
ATOM   762  N  N9    . A   B 2 7  ? -2.689  6.335   4.976   1.00 40.04  ? 6209 A   B N9    1 
ATOM   763  C  C8    . A   B 2 7  ? -2.432  7.509   4.307   1.00 40.03  ? 6209 A   B C8    1 
ATOM   764  N  N7    . A   B 2 7  ? -2.809  7.494   3.051   1.00 40.22  ? 6209 A   B N7    1 
ATOM   765  C  C5    . A   B 2 7  ? -3.356  6.231   2.882   1.00 39.22  ? 6209 A   B C5    1 
ATOM   766  C  C6    . A   B 2 7  ? -3.915  5.587   1.767   1.00 38.15  ? 6209 A   B C6    1 
ATOM   767  N  N6    . A   B 2 7  ? -4.006  6.150   0.561   1.00 35.21  ? 6209 A   B N6    1 
ATOM   768  N  N1    . A   B 2 7  ? -4.372  4.326   1.930   1.00 38.01  ? 6209 A   B N1    1 
ATOM   769  C  C2    . A   B 2 7  ? -4.259  3.758   3.136   1.00 38.79  ? 6209 A   B C2    1 
ATOM   770  N  N3    . A   B 2 7  ? -3.744  4.258   4.260   1.00 39.74  ? 6209 A   B N3    1 
ATOM   771  C  C4    . A   B 2 7  ? -3.304  5.512   4.063   1.00 39.43  ? 6209 A   B C4    1 
ATOM   772  P  P     . U   B 2 8  ? 2.515   5.509   6.316   1.00 41.93  ? 6210 U   B P     1 
ATOM   773  O  OP1   . U   B 2 8  ? 3.471   6.386   7.029   1.00 41.57  ? 6210 U   B OP1   1 
ATOM   774  O  OP2   . U   B 2 8  ? 2.217   5.760   4.886   1.00 37.37  ? 6210 U   B OP2   1 
ATOM   775  O  "O5'" . U   B 2 8  ? 3.037   4.013   6.448   1.00 42.77  ? 6210 U   B "O5'" 1 
ATOM   776  C  "C5'" . U   B 2 8  ? 2.362   2.952   5.788   1.00 42.22  ? 6210 U   B "C5'" 1 
ATOM   777  C  "C4'" . U   B 2 8  ? 2.028   1.850   6.764   1.00 44.97  ? 6210 U   B "C4'" 1 
ATOM   778  O  "O4'" . U   B 2 8  ? 3.224   1.088   7.084   1.00 44.12  ? 6210 U   B "O4'" 1 
ATOM   779  C  "C3'" . U   B 2 8  ? 1.550   2.412   8.088   1.00 46.25  ? 6210 U   B "C3'" 1 
ATOM   780  O  "O3'" . U   B 2 8  ? 0.168   2.328   8.433   1.00 50.26  ? 6210 U   B "O3'" 1 
ATOM   781  C  "C2'" . U   B 2 8  ? 2.736   2.393   9.045   1.00 44.99  ? 6210 U   B "C2'" 1 
ATOM   782  O  "O2'" . U   B 2 8  ? 2.441   1.998   10.364  1.00 45.62  ? 6210 U   B "O2'" 1 
ATOM   783  C  "C1'" . U   B 2 8  ? 3.619   1.316   8.423   1.00 45.27  ? 6210 U   B "C1'" 1 
ATOM   784  N  N1    . U   B 2 8  ? 5.061   1.580   8.462   1.00 45.24  ? 6210 U   B N1    1 
ATOM   785  C  C2    . U   B 2 8  ? 5.804   0.876   9.387   1.00 47.10  ? 6210 U   B C2    1 
ATOM   786  O  O2    . U   B 2 8  ? 5.311   0.067   10.149  1.00 47.42  ? 6210 U   B O2    1 
ATOM   787  N  N3    . U   B 2 8  ? 7.146   1.152   9.387   1.00 47.14  ? 6210 U   B N3    1 
ATOM   788  C  C4    . U   B 2 8  ? 7.802   2.049   8.576   1.00 47.90  ? 6210 U   B C4    1 
ATOM   789  O  O4    . U   B 2 8  ? 9.017   2.213   8.711   1.00 47.55  ? 6210 U   B O4    1 
ATOM   790  C  C5    . U   B 2 8  ? 6.962   2.740   7.645   1.00 46.33  ? 6210 U   B C5    1 
ATOM   791  C  C6    . U   B 2 8  ? 5.652   2.486   7.623   1.00 46.59  ? 6210 U   B C6    1 
ATOM   792  P  P     . U   B 2 9  ? -0.475  0.909   8.779   1.00 47.28  ? 6211 U   B P     1 
ATOM   793  O  OP1   . U   B 2 9  ? 0.666   0.017   9.063   1.00 51.10  ? 6211 U   B OP1   1 
ATOM   794  O  OP2   . U   B 2 9  ? -1.442  0.545   7.728   1.00 51.33  ? 6211 U   B OP2   1 
ATOM   795  O  "O5'" . U   B 2 9  ? -1.249  1.199   10.130  1.00 51.57  ? 6211 U   B "O5'" 1 
ATOM   796  C  "C5'" . U   B 2 9  ? -0.594  1.895   11.177  1.00 55.35  ? 6211 U   B "C5'" 1 
ATOM   797  C  "C4'" . U   B 2 9  ? -1.606  2.571   12.046  1.00 58.24  ? 6211 U   B "C4'" 1 
ATOM   798  O  "O4'" . U   B 2 9  ? -0.943  3.639   12.758  1.00 60.32  ? 6211 U   B "O4'" 1 
ATOM   799  C  "C3'" . U   B 2 9  ? -2.697  3.248   11.247  1.00 59.50  ? 6211 U   B "C3'" 1 
ATOM   800  O  "O3'" . U   B 2 9  ? -3.996  2.663   11.236  1.00 59.92  ? 6211 U   B "O3'" 1 
ATOM   801  C  "C2'" . U   B 2 9  ? -2.322  4.715   11.101  1.00 59.88  ? 6211 U   B "C2'" 1 
ATOM   802  O  "O2'" . U   B 2 9  ? -3.370  5.631   11.309  1.00 60.86  ? 6211 U   B "O2'" 1 
ATOM   803  C  "C1'" . U   B 2 9  ? -1.317  4.898   12.233  1.00 61.66  ? 6211 U   B "C1'" 1 
ATOM   804  N  N1    . U   B 2 9  ? -0.094  5.552   11.767  1.00 64.28  ? 6211 U   B N1    1 
ATOM   805  C  C2    . U   B 2 9  ? 0.119   6.844   12.174  1.00 66.57  ? 6211 U   B C2    1 
ATOM   806  O  O2    . U   B 2 9  ? -0.672  7.451   12.876  1.00 68.25  ? 6211 U   B O2    1 
ATOM   807  N  N3    . U   B 2 9  ? 1.289   7.404   11.730  1.00 67.10  ? 6211 U   B N3    1 
ATOM   808  C  C4    . U   B 2 9  ? 2.240   6.808   10.924  1.00 67.16  ? 6211 U   B C4    1 
ATOM   809  O  O4    . U   B 2 9  ? 3.265   7.432   10.635  1.00 67.87  ? 6211 U   B O4    1 
ATOM   810  C  C5    . U   B 2 9  ? 1.930   5.466   10.530  1.00 66.52  ? 6211 U   B C5    1 
ATOM   811  C  C6    . U   B 2 9  ? 0.800   4.898   10.959  1.00 65.27  ? 6211 U   B C6    1 
ATOM   812  P  P     . U   B 2 10 ? -5.166  3.262   12.150  1.00 56.35  ? 6212 U   B P     1 
ATOM   813  O  OP1   . U   B 2 10 ? -4.693  4.499   12.815  1.00 57.41  ? 6212 U   B OP1   1 
ATOM   814  O  OP2   . U   B 2 10 ? -5.668  2.139   12.976  1.00 56.78  ? 6212 U   B OP2   1 
ATOM   815  O  "O5'" . U   B 2 10 ? -6.268  3.632   11.067  1.00 54.70  ? 6212 U   B "O5'" 1 
ATOM   816  C  "C5'" . U   B 2 10 ? -6.162  4.821   10.299  1.00 49.92  ? 6212 U   B "C5'" 1 
ATOM   817  C  "C4'" . U   B 2 10 ? -6.704  4.593   8.911   1.00 47.80  ? 6212 U   B "C4'" 1 
ATOM   818  O  "O4'" . U   B 2 10 ? -5.664  4.087   8.038   1.00 46.37  ? 6212 U   B "O4'" 1 
ATOM   819  C  "C3'" . U   B 2 10 ? -7.803  3.555   8.774   1.00 45.96  ? 6212 U   B "C3'" 1 
ATOM   820  O  "O3'" . U   B 2 10 ? -9.057  4.064   9.187   1.00 45.52  ? 6212 U   B "O3'" 1 
ATOM   821  C  "C2'" . U   B 2 10 ? -7.767  3.290   7.277   1.00 45.52  ? 6212 U   B "C2'" 1 
ATOM   822  O  "O2'" . U   B 2 10 ? -8.387  4.318   6.528   1.00 45.74  ? 6212 U   B "O2'" 1 
ATOM   823  C  "C1'" . U   B 2 10 ? -6.260  3.306   7.012   1.00 44.08  ? 6212 U   B "C1'" 1 
ATOM   824  N  N1    . U   B 2 10 ? -5.683  1.954   7.050   1.00 40.47  ? 6212 U   B N1    1 
ATOM   825  C  C2    . U   B 2 10 ? -5.965  1.116   5.993   1.00 38.83  ? 6212 U   B C2    1 
ATOM   826  O  O2    . U   B 2 10 ? -6.653  1.449   5.052   1.00 40.99  ? 6212 U   B O2    1 
ATOM   827  N  N3    . U   B 2 10 ? -5.406  -0.132  6.076   1.00 38.11  ? 6212 U   B N3    1 
ATOM   828  C  C4    . U   B 2 10 ? -4.605  -0.612  7.087   1.00 36.38  ? 6212 U   B C4    1 
ATOM   829  O  O4    . U   B 2 10 ? -4.153  -1.748  7.010   1.00 32.91  ? 6212 U   B O4    1 
ATOM   830  C  C5    . U   B 2 10 ? -4.359  0.314   8.144   1.00 36.42  ? 6212 U   B C5    1 
ATOM   831  C  C6    . U   B 2 10 ? -4.895  1.535   8.093   1.00 39.56  ? 6212 U   B C6    1 
ATOM   832  P  P     . A   B 2 11 ? -10.221 3.050   9.649   1.00 47.31  ? 6213 A   B P     1 
ATOM   833  O  OP1   . A   B 2 11 ? -11.330 3.906   10.128  1.00 47.58  ? 6213 A   B OP1   1 
ATOM   834  O  OP2   . A   B 2 11 ? -9.656  2.014   10.546  1.00 45.21  ? 6213 A   B OP2   1 
ATOM   835  O  "O5'" . A   B 2 11 ? -10.714 2.370   8.296   1.00 45.40  ? 6213 A   B "O5'" 1 
ATOM   836  C  "C5'" . A   B 2 11 ? -11.430 3.129   7.336   1.00 44.69  ? 6213 A   B "C5'" 1 
ATOM   837  C  "C4'" . A   B 2 11 ? -11.887 2.246   6.206   1.00 44.97  ? 6213 A   B "C4'" 1 
ATOM   838  O  "O4'" . A   B 2 11 ? -10.736 1.795   5.451   1.00 44.33  ? 6213 A   B "O4'" 1 
ATOM   839  C  "C3'" . A   B 2 11 ? -12.600 0.964   6.594   1.00 46.39  ? 6213 A   B "C3'" 1 
ATOM   840  O  "O3'" . A   B 2 11 ? -13.979 1.185   6.862   1.00 49.48  ? 6213 A   B "O3'" 1 
ATOM   841  C  "C2'" . A   B 2 11 ? -12.404 0.122   5.342   1.00 46.10  ? 6213 A   B "C2'" 1 
ATOM   842  O  "O2'" . A   B 2 11 ? -13.269 0.514   4.294   1.00 47.53  ? 6213 A   B "O2'" 1 
ATOM   843  C  "C1'" . A   B 2 11 ? -10.961 0.474   4.982   1.00 43.38  ? 6213 A   B "C1'" 1 
ATOM   844  N  N9    . A   B 2 11 ? -9.984  -0.398  5.634   1.00 41.29  ? 6213 A   B N9    1 
ATOM   845  C  C8    . A   B 2 11 ? -9.331  -0.165  6.819   1.00 40.02  ? 6213 A   B C8    1 
ATOM   846  N  N7    . A   B 2 11 ? -8.469  -1.098  7.138   1.00 40.55  ? 6213 A   B N7    1 
ATOM   847  C  C5    . A   B 2 11 ? -8.569  -2.015  6.100   1.00 40.14  ? 6213 A   B C5    1 
ATOM   848  C  C6    . A   B 2 11 ? -7.904  -3.228  5.839   1.00 40.57  ? 6213 A   B C6    1 
ATOM   849  N  N6    . A   B 2 11 ? -6.953  -3.741  6.622   1.00 40.58  ? 6213 A   B N6    1 
ATOM   850  N  N1    . A   B 2 11 ? -8.248  -3.905  4.726   1.00 40.90  ? 6213 A   B N1    1 
ATOM   851  C  C2    . A   B 2 11 ? -9.187  -3.385  3.930   1.00 39.57  ? 6213 A   B C2    1 
ATOM   852  N  N3    . A   B 2 11 ? -9.873  -2.255  4.059   1.00 38.17  ? 6213 A   B N3    1 
ATOM   853  C  C4    . A   B 2 11 ? -9.513  -1.606  5.178   1.00 40.04  ? 6213 A   B C4    1 
ATOM   854  P  P     . C   B 2 12 ? -14.741 0.258   7.937   1.00 50.84  ? 6214 C   B P     1 
ATOM   855  O  OP1   . C   B 2 12 ? -16.072 0.872   8.152   1.00 51.21  ? 6214 C   B OP1   1 
ATOM   856  O  OP2   . C   B 2 12 ? -13.851 0.026   9.102   1.00 50.17  ? 6214 C   B OP2   1 
ATOM   857  O  "O5'" . C   B 2 12 ? -14.936 -1.120  7.167   1.00 49.10  ? 6214 C   B "O5'" 1 
ATOM   858  C  "C5'" . C   B 2 12 ? -15.676 -1.173  5.957   1.00 47.37  ? 6214 C   B "C5'" 1 
ATOM   859  C  "C4'" . C   B 2 12 ? -15.400 -2.465  5.241   1.00 47.55  ? 6214 C   B "C4'" 1 
ATOM   860  O  "O4'" . C   B 2 12 ? -14.015 -2.486  4.813   1.00 45.66  ? 6214 C   B "O4'" 1 
ATOM   861  C  "C3'" . C   B 2 12 ? -15.530 -3.726  6.080   1.00 47.56  ? 6214 C   B "C3'" 1 
ATOM   862  O  "O3'" . C   B 2 12 ? -16.878 -4.153  6.208   1.00 50.60  ? 6214 C   B "O3'" 1 
ATOM   863  C  "C2'" . C   B 2 12 ? -14.704 -4.708  5.264   1.00 46.32  ? 6214 C   B "C2'" 1 
ATOM   864  O  "O2'" . C   B 2 12 ? -15.363 -5.174  4.097   1.00 43.72  ? 6214 C   B "O2'" 1 
ATOM   865  C  "C1'" . C   B 2 12 ? -13.527 -3.819  4.873   1.00 45.79  ? 6214 C   B "C1'" 1 
ATOM   866  N  N1    . C   B 2 12 ? -12.456 -3.886  5.876   1.00 43.81  ? 6214 C   B N1    1 
ATOM   867  C  C2    . C   B 2 12 ? -11.615 -4.995  5.875   1.00 42.35  ? 6214 C   B C2    1 
ATOM   868  O  O2    . C   B 2 12 ? -11.810 -5.882  5.037   1.00 42.64  ? 6214 C   B O2    1 
ATOM   869  N  N3    . C   B 2 12 ? -10.618 -5.076  6.782   1.00 42.33  ? 6214 C   B N3    1 
ATOM   870  C  C4    . C   B 2 12 ? -10.444 -4.094  7.665   1.00 43.62  ? 6214 C   B C4    1 
ATOM   871  N  N4    . C   B 2 12 ? -9.422  -4.197  8.526   1.00 42.09  ? 6214 C   B N4    1 
ATOM   872  C  C5    . C   B 2 12 ? -11.300 -2.952  7.700   1.00 44.22  ? 6214 C   B C5    1 
ATOM   873  C  C6    . C   B 2 12 ? -12.284 -2.890  6.795   1.00 43.13  ? 6214 C   B C6    1 
ATOM   874  P  P     . C   B 2 13 ? -17.356 -4.869  7.568   1.00 54.01  ? 6215 C   B P     1 
ATOM   875  O  OP1   . C   B 2 13 ? -18.831 -4.976  7.458   1.00 53.95  ? 6215 C   B OP1   1 
ATOM   876  O  OP2   . C   B 2 13 ? -16.754 -4.162  8.738   1.00 51.61  ? 6215 C   B OP2   1 
ATOM   877  O  "O5'" . C   B 2 13 ? -16.727 -6.334  7.478   1.00 49.37  ? 6215 C   B "O5'" 1 
ATOM   878  C  "C5'" . C   B 2 13 ? -17.041 -7.177  6.381   1.00 48.92  ? 6215 C   B "C5'" 1 
ATOM   879  C  "C4'" . C   B 2 13 ? -16.082 -8.344  6.305   1.00 49.09  ? 6215 C   B "C4'" 1 
ATOM   880  O  "O4'" . C   B 2 13 ? -14.725 -7.842  6.201   1.00 48.60  ? 6215 C   B "O4'" 1 
ATOM   881  C  "C3'" . C   B 2 13 ? -16.015 -9.283  7.501   1.00 50.26  ? 6215 C   B "C3'" 1 
ATOM   882  O  "O3'" . C   B 2 13 ? -17.057 -10.254 7.485   1.00 51.62  ? 6215 C   B "O3'" 1 
ATOM   883  C  "C2'" . C   B 2 13 ? -14.660 -9.948  7.294   1.00 48.76  ? 6215 C   B "C2'" 1 
ATOM   884  O  "O2'" . C   B 2 13 ? -14.699 -10.943 6.296   1.00 49.38  ? 6215 C   B "O2'" 1 
ATOM   885  C  "C1'" . C   B 2 13 ? -13.829 -8.778  6.774   1.00 47.35  ? 6215 C   B "C1'" 1 
ATOM   886  N  N1    . C   B 2 13 ? -13.048 -8.109  7.826   1.00 44.95  ? 6215 C   B N1    1 
ATOM   887  C  C2    . C   B 2 13 ? -11.873 -8.720  8.264   1.00 42.45  ? 6215 C   B C2    1 
ATOM   888  O  O2    . C   B 2 13 ? -11.567 -9.826  7.795   1.00 41.84  ? 6215 C   B O2    1 
ATOM   889  N  N3    . C   B 2 13 ? -11.105 -8.099  9.182   1.00 40.62  ? 6215 C   B N3    1 
ATOM   890  C  C4    . C   B 2 13 ? -11.474 -6.913  9.667   1.00 41.52  ? 6215 C   B C4    1 
ATOM   891  N  N4    . C   B 2 13 ? -10.651 -6.311  10.531  1.00 39.48  ? 6215 C   B N4    1 
ATOM   892  C  C5    . C   B 2 13 ? -12.694 -6.281  9.273   1.00 42.15  ? 6215 C   B C5    1 
ATOM   893  C  C6    . C   B 2 13 ? -13.444 -6.910  8.355   1.00 43.04  ? 6215 C   B C6    1 
ATOM   894  P  P     . U   B 2 14 ? -17.530 -10.945 8.862   1.00 53.73  ? 6216 U   B P     1 
ATOM   895  O  OP1   . U   B 2 14 ? -18.737 -11.750 8.517   1.00 53.55  ? 6216 U   B OP1   1 
ATOM   896  O  OP2   . U   B 2 14 ? -17.614 -9.903  9.931   1.00 51.53  ? 6216 U   B OP2   1 
ATOM   897  O  "O5'" . U   B 2 14 ? -16.349 -11.953 9.234   1.00 53.00  ? 6216 U   B "O5'" 1 
ATOM   898  C  "C5'" . U   B 2 14 ? -16.169 -13.174 8.516   1.00 53.63  ? 6216 U   B "C5'" 1 
ATOM   899  C  "C4'" . U   B 2 14 ? -14.994 -13.946 9.080   1.00 55.71  ? 6216 U   B "C4'" 1 
ATOM   900  O  "O4'" . U   B 2 14 ? -13.791 -13.151 8.932   1.00 53.51  ? 6216 U   B "O4'" 1 
ATOM   901  C  "C3'" . U   B 2 14 ? -15.060 -14.245 10.568  1.00 57.91  ? 6216 U   B "C3'" 1 
ATOM   902  O  "O3'" . U   B 2 14 ? -15.809 -15.425 10.806  1.00 65.24  ? 6216 U   B "O3'" 1 
ATOM   903  C  "C2'" . U   B 2 14 ? -13.590 -14.413 10.940  1.00 54.89  ? 6216 U   B "C2'" 1 
ATOM   904  O  "O2'" . U   B 2 14 ? -13.046 -15.692 10.658  1.00 56.00  ? 6216 U   B "O2'" 1 
ATOM   905  C  "C1'" . U   B 2 14 ? -12.937 -13.360 10.047  1.00 50.82  ? 6216 U   B "C1'" 1 
ATOM   906  N  N1    . U   B 2 14 ? -12.732 -12.071 10.720  1.00 43.98  ? 6216 U   B N1    1 
ATOM   907  C  C2    . U   B 2 14 ? -11.519 -11.872 11.348  1.00 40.82  ? 6216 U   B C2    1 
ATOM   908  O  O2    . U   B 2 14 ? -10.663 -12.737 11.414  1.00 40.47  ? 6216 U   B O2    1 
ATOM   909  N  N3    . U   B 2 14 ? -11.349 -10.629 11.900  1.00 38.23  ? 6216 U   B N3    1 
ATOM   910  C  C4    . U   B 2 14 ? -12.260 -9.596  11.901  1.00 37.94  ? 6216 U   B C4    1 
ATOM   911  O  O4    . U   B 2 14 ? -11.951 -8.525  12.421  1.00 37.84  ? 6216 U   B O4    1 
ATOM   912  C  C5    . U   B 2 14 ? -13.505 -9.889  11.266  1.00 38.49  ? 6216 U   B C5    1 
ATOM   913  C  C6    . U   B 2 14 ? -13.696 -11.089 10.710  1.00 40.96  ? 6216 U   B C6    1 
HETATM 914  IR IR    . IRI C 3 .  ? 12.227  3.711   -8.436  1.00 85.65  ? 1    IRI A IR    1 
HETATM 915  N  N1    . IRI C 3 .  ? 14.334  3.111   -8.988  1.00 85.04  ? 1    IRI A N1    1 
HETATM 916  N  N2    . IRI C 3 .  ? 11.491  3.168   -10.478 1.00 84.06  ? 1    IRI A N2    1 
HETATM 917  N  N3    . IRI C 3 .  ? 10.151  4.363   -7.787  1.00 84.63  ? 1    IRI A N3    1 
HETATM 918  N  N4    . IRI C 3 .  ? 12.945  4.249   -6.364  1.00 83.59  ? 1    IRI A N4    1 
HETATM 919  N  N5    . IRI C 3 .  ? 12.677  5.820   -9.121  1.00 84.85  ? 1    IRI A N5    1 
HETATM 920  N  N6    . IRI C 3 .  ? 11.767  1.625   -7.722  1.00 84.59  ? 1    IRI A N6    1 
HETATM 921  IR IR    . IRI D 3 .  ? 3.026   -11.607 5.517   1.00 49.71  ? 2    IRI A IR    1 
HETATM 922  N  N1    . IRI D 3 .  ? 2.075   -13.061 6.949   1.00 47.64  ? 2    IRI A N1    1 
HETATM 923  N  N2    . IRI D 3 .  ? 1.092   -10.496 5.503   1.00 47.71  ? 2    IRI A N2    1 
HETATM 924  N  N3    . IRI D 3 .  ? 3.871   -10.036 4.116   1.00 47.75  ? 2    IRI A N3    1 
HETATM 925  N  N4    . IRI D 3 .  ? 4.944   -12.763 5.480   1.00 47.44  ? 2    IRI A N4    1 
HETATM 926  N  N5    . IRI D 3 .  ? 3.701   -10.388 7.274   1.00 47.04  ? 2    IRI A N5    1 
HETATM 927  N  N6    . IRI D 3 .  ? 2.294   -12.781 3.749   1.00 48.07  ? 2    IRI A N6    1 
HETATM 928  IR IR    . IRI E 3 .  ? 0.063   -5.820  -0.686  1.00 190.17 ? 3    IRI A IR    1 
HETATM 929  N  N1    . IRI E 3 .  ? 1.393   -5.773  1.035   1.00 190.05 ? 3    IRI A N1    1 
HETATM 930  N  N2    . IRI E 3 .  ? -0.929  -5.366  -2.496  1.00 189.82 ? 3    IRI A N2    1 
HETATM 931  N  N3    . IRI E 3 .  ? -1.243  -4.329  0.165   1.00 189.99 ? 3    IRI A N3    1 
HETATM 932  N  N4    . IRI E 3 .  ? 1.734   -6.816  -1.580  1.00 189.98 ? 3    IRI A N4    1 
HETATM 933  N  N5    . IRI E 3 .  ? 1.299   -3.940  -1.239  1.00 189.91 ? 3    IRI A N5    1 
HETATM 934  N  N6    . IRI E 3 .  ? -0.957  -7.396  -0.160  1.00 190.08 ? 3    IRI A N6    1 
HETATM 935  P  P     . PO4 F 4 .  ? -16.909 -15.439 11.973  1.00 72.90  ? 6217 PO4 B P     1 
HETATM 936  O  O1    . PO4 F 4 .  ? -18.005 -14.392 11.479  1.00 71.66  ? 6217 PO4 B O1    1 
HETATM 937  O  O3    . PO4 F 4 .  ? -16.269 -14.893 13.209  1.00 72.70  ? 6217 PO4 B O3    1 
HETATM 938  O  O4    . PO4 F 4 .  ? -17.536 -16.794 11.990  1.00 72.78  ? 6217 PO4 B O4    1 
HETATM 939  O  O     . HOH G 5 .  ? 9.569   -2.194  4.912   1.00 40.82  ? 6203 HOH A O     1 
HETATM 940  O  O     . HOH G 5 .  ? 3.562   -7.423  12.120  1.00 32.10  ? 6204 HOH A O     1 
HETATM 941  O  O     . HOH G 5 .  ? 6.609   -0.655  6.821   1.00 44.82  ? 6205 HOH A O     1 
HETATM 942  O  O     . HOH G 5 .  ? 1.795   0.008   12.058  1.00 34.10  ? 6206 HOH A O     1 
HETATM 943  O  O     . HOH G 5 .  ? -3.616  -7.006  6.993   1.00 26.49  ? 6207 HOH A O     1 
HETATM 944  O  O     . HOH G 5 .  ? -5.318  -6.676  9.421   1.00 29.57  ? 6208 HOH A O     1 
HETATM 945  O  O     . HOH G 5 .  ? 8.259   0.522   4.950   1.00 46.46  ? 6209 HOH A O     1 
HETATM 946  O  O     . HOH G 5 .  ? 6.245   -9.388  9.865   1.00 46.82  ? 6210 HOH A O     1 
HETATM 947  O  O     . HOH G 5 .  ? 2.924   -7.421  2.965   1.00 39.59  ? 6211 HOH A O     1 
HETATM 948  O  O     . HOH G 5 .  ? -2.083  -5.407  3.683   1.00 41.33  ? 6212 HOH A O     1 
HETATM 949  O  O     . HOH G 5 .  ? -5.905  -5.543  16.725  1.00 47.54  ? 6213 HOH A O     1 
HETATM 950  O  O     . HOH G 5 .  ? -0.290  -1.550  6.378   1.00 41.08  ? 6214 HOH A O     1 
HETATM 951  O  O     . HOH G 5 .  ? 7.441   -12.402 7.838   1.00 42.56  ? 6215 HOH A O     1 
HETATM 952  O  O     . HOH G 5 .  ? -6.127  -14.298 14.095  1.00 48.25  ? 6216 HOH A O     1 
HETATM 953  O  O     . HOH G 5 .  ? 3.607   -10.395 11.933  1.00 44.87  ? 6217 HOH A O     1 
HETATM 954  O  O     . HOH G 5 .  ? 9.229   -11.700 -0.106  1.00 47.21  ? 6218 HOH A O     1 
HETATM 955  O  O     . HOH G 5 .  ? 7.774   5.559   5.067   1.00 42.44  ? 6219 HOH A O     1 
HETATM 956  O  O     . HOH G 5 .  ? -3.592  -15.500 13.854  1.00 45.83  ? 6220 HOH A O     1 
HETATM 957  O  O     . HOH G 5 .  ? -0.591  -7.310  5.076   1.00 47.37  ? 6221 HOH A O     1 
HETATM 958  O  O     . HOH G 5 .  ? 1.718   -14.887 1.018   1.00 41.15  ? 6222 HOH A O     1 
HETATM 959  O  O     . HOH G 5 .  ? 4.298   -6.922  15.534  1.00 52.56  ? 6223 HOH A O     1 
HETATM 960  O  O     . HOH G 5 .  ? 0.610   -7.497  -6.839  1.00 40.57  ? 6224 HOH A O     1 
HETATM 961  O  O     . HOH G 5 .  ? -5.323  -4.878  14.085  1.00 49.58  ? 6225 HOH A O     1 
HETATM 962  O  O     . HOH G 5 .  ? 8.248   -2.735  13.437  1.00 46.45  ? 6226 HOH A O     1 
HETATM 963  O  O     . HOH G 5 .  ? 3.331   2.874   -16.893 1.00 48.86  ? 6227 HOH A O     1 
HETATM 964  O  O     . HOH G 5 .  ? -11.527 -5.929  1.707   1.00 33.22  ? 6228 HOH A O     1 
HETATM 965  O  O     . HOH G 5 .  ? 10.157  -4.673  3.921   1.00 41.53  ? 6229 HOH A O     1 
HETATM 966  O  O     . HOH G 5 .  ? 5.250   -11.878 10.408  1.00 46.14  ? 6230 HOH A O     1 
HETATM 967  O  O     . HOH G 5 .  ? 10.328  -13.383 3.833   1.00 52.33  ? 6231 HOH A O     1 
HETATM 968  O  O     . HOH G 5 .  ? 11.682  9.919   -22.684 1.00 94.44  ? 6232 HOH A O     1 
HETATM 969  O  O     . HOH G 5 .  ? -10.391 -6.092  -0.794  1.00 55.77  ? 6233 HOH A O     1 
HETATM 970  O  O     . HOH G 5 .  ? -10.265 -11.567 3.282   1.00 57.49  ? 6234 HOH A O     1 
HETATM 971  O  O     . HOH G 5 .  ? 5.433   -4.749  14.317  1.00 56.65  ? 6235 HOH A O     1 
HETATM 972  O  O     . HOH G 5 .  ? 1.457   -7.830  14.117  1.00 53.25  ? 6236 HOH A O     1 
HETATM 973  O  O     . HOH G 5 .  ? 15.103  15.429  -7.759  1.00 52.67  ? 6237 HOH A O     1 
HETATM 974  O  O     . HOH G 5 .  ? -2.334  -9.238  5.631   1.00 60.73  ? 6238 HOH A O     1 
HETATM 975  O  O     . HOH G 5 .  ? 4.012   -2.200  -15.671 1.00 51.40  ? 6239 HOH A O     1 
HETATM 976  O  O     . HOH G 5 .  ? 9.011   -2.949  10.814  1.00 46.65  ? 6240 HOH A O     1 
HETATM 977  O  O     . HOH G 5 .  ? -8.325  0.377   -2.231  1.00 51.66  ? 6241 HOH A O     1 
HETATM 978  O  O     . HOH G 5 .  ? 15.458  -0.840  -11.970 1.00 65.40  ? 6242 HOH A O     1 
HETATM 979  O  O     . HOH G 5 .  ? 5.216   9.515   -15.153 1.00 49.65  ? 6243 HOH A O     1 
HETATM 980  O  O     . HOH G 5 .  ? 11.488  -6.571  -0.118  1.00 51.72  ? 6244 HOH A O     1 
HETATM 981  O  O     . HOH G 5 .  ? 7.305   13.222  -13.605 1.00 53.46  ? 6245 HOH A O     1 
HETATM 982  O  O     . HOH G 5 .  ? 10.966  -3.898  1.227   1.00 49.94  ? 6246 HOH A O     1 
HETATM 983  O  O     . HOH G 5 .  ? 13.946  3.719   -19.177 1.00 69.16  ? 6247 HOH A O     1 
HETATM 984  O  O     . HOH G 5 .  ? 0.590   -15.407 9.049   1.00 49.27  ? 6248 HOH A O     1 
HETATM 985  O  O     . HOH G 5 .  ? 8.805   -9.193  -7.412  1.00 63.02  ? 6249 HOH A O     1 
HETATM 986  O  O     . HOH G 5 .  ? -9.880  -14.065 7.514   1.00 62.07  ? 6250 HOH A O     1 
HETATM 987  O  O     . HOH G 5 .  ? 11.725  -18.129 -0.309  1.00 54.91  ? 6251 HOH A O     1 
HETATM 988  O  O     . HOH G 5 .  ? 15.200  8.472   -16.951 1.00 76.25  ? 6252 HOH A O     1 
HETATM 989  O  O     . HOH G 5 .  ? 3.269   -8.534  0.475   1.00 58.31  ? 6253 HOH A O     1 
HETATM 990  O  O     . HOH G 5 .  ? 8.174   -13.771 5.566   1.00 56.27  ? 6254 HOH A O     1 
HETATM 991  O  O     . HOH G 5 .  ? 0.738   -9.122  2.878   1.00 62.35  ? 6255 HOH A O     1 
HETATM 992  O  O     . HOH G 5 .  ? -0.537  -12.696 3.909   1.00 65.04  ? 6256 HOH A O     1 
HETATM 993  O  O     . HOH G 5 .  ? 4.798   -13.443 8.294   1.00 54.25  ? 6257 HOH A O     1 
HETATM 994  O  O     . HOH G 5 .  ? 5.146   -17.137 5.442   1.00 49.17  ? 6258 HOH A O     1 
HETATM 995  O  O     . HOH G 5 .  ? -0.828  -10.773 -7.637  1.00 68.08  ? 6259 HOH A O     1 
HETATM 996  O  O     . HOH G 5 .  ? 12.537  15.354  -8.612  1.00 68.92  ? 6260 HOH A O     1 
HETATM 997  O  O     . HOH G 5 .  ? 7.315   11.251  -15.797 1.00 64.82  ? 6261 HOH A O     1 
HETATM 998  O  O     . HOH G 5 .  ? -7.253  -15.192 8.323   1.00 46.45  ? 6262 HOH A O     1 
HETATM 999  O  O     . HOH G 5 .  ? 1.211   -4.600  -4.934  1.00 49.44  ? 6263 HOH A O     1 
HETATM 1000 O  O     . HOH G 5 .  ? 14.920  -7.031  -4.561  1.00 51.74  ? 6264 HOH A O     1 
HETATM 1001 O  O     . HOH G 5 .  ? -8.278  -6.088  15.431  1.00 54.41  ? 6265 HOH A O     1 
HETATM 1002 O  O     . HOH G 5 .  ? 3.571   -15.198 -3.721  1.00 57.78  ? 6266 HOH A O     1 
HETATM 1003 O  O     . HOH G 5 .  ? 2.642   -15.937 3.683   1.00 64.65  ? 6267 HOH A O     1 
HETATM 1004 O  O     . HOH G 5 .  ? 11.735  -9.637  5.374   1.00 45.86  ? 6268 HOH A O     1 
HETATM 1005 O  O     . HOH G 5 .  ? 1.701   2.096   -2.539  1.00 48.63  ? 6269 HOH A O     1 
HETATM 1006 O  O     . HOH G 5 .  ? 6.050   7.349   -20.237 1.00 59.42  ? 6270 HOH A O     1 
HETATM 1007 O  O     . HOH G 5 .  ? 6.730   10.323  -20.613 1.00 83.79  ? 6271 HOH A O     1 
HETATM 1008 O  O     . HOH G 5 .  ? 4.662   9.735   -3.360  1.00 62.18  ? 6272 HOH A O     1 
HETATM 1009 O  O     . HOH G 5 .  ? 17.374  -6.438  -15.818 1.00 60.99  ? 6273 HOH A O     1 
HETATM 1010 O  O     . HOH G 5 .  ? -5.771  1.831   -5.793  1.00 47.33  ? 6274 HOH A O     1 
HETATM 1011 O  O     . HOH G 5 .  ? 12.202  0.592   -5.109  1.00 63.42  ? 6275 HOH A O     1 
HETATM 1012 O  O     . HOH G 5 .  ? 15.396  6.284   -9.457  1.00 72.48  ? 6276 HOH A O     1 
HETATM 1013 O  O     . HOH G 5 .  ? 9.825   -11.267 -3.978  1.00 47.62  ? 6277 HOH A O     1 
HETATM 1014 O  O     . HOH G 5 .  ? 0.362   8.560   0.995   1.00 66.50  ? 6278 HOH A O     1 
HETATM 1015 O  O     . HOH G 5 .  ? 1.612   4.826   -4.835  1.00 60.74  ? 6279 HOH A O     1 
HETATM 1016 O  O     . HOH G 5 .  ? -2.892  6.377   -3.706  1.00 46.51  ? 6280 HOH A O     1 
HETATM 1017 O  O     . HOH G 5 .  ? 8.065   -3.684  -14.891 1.00 60.91  ? 6281 HOH A O     1 
HETATM 1018 O  O     . HOH G 5 .  ? 10.566  0.332   14.126  1.00 60.83  ? 6282 HOH A O     1 
HETATM 1019 O  O     . HOH G 5 .  ? 0.161   -3.090  -8.424  1.00 61.01  ? 6283 HOH A O     1 
HETATM 1020 O  O     . HOH G 5 .  ? 2.514   -11.146 15.063  1.00 55.50  ? 6284 HOH A O     1 
HETATM 1021 O  O     . HOH G 5 .  ? 1.323   -1.481  -3.055  1.00 64.55  ? 6285 HOH A O     1 
HETATM 1022 O  O     . HOH G 5 .  ? -2.071  -4.756  -9.101  1.00 60.53  ? 6286 HOH A O     1 
HETATM 1023 O  O     . HOH G 5 .  ? 8.970   14.014  -11.498 1.00 72.14  ? 6287 HOH A O     1 
HETATM 1024 O  O     . HOH G 5 .  ? -7.327  2.234   -0.428  1.00 100.53 ? 6288 HOH A O     1 
HETATM 1025 O  O     . HOH G 5 .  ? -2.999  -4.633  -11.720 1.00 63.28  ? 6289 HOH A O     1 
HETATM 1026 O  O     . HOH G 5 .  ? -7.605  -5.234  11.988  1.00 51.70  ? 6290 HOH A O     1 
HETATM 1027 O  O     . HOH G 5 .  ? -2.955  -4.185  8.046   1.00 43.54  ? 6291 HOH A O     1 
HETATM 1028 O  O     . HOH G 5 .  ? 5.894   -4.574  17.753  1.00 66.38  ? 6292 HOH A O     1 
HETATM 1029 O  O     . HOH H 5 .  ? -8.981  11.980  -7.396  1.00 59.09  ? 6223 HOH B O     1 
HETATM 1030 O  O     . HOH H 5 .  ? -11.167 13.723  7.734   1.00 50.54  ? 6224 HOH B O     1 
HETATM 1031 O  O     . HOH H 5 .  ? -2.109  -1.710  9.326   1.00 42.08  ? 6225 HOH B O     1 
HETATM 1032 O  O     . HOH H 5 .  ? -8.373  4.253   3.804   1.00 40.94  ? 6226 HOH B O     1 
HETATM 1033 O  O     . HOH H 5 .  ? -7.344  -1.425  9.708   1.00 46.27  ? 6227 HOH B O     1 
HETATM 1034 O  O     . HOH H 5 .  ? -12.784 9.304   3.555   1.00 42.59  ? 6228 HOH B O     1 
HETATM 1035 O  O     . HOH H 5 .  ? -11.441 -11.761 5.815   1.00 47.91  ? 6229 HOH B O     1 
HETATM 1036 O  O     . HOH H 5 .  ? -5.436  -3.371  9.048   1.00 47.82  ? 6230 HOH B O     1 
HETATM 1037 O  O     . HOH H 5 .  ? 3.790   9.161   7.830   1.00 42.40  ? 6231 HOH B O     1 
HETATM 1038 O  O     . HOH H 5 .  ? -1.466  9.977   2.321   1.00 45.50  ? 6232 HOH B O     1 
HETATM 1039 O  O     . HOH H 5 .  ? -11.455 17.566  2.253   1.00 45.88  ? 6233 HOH B O     1 
HETATM 1040 O  O     . HOH H 5 .  ? -8.852  18.001  1.021   1.00 51.26  ? 6234 HOH B O     1 
HETATM 1041 O  O     . HOH H 5 .  ? -7.642  1.994   2.518   1.00 46.64  ? 6235 HOH B O     1 
HETATM 1042 O  O     . HOH H 5 .  ? -15.514 -12.357 13.474  1.00 47.25  ? 6236 HOH B O     1 
HETATM 1043 O  O     . HOH H 5 .  ? -19.250 10.760  -3.460  1.00 58.57  ? 6237 HOH B O     1 
HETATM 1044 O  O     . HOH H 5 .  ? -3.191  7.670   9.440   1.00 107.46 ? 6238 HOH B O     1 
HETATM 1045 O  O     . HOH H 5 .  ? -6.724  14.963  6.623   1.00 52.32  ? 6239 HOH B O     1 
HETATM 1046 O  O     . HOH H 5 .  ? -13.576 -6.737  13.477  1.00 59.92  ? 6240 HOH B O     1 
HETATM 1047 O  O     . HOH H 5 .  ? -14.711 2.507   10.034  1.00 58.97  ? 6241 HOH B O     1 
HETATM 1048 O  O     . HOH H 5 .  ? 4.647   3.732   11.166  1.00 60.06  ? 6242 HOH B O     1 
HETATM 1049 O  O     . HOH H 5 .  ? -23.950 6.847   -0.043  1.00 70.86  ? 6243 HOH B O     1 
HETATM 1050 O  O     . HOH H 5 .  ? -5.915  8.129   8.587   1.00 54.64  ? 6244 HOH B O     1 
HETATM 1051 O  O     . HOH H 5 .  ? 1.424   11.871  9.106   1.00 56.01  ? 6245 HOH B O     1 
HETATM 1052 O  O     . HOH H 5 .  ? -16.645 -9.772  13.499  1.00 52.52  ? 6246 HOH B O     1 
HETATM 1053 O  O     . HOH H 5 .  ? -14.312 14.826  6.512   1.00 56.82  ? 6247 HOH B O     1 
HETATM 1054 O  O     . HOH H 5 .  ? 5.608   -0.195  12.784  1.00 52.88  ? 6248 HOH B O     1 
HETATM 1055 O  O     . HOH H 5 .  ? 1.353   5.898   14.890  1.00 88.39  ? 6249 HOH B O     1 
HETATM 1056 O  O     . HOH H 5 .  ? -9.194  -2.776  11.172  1.00 49.44  ? 6250 HOH B O     1 
HETATM 1057 O  O     . HOH H 5 .  ? -11.289 9.947   -6.515  1.00 49.86  ? 6251 HOH B O     1 
HETATM 1058 O  O     . HOH H 5 .  ? -14.668 -16.925 13.785  1.00 82.22  ? 6252 HOH B O     1 
HETATM 1059 O  O     . HOH H 5 .  ? -3.313  7.671   13.211  1.00 56.48  ? 6253 HOH B O     1 
HETATM 1060 O  O     . HOH H 5 .  ? -11.320 -1.893  1.525   1.00 56.64  ? 6254 HOH B O     1 
HETATM 1061 O  O     . HOH H 5 .  ? -10.137 8.684   2.192   1.00 59.22  ? 6255 HOH B O     1 
HETATM 1062 O  O     . HOH H 5 .  ? -3.979  10.689  0.480   1.00 58.86  ? 6256 HOH B O     1 
HETATM 1063 O  O     . HOH H 5 .  ? -14.427 -1.038  2.354   1.00 63.16  ? 6257 HOH B O     1 
HETATM 1064 O  O     . HOH H 5 .  ? 2.381   7.865   2.633   1.00 90.74  ? 6258 HOH B O     1 
HETATM 1065 O  O     . HOH H 5 .  ? -7.134  4.804   13.991  1.00 87.49  ? 6259 HOH B O     1 
HETATM 1066 O  O     . HOH H 5 .  ? -16.702 -6.031  10.625  1.00 78.43  ? 6260 HOH B O     1 
HETATM 1067 O  O     . HOH H 5 .  ? -11.072 -0.297  10.132  1.00 61.35  ? 6261 HOH B O     1 
HETATM 1068 O  O     . HOH H 5 .  ? -2.691  11.861  -1.883  1.00 63.45  ? 6262 HOH B O     1 
HETATM 1069 O  O     . HOH H 5 .  ? -1.124  3.757   15.890  1.00 61.92  ? 6263 HOH B O     1 
HETATM 1070 O  O     . HOH H 5 .  ? -8.963  2.932   13.062  1.00 75.06  ? 6264 HOH B O     1 
HETATM 1071 O  O     . HOH H 5 .  ? -11.342 5.666   4.245   1.00 60.12  ? 6265 HOH B O     1 
HETATM 1072 O  O     . HOH H 5 .  ? -16.959 4.555   -3.050  1.00 62.20  ? 6266 HOH B O     1 
HETATM 1073 O  O     . HOH H 5 .  ? -13.226 -13.796 6.198   1.00 66.40  ? 6267 HOH B O     1 
HETATM 1074 O  O     . HOH H 5 .  ? -8.586  8.889   8.786   1.00 62.26  ? 6268 HOH B O     1 
HETATM 1075 O  O     . HOH H 5 .  ? -5.704  5.546   -1.857  1.00 54.47  ? 6269 HOH B O     1 
HETATM 1076 O  O     . HOH H 5 .  ? -7.510  10.602  -3.963  1.00 70.12  ? 6270 HOH B O     1 
HETATM 1077 O  O     . HOH H 5 .  ? -17.873 16.497  -0.361  1.00 60.04  ? 6271 HOH B O     1 
HETATM 1078 O  O     . HOH H 5 .  ? 1.185   9.308   14.542  1.00 65.04  ? 6272 HOH B O     1 
HETATM 1079 O  O     . HOH H 5 .  ? -9.073  17.916  3.926   1.00 49.76  ? 6273 HOH B O     1 
HETATM 1080 O  O     . HOH H 5 .  ? -9.638  6.856   6.860   1.00 56.26  ? 6274 HOH B O     1 
HETATM 1081 O  O     . HOH H 5 .  ? -12.941 1.975   12.000  1.00 60.52  ? 6275 HOH B O     1 
HETATM 1082 O  O     . HOH H 5 .  ? -2.459  -0.258  14.082  1.00 51.93  ? 6276 HOH B O     1 
HETATM 1083 O  O     . HOH H 5 .  ? -13.881 17.052  3.544   1.00 60.15  ? 6277 HOH B O     1 
HETATM 1084 O  O     . HOH H 5 .  ? -2.118  8.671   -0.247  1.00 61.73  ? 6278 HOH B O     1 
# 
